data_7KG2
#
_entry.id   7KG2
#
_cell.length_a   84.780
_cell.length_b   230.740
_cell.length_c   202.200
_cell.angle_alpha   90.000
_cell.angle_beta   90.000
_cell.angle_gamma   90.000
#
_symmetry.space_group_name_H-M   'C 2 2 21'
#
loop_
_entity.id
_entity.type
_entity.pdbx_description
1 polymer '4-hydroxy-tetrahydrodipicolinate synthase'
2 non-polymer 1,2-ETHANEDIOL
3 non-polymer 'MAGNESIUM ION'
4 non-polymer 'ACETATE ION'
5 non-polymer 'TRIETHYLENE GLYCOL'
6 non-polymer HISTIDINE
7 non-polymer 'TETRAETHYLENE GLYCOL'
8 non-polymer DI(HYDROXYETHYL)ETHER
9 water water
#
_entity_poly.entity_id   1
_entity_poly.type   'polypeptide(L)'
_entity_poly.pdbx_seq_one_letter_code
;MRGSHHHHHHGSMDKNIIIGAMTALITPFKNGKVDEQSYARLIKRQIENGIDAVVPVGTTGESATLTHEEKRTCIEIAVE
TCKGTKVKVLAGAGSNATHEAVGLAKFAKEHGADGILSVAPYYNKPTQQGLYEHYKAIAQSVDIPVLLYNVPGRTGCEIS
TDTIIKLFRDCENIYGV(KPI)EASGNIDKCVDLLAHEPRMMLISGEDAINYPILSNGGKGVISVTSNLLPDMISALTHF
ALDENYKEAKKINDELYNINKILFCESNPIPIKTAMYLAGLIESLEFRLPLCSPSKENFAKIEEVMKKYKIKGF
;
_entity_poly.pdbx_strand_id   A,B,C,D,E,F
#
loop_
_chem_comp.id
_chem_comp.type
_chem_comp.name
_chem_comp.formula
ACT non-polymer 'ACETATE ION' 'C2 H3 O2 -1'
EDO non-polymer 1,2-ETHANEDIOL 'C2 H6 O2'
MG non-polymer 'MAGNESIUM ION' 'Mg 2'
PEG non-polymer DI(HYDROXYETHYL)ETHER 'C4 H10 O3'
PG4 non-polymer 'TETRAETHYLENE GLYCOL' 'C8 H18 O5'
PGE non-polymer 'TRIETHYLENE GLYCOL' 'C6 H14 O4'
#
# COMPACT_ATOMS: atom_id res chain seq x y z
N LYS A 15 4.11 -24.06 46.28
CA LYS A 15 3.00 -23.73 45.38
C LYS A 15 1.95 -24.84 45.29
N ASN A 16 0.67 -24.46 45.20
CA ASN A 16 -0.41 -25.40 44.91
C ASN A 16 -0.38 -25.75 43.42
N ILE A 17 -0.53 -27.04 43.08
CA ILE A 17 -0.31 -27.44 41.71
C ILE A 17 -1.41 -28.36 41.23
N ILE A 18 -1.53 -28.45 39.90
CA ILE A 18 -2.39 -29.41 39.26
C ILE A 18 -1.52 -30.05 38.18
N ILE A 19 -1.19 -31.34 38.37
CA ILE A 19 -0.25 -32.05 37.49
C ILE A 19 -0.82 -33.41 37.14
N GLY A 20 0.01 -34.30 36.59
CA GLY A 20 -0.45 -35.63 36.21
C GLY A 20 -1.04 -35.73 34.81
N ALA A 21 -1.82 -36.78 34.62
CA ALA A 21 -2.43 -37.01 33.31
C ALA A 21 -3.70 -36.20 33.18
N MET A 22 -3.77 -35.31 32.18
CA MET A 22 -4.92 -34.42 32.03
C MET A 22 -5.44 -34.41 30.61
N THR A 23 -6.74 -34.14 30.47
CA THR A 23 -7.40 -34.18 29.17
C THR A 23 -7.97 -32.80 28.80
N ALA A 24 -7.58 -32.31 27.62
CA ALA A 24 -8.23 -31.14 27.03
C ALA A 24 -9.54 -31.62 26.44
N LEU A 25 -10.66 -31.39 27.14
CA LEU A 25 -11.94 -31.99 26.76
C LEU A 25 -12.50 -31.44 25.43
N ILE A 26 -12.91 -32.34 24.52
CA ILE A 26 -13.76 -31.84 23.43
C ILE A 26 -15.08 -31.30 23.97
N THR A 27 -15.71 -30.43 23.18
CA THR A 27 -17.04 -29.94 23.54
C THR A 27 -18.01 -30.49 22.49
N PRO A 28 -18.80 -31.53 22.82
CA PRO A 28 -19.75 -32.08 21.84
C PRO A 28 -20.92 -31.12 21.63
N PHE A 29 -21.33 -30.97 20.37
CA PHE A 29 -22.51 -30.23 19.99
C PHE A 29 -23.55 -31.19 19.46
N LYS A 30 -24.80 -30.85 19.73
CA LYS A 30 -25.95 -31.52 19.16
C LYS A 30 -26.96 -30.48 18.71
N ASN A 31 -27.35 -30.53 17.42
CA ASN A 31 -28.15 -29.48 16.77
C ASN A 31 -27.72 -28.09 17.22
N GLY A 32 -26.42 -27.85 17.10
CA GLY A 32 -25.86 -26.54 17.34
C GLY A 32 -25.70 -26.14 18.78
N LYS A 33 -26.07 -26.97 19.75
CA LYS A 33 -25.99 -26.62 21.17
C LYS A 33 -25.08 -27.60 21.90
N VAL A 34 -24.49 -27.13 23.01
CA VAL A 34 -23.65 -27.99 23.84
C VAL A 34 -24.51 -29.14 24.33
N ASP A 35 -24.06 -30.37 24.06
CA ASP A 35 -24.71 -31.59 24.52
C ASP A 35 -24.25 -31.82 25.95
N GLU A 36 -25.03 -31.30 26.88
CA GLU A 36 -24.64 -31.32 28.29
C GLU A 36 -24.57 -32.73 28.84
N GLN A 37 -25.55 -33.61 28.51
CA GLN A 37 -25.40 -34.99 29.00
C GLN A 37 -24.16 -35.65 28.44
N SER A 38 -23.95 -35.51 27.13
CA SER A 38 -22.75 -36.07 26.51
C SER A 38 -21.50 -35.53 27.21
N TYR A 39 -21.47 -34.23 27.50
CA TYR A 39 -20.31 -33.68 28.16
C TYR A 39 -20.06 -34.36 29.50
N ALA A 40 -21.11 -34.54 30.32
CA ALA A 40 -20.92 -35.17 31.63
C ALA A 40 -20.44 -36.61 31.49
N ARG A 41 -21.05 -37.35 30.58
CA ARG A 41 -20.64 -38.72 30.34
C ARG A 41 -19.20 -38.87 29.90
N LEU A 42 -18.75 -37.97 29.03
CA LEU A 42 -17.38 -38.04 28.59
C LEU A 42 -16.44 -37.77 29.74
N ILE A 43 -16.83 -36.86 30.66
CA ILE A 43 -15.95 -36.58 31.77
C ILE A 43 -15.89 -37.79 32.72
N LYS A 44 -17.03 -38.42 32.96
CA LYS A 44 -17.03 -39.65 33.77
C LYS A 44 -16.13 -40.72 33.15
N ARG A 45 -16.21 -40.88 31.83
CA ARG A 45 -15.34 -41.84 31.16
C ARG A 45 -13.87 -41.52 31.43
N GLN A 46 -13.50 -40.24 31.39
CA GLN A 46 -12.12 -39.87 31.69
C GLN A 46 -11.76 -40.23 33.13
N ILE A 47 -12.64 -39.89 34.07
CA ILE A 47 -12.38 -40.20 35.49
C ILE A 47 -12.15 -41.69 35.67
N GLU A 48 -13.04 -42.48 35.05
CA GLU A 48 -12.98 -43.92 35.24
C GLU A 48 -11.76 -44.55 34.59
N ASN A 49 -11.05 -43.82 33.71
CA ASN A 49 -9.86 -44.39 33.08
C ASN A 49 -8.56 -43.78 33.60
N GLY A 50 -8.55 -43.23 34.80
CA GLY A 50 -7.31 -42.86 35.45
C GLY A 50 -6.80 -41.43 35.21
N ILE A 51 -7.59 -40.55 34.59
CA ILE A 51 -7.13 -39.18 34.37
C ILE A 51 -7.12 -38.42 35.68
N ASP A 52 -6.13 -37.54 35.89
CA ASP A 52 -5.98 -36.77 37.14
C ASP A 52 -6.64 -35.40 37.08
N ALA A 53 -6.84 -34.84 35.89
CA ALA A 53 -7.52 -33.56 35.79
C ALA A 53 -8.14 -33.45 34.40
N VAL A 54 -9.22 -32.68 34.29
CA VAL A 54 -9.85 -32.36 33.00
C VAL A 54 -9.80 -30.86 32.80
N VAL A 55 -9.61 -30.43 31.53
CA VAL A 55 -9.52 -29.03 31.11
C VAL A 55 -10.76 -28.73 30.28
N PRO A 56 -11.83 -28.21 30.87
CA PRO A 56 -12.97 -27.77 30.06
C PRO A 56 -12.64 -26.46 29.35
N VAL A 57 -13.22 -26.30 28.15
CA VAL A 57 -13.16 -25.07 27.35
C VAL A 57 -11.71 -24.56 27.20
N GLY A 58 -10.83 -25.46 26.80
CA GLY A 58 -9.52 -25.12 26.27
C GLY A 58 -9.63 -25.04 24.76
N THR A 59 -8.47 -25.05 24.09
CA THR A 59 -8.46 -25.04 22.62
C THR A 59 -9.26 -26.19 22.04
N THR A 60 -8.98 -27.39 22.57
CA THR A 60 -9.60 -28.62 22.09
C THR A 60 -11.09 -28.58 22.33
N GLY A 61 -11.53 -27.78 23.28
CA GLY A 61 -12.91 -27.55 23.62
C GLY A 61 -13.59 -26.44 22.84
N GLU A 62 -12.92 -25.86 21.85
CA GLU A 62 -13.47 -24.79 21.00
C GLU A 62 -13.85 -23.55 21.82
N SER A 63 -12.99 -23.22 22.78
CA SER A 63 -13.15 -22.02 23.59
C SER A 63 -13.51 -20.79 22.75
N ALA A 64 -12.86 -20.61 21.59
CA ALA A 64 -13.02 -19.34 20.86
C ALA A 64 -14.45 -19.08 20.41
N THR A 65 -15.23 -20.13 20.25
CA THR A 65 -16.56 -19.97 19.65
C THR A 65 -17.68 -20.26 20.64
N LEU A 66 -17.37 -20.56 21.89
CA LEU A 66 -18.44 -20.73 22.88
C LEU A 66 -18.85 -19.38 23.47
N THR A 67 -20.16 -19.22 23.75
CA THR A 67 -20.66 -18.05 24.48
C THR A 67 -20.27 -18.13 25.98
N HIS A 68 -20.38 -16.99 26.68
CA HIS A 68 -20.07 -16.95 28.11
C HIS A 68 -20.91 -17.96 28.87
N GLU A 69 -22.19 -18.04 28.51
CA GLU A 69 -23.18 -18.97 29.03
C GLU A 69 -22.83 -20.42 28.70
N GLU A 70 -22.31 -20.69 27.51
CA GLU A 70 -21.85 -22.05 27.22
C GLU A 70 -20.58 -22.40 28.02
N LYS A 71 -19.65 -21.45 28.17
CA LYS A 71 -18.45 -21.71 28.97
C LYS A 71 -18.83 -21.96 30.44
N ARG A 72 -19.76 -21.15 30.98
CA ARG A 72 -20.18 -21.36 32.37
C ARG A 72 -20.77 -22.75 32.56
N THR A 73 -21.62 -23.18 31.63
CA THR A 73 -22.24 -24.48 31.68
C THR A 73 -21.20 -25.59 31.66
N CYS A 74 -20.21 -25.48 30.76
CA CYS A 74 -19.20 -26.53 30.64
C CYS A 74 -18.37 -26.62 31.90
N ILE A 75 -17.97 -25.49 32.47
CA ILE A 75 -17.14 -25.54 33.67
C ILE A 75 -17.94 -26.12 34.82
N GLU A 76 -19.20 -25.71 34.94
CA GLU A 76 -20.01 -26.19 36.05
C GLU A 76 -20.24 -27.68 35.93
N ILE A 77 -20.47 -28.18 34.72
CA ILE A 77 -20.60 -29.62 34.55
C ILE A 77 -19.30 -30.33 34.91
N ALA A 78 -18.14 -29.79 34.49
CA ALA A 78 -16.88 -30.44 34.87
C ALA A 78 -16.74 -30.45 36.40
N VAL A 79 -16.98 -29.31 37.06
CA VAL A 79 -16.83 -29.24 38.52
C VAL A 79 -17.77 -30.20 39.23
N GLU A 80 -19.02 -30.26 38.81
CA GLU A 80 -20.00 -31.13 39.45
C GLU A 80 -19.68 -32.59 39.22
N THR A 81 -19.23 -32.93 38.01
CA THR A 81 -18.91 -34.32 37.71
C THR A 81 -17.67 -34.80 38.45
N CYS A 82 -16.71 -33.91 38.76
CA CYS A 82 -15.48 -34.31 39.46
C CYS A 82 -15.62 -34.25 40.99
N LYS A 83 -16.73 -33.69 41.50
CA LYS A 83 -16.97 -33.64 42.94
C LYS A 83 -16.94 -35.05 43.51
N GLY A 84 -16.28 -35.21 44.65
CA GLY A 84 -16.20 -36.52 45.27
C GLY A 84 -15.21 -37.47 44.67
N THR A 85 -14.32 -37.02 43.76
CA THR A 85 -13.28 -37.86 43.20
C THR A 85 -11.93 -37.18 43.44
N LYS A 86 -10.85 -37.76 42.92
CA LYS A 86 -9.61 -37.04 43.11
C LYS A 86 -9.35 -36.11 41.93
N VAL A 87 -10.19 -36.15 40.91
CA VAL A 87 -9.91 -35.45 39.65
C VAL A 87 -10.14 -33.96 39.77
N LYS A 88 -9.16 -33.16 39.32
CA LYS A 88 -9.20 -31.70 39.39
C LYS A 88 -9.76 -31.10 38.09
N VAL A 89 -10.27 -29.87 38.21
CA VAL A 89 -10.80 -29.12 37.07
C VAL A 89 -9.88 -27.95 36.83
N LEU A 90 -9.21 -27.95 35.67
CA LEU A 90 -8.27 -26.88 35.31
C LEU A 90 -8.93 -26.17 34.13
N ALA A 91 -9.64 -25.07 34.41
CA ALA A 91 -10.51 -24.43 33.41
C ALA A 91 -9.69 -23.55 32.47
N GLY A 92 -9.94 -23.67 31.17
CA GLY A 92 -9.38 -22.71 30.23
C GLY A 92 -9.95 -21.34 30.54
N ALA A 93 -9.12 -20.31 30.65
CA ALA A 93 -9.62 -18.97 30.95
C ALA A 93 -8.79 -17.90 30.25
N GLY A 94 -8.06 -18.24 29.22
CA GLY A 94 -7.17 -17.26 28.62
C GLY A 94 -7.93 -16.30 27.71
N SER A 95 -7.29 -15.17 27.40
CA SER A 95 -7.79 -14.24 26.40
C SER A 95 -6.62 -13.37 25.93
N ASN A 96 -6.75 -12.79 24.74
CA ASN A 96 -5.73 -11.83 24.31
C ASN A 96 -5.97 -10.39 24.83
N ALA A 97 -7.03 -10.15 25.62
CA ALA A 97 -7.24 -8.87 26.30
C ALA A 97 -7.13 -9.13 27.81
N THR A 98 -6.22 -8.41 28.47
CA THR A 98 -5.89 -8.71 29.86
C THR A 98 -7.12 -8.56 30.76
N HIS A 99 -7.93 -7.50 30.54
CA HIS A 99 -9.15 -7.31 31.35
C HIS A 99 -10.10 -8.47 31.15
N GLU A 100 -10.17 -9.04 29.93
CA GLU A 100 -11.01 -10.20 29.72
C GLU A 100 -10.45 -11.45 30.38
N ALA A 101 -9.12 -11.63 30.31
CA ALA A 101 -8.51 -12.82 30.91
C ALA A 101 -8.66 -12.78 32.44
N VAL A 102 -8.52 -11.60 33.03
CA VAL A 102 -8.80 -11.42 34.46
C VAL A 102 -10.24 -11.80 34.76
N GLY A 103 -11.18 -11.32 33.91
CA GLY A 103 -12.58 -11.63 34.11
C GLY A 103 -12.85 -13.12 34.02
N LEU A 104 -12.24 -13.79 33.02
CA LEU A 104 -12.46 -15.22 32.84
C LEU A 104 -11.85 -16.02 33.98
N ALA A 105 -10.71 -15.57 34.52
CA ALA A 105 -10.10 -16.24 35.69
C ALA A 105 -11.00 -16.18 36.92
N LYS A 106 -11.48 -14.97 37.24
CA LYS A 106 -12.38 -14.81 38.37
C LYS A 106 -13.63 -15.65 38.20
N PHE A 107 -14.16 -15.65 36.97
CA PHE A 107 -15.32 -16.45 36.61
C PHE A 107 -15.09 -17.94 36.87
N ALA A 108 -13.96 -18.46 36.40
CA ALA A 108 -13.65 -19.88 36.61
C ALA A 108 -13.54 -20.18 38.09
N LYS A 109 -12.88 -19.32 38.85
CA LYS A 109 -12.75 -19.58 40.29
C LYS A 109 -14.11 -19.61 40.98
N GLU A 110 -14.95 -18.61 40.69
CA GLU A 110 -16.29 -18.52 41.28
C GLU A 110 -17.16 -19.71 40.94
N HIS A 111 -16.93 -20.38 39.81
CA HIS A 111 -17.72 -21.55 39.43
C HIS A 111 -17.09 -22.88 39.86
N GLY A 112 -16.13 -22.85 40.77
CA GLY A 112 -15.63 -24.07 41.42
C GLY A 112 -14.36 -24.69 40.86
N ALA A 113 -13.72 -24.07 39.87
CA ALA A 113 -12.55 -24.68 39.25
C ALA A 113 -11.40 -24.77 40.25
N ASP A 114 -10.59 -25.84 40.12
CA ASP A 114 -9.41 -26.01 40.95
C ASP A 114 -8.23 -25.12 40.51
N GLY A 115 -8.15 -24.75 39.23
CA GLY A 115 -7.10 -23.88 38.74
C GLY A 115 -7.51 -23.42 37.33
N ILE A 116 -6.64 -22.63 36.69
CA ILE A 116 -6.93 -22.15 35.34
C ILE A 116 -5.72 -22.40 34.43
N LEU A 117 -6.03 -22.72 33.18
CA LEU A 117 -5.09 -22.73 32.07
C LEU A 117 -5.29 -21.40 31.32
N SER A 118 -4.21 -20.68 31.06
CA SER A 118 -4.38 -19.33 30.50
C SER A 118 -3.42 -19.16 29.31
N VAL A 119 -3.97 -19.22 28.11
CA VAL A 119 -3.15 -19.21 26.88
C VAL A 119 -2.53 -17.83 26.64
N ALA A 120 -1.32 -17.82 26.07
CA ALA A 120 -0.68 -16.58 25.75
C ALA A 120 -1.56 -15.76 24.80
N PRO A 121 -1.66 -14.46 24.96
CA PRO A 121 -2.47 -13.65 24.01
C PRO A 121 -2.12 -13.95 22.55
N TYR A 122 -3.16 -14.25 21.78
CA TYR A 122 -3.12 -14.60 20.37
C TYR A 122 -3.46 -13.34 19.54
N TYR A 123 -2.93 -13.30 18.32
CA TYR A 123 -3.23 -12.26 17.34
C TYR A 123 -2.54 -10.90 17.61
N ASN A 124 -2.62 -10.32 18.82
CA ASN A 124 -2.05 -8.97 18.99
C ASN A 124 -0.58 -8.93 19.37
N LYS A 125 0.07 -10.09 19.53
CA LYS A 125 1.51 -10.19 19.68
C LYS A 125 2.13 -9.25 20.70
N PRO A 126 1.77 -9.34 21.98
CA PRO A 126 2.42 -8.51 23.00
C PRO A 126 3.92 -8.84 23.09
N THR A 127 4.68 -7.87 23.58
CA THR A 127 6.10 -8.06 23.89
C THR A 127 6.22 -8.88 25.18
N GLN A 128 7.45 -9.30 25.48
CA GLN A 128 7.68 -10.04 26.73
C GLN A 128 7.28 -9.23 27.95
N GLN A 129 7.61 -7.93 27.95
CA GLN A 129 7.12 -7.06 29.01
C GLN A 129 5.62 -7.13 29.12
N GLY A 130 4.93 -7.08 27.96
CA GLY A 130 3.48 -7.14 27.99
C GLY A 130 2.94 -8.48 28.52
N LEU A 131 3.56 -9.61 28.11
CA LEU A 131 3.13 -10.92 28.62
C LEU A 131 3.33 -10.99 30.14
N TYR A 132 4.46 -10.46 30.63
CA TYR A 132 4.68 -10.41 32.06
C TYR A 132 3.54 -9.65 32.77
N GLU A 133 3.20 -8.44 32.29
CA GLU A 133 2.15 -7.67 32.97
C GLU A 133 0.79 -8.36 32.82
N HIS A 134 0.54 -8.97 31.66
CA HIS A 134 -0.71 -9.70 31.43
C HIS A 134 -0.93 -10.77 32.49
N TYR A 135 0.06 -11.66 32.63
CA TYR A 135 -0.09 -12.79 33.53
C TYR A 135 0.02 -12.36 34.99
N LYS A 136 0.82 -11.34 35.29
CA LYS A 136 0.86 -10.80 36.64
C LYS A 136 -0.53 -10.32 37.06
N ALA A 137 -1.22 -9.62 36.18
CA ALA A 137 -2.60 -9.17 36.44
C ALA A 137 -3.55 -10.33 36.68
N ILE A 138 -3.47 -11.38 35.85
CA ILE A 138 -4.37 -12.52 36.04
C ILE A 138 -4.07 -13.20 37.39
N ALA A 139 -2.79 -13.47 37.67
CA ALA A 139 -2.39 -14.21 38.88
C ALA A 139 -2.77 -13.46 40.15
N GLN A 140 -2.68 -12.13 40.13
CA GLN A 140 -3.08 -11.32 41.26
C GLN A 140 -4.58 -11.23 41.44
N SER A 141 -5.37 -11.67 40.45
CA SER A 141 -6.82 -11.51 40.48
C SER A 141 -7.54 -12.67 41.14
N VAL A 142 -6.90 -13.83 41.26
CA VAL A 142 -7.52 -15.01 41.85
C VAL A 142 -6.50 -15.62 42.79
N ASP A 143 -6.96 -16.57 43.61
CA ASP A 143 -6.09 -17.29 44.55
C ASP A 143 -6.02 -18.78 44.24
N ILE A 144 -6.21 -19.16 42.98
CA ILE A 144 -6.11 -20.57 42.58
C ILE A 144 -4.93 -20.71 41.62
N PRO A 145 -4.40 -21.91 41.47
CA PRO A 145 -3.22 -22.10 40.61
C PRO A 145 -3.49 -21.63 39.18
N VAL A 146 -2.42 -21.09 38.55
CA VAL A 146 -2.43 -20.62 37.17
C VAL A 146 -1.33 -21.36 36.40
N LEU A 147 -1.73 -22.06 35.33
CA LEU A 147 -0.78 -22.69 34.42
C LEU A 147 -0.71 -21.87 33.12
N LEU A 148 0.48 -21.37 32.80
CA LEU A 148 0.69 -20.69 31.53
C LEU A 148 0.55 -21.68 30.38
N TYR A 149 0.32 -21.15 29.18
CA TYR A 149 0.13 -22.02 28.02
C TYR A 149 0.76 -21.34 26.81
N ASN A 150 1.82 -21.95 26.31
CA ASN A 150 2.59 -21.43 25.21
C ASN A 150 2.32 -22.27 23.95
N VAL A 151 1.80 -21.63 22.90
CA VAL A 151 1.49 -22.37 21.68
C VAL A 151 1.72 -21.37 20.55
N PRO A 152 2.98 -21.06 20.20
CA PRO A 152 3.25 -19.96 19.25
C PRO A 152 2.63 -20.17 17.88
N GLY A 153 2.50 -21.44 17.43
CA GLY A 153 1.93 -21.69 16.12
C GLY A 153 0.48 -21.24 16.00
N ARG A 154 -0.24 -21.19 17.13
CA ARG A 154 -1.61 -20.66 17.12
C ARG A 154 -1.66 -19.18 17.52
N THR A 155 -0.80 -18.75 18.42
CA THR A 155 -0.95 -17.38 18.94
C THR A 155 -0.15 -16.33 18.16
N GLY A 156 0.92 -16.70 17.47
CA GLY A 156 1.75 -15.66 16.88
C GLY A 156 2.77 -15.07 17.84
N CYS A 157 2.83 -15.53 19.09
CA CYS A 157 3.88 -15.02 19.99
C CYS A 157 4.43 -16.19 20.77
N GLU A 158 5.57 -15.96 21.43
CA GLU A 158 6.16 -16.98 22.32
C GLU A 158 6.36 -16.35 23.70
N ILE A 159 5.95 -17.04 24.76
CA ILE A 159 6.39 -16.65 26.11
C ILE A 159 7.81 -17.18 26.27
N SER A 160 8.79 -16.28 26.39
CA SER A 160 10.19 -16.71 26.49
C SER A 160 10.42 -17.48 27.81
N THR A 161 11.50 -18.26 27.81
CA THR A 161 11.92 -18.93 29.04
C THR A 161 12.12 -17.91 30.15
N ASP A 162 12.79 -16.80 29.86
CA ASP A 162 13.03 -15.82 30.94
C ASP A 162 11.71 -15.29 31.48
N THR A 163 10.74 -15.01 30.61
CA THR A 163 9.45 -14.50 31.08
C THR A 163 8.71 -15.53 31.92
N ILE A 164 8.70 -16.80 31.46
CA ILE A 164 8.06 -17.85 32.24
C ILE A 164 8.73 -17.94 33.61
N ILE A 165 10.07 -17.87 33.65
CA ILE A 165 10.77 -18.06 34.93
C ILE A 165 10.50 -16.87 35.86
N LYS A 166 10.53 -15.64 35.35
CA LYS A 166 10.19 -14.49 36.17
C LYS A 166 8.76 -14.57 36.71
N LEU A 167 7.79 -14.98 35.86
CA LEU A 167 6.41 -15.09 36.33
C LEU A 167 6.27 -16.16 37.42
N PHE A 168 6.91 -17.31 37.21
CA PHE A 168 6.88 -18.36 38.23
C PHE A 168 7.49 -17.85 39.54
N ARG A 169 8.59 -17.12 39.45
CA ARG A 169 9.30 -16.69 40.66
C ARG A 169 8.60 -15.53 41.38
N ASP A 170 7.96 -14.64 40.62
CA ASP A 170 7.33 -13.43 41.14
C ASP A 170 5.88 -13.62 41.56
N CYS A 171 5.15 -14.54 40.96
CA CYS A 171 3.76 -14.73 41.24
C CYS A 171 3.42 -16.03 41.89
N GLU A 172 2.91 -15.94 43.09
CA GLU A 172 2.60 -17.11 43.86
C GLU A 172 1.72 -18.18 43.22
N ASN A 173 0.72 -17.80 42.45
CA ASN A 173 -0.13 -18.80 41.83
C ASN A 173 0.33 -19.38 40.52
N ILE A 174 1.32 -18.78 39.92
CA ILE A 174 1.81 -19.28 38.63
C ILE A 174 2.76 -20.44 38.91
N TYR A 175 2.40 -21.64 38.47
CA TYR A 175 3.17 -22.81 38.94
C TYR A 175 3.84 -23.61 37.80
N GLY A 176 3.62 -23.23 36.55
CA GLY A 176 4.27 -23.91 35.45
C GLY A 176 3.71 -23.47 34.12
N VAL A 177 3.98 -24.27 33.10
CA VAL A 177 3.57 -23.94 31.71
C VAL A 177 3.18 -25.21 30.96
N KPI A 178 2.08 -25.18 30.21
CA KPI A 178 1.76 -26.18 29.23
CB KPI A 178 0.25 -26.27 29.00
CG KPI A 178 -0.20 -27.13 27.82
CD KPI A 178 -1.70 -26.99 27.59
CE KPI A 178 -2.08 -27.75 26.31
NZ KPI A 178 -3.42 -27.41 25.97
CX1 KPI A 178 -4.14 -27.86 25.01
C1 KPI A 178 -3.99 -29.10 24.22
CX2 KPI A 178 -5.58 -27.39 24.86
O1 KPI A 178 -5.93 -26.36 25.66
O2 KPI A 178 -6.43 -27.80 24.07
C KPI A 178 2.50 -25.72 27.95
O KPI A 178 2.24 -24.63 27.41
N GLU A 179 3.46 -26.51 27.49
CA GLU A 179 4.29 -26.20 26.29
C GLU A 179 3.84 -26.99 25.11
N ALA A 180 3.43 -26.26 24.06
CA ALA A 180 3.00 -26.85 22.81
C ALA A 180 3.76 -26.13 21.69
N SER A 181 5.09 -26.21 21.76
CA SER A 181 5.99 -25.49 20.84
C SER A 181 6.91 -26.43 20.05
N GLY A 182 6.87 -27.74 20.31
CA GLY A 182 7.72 -28.70 19.57
C GLY A 182 9.19 -28.35 19.70
N ASN A 183 9.60 -27.97 20.87
CA ASN A 183 10.90 -27.38 21.06
C ASN A 183 11.46 -28.00 22.34
N ILE A 184 12.10 -29.18 22.19
CA ILE A 184 12.61 -29.81 23.40
C ILE A 184 13.75 -29.00 23.99
N ASP A 185 14.49 -28.24 23.16
CA ASP A 185 15.55 -27.38 23.71
C ASP A 185 14.97 -26.38 24.73
N LYS A 186 13.82 -25.79 24.42
CA LYS A 186 13.19 -24.90 25.39
C LYS A 186 12.83 -25.63 26.68
N CYS A 187 12.37 -26.87 26.56
CA CYS A 187 12.06 -27.64 27.76
C CYS A 187 13.30 -27.85 28.61
N VAL A 188 14.46 -28.07 27.98
CA VAL A 188 15.70 -28.17 28.75
C VAL A 188 16.03 -26.84 29.43
N ASP A 189 16.01 -25.77 28.65
CA ASP A 189 16.29 -24.44 29.16
C ASP A 189 15.42 -24.12 30.39
N LEU A 190 14.10 -24.39 30.29
CA LEU A 190 13.19 -24.10 31.40
C LEU A 190 13.59 -24.86 32.67
N LEU A 191 13.68 -26.20 32.60
CA LEU A 191 13.91 -26.96 33.85
C LEU A 191 15.37 -26.94 34.28
N ALA A 192 16.30 -26.56 33.40
CA ALA A 192 17.67 -26.46 33.88
C ALA A 192 17.86 -25.19 34.70
N HIS A 193 17.13 -24.13 34.37
CA HIS A 193 17.29 -22.89 35.13
C HIS A 193 16.25 -22.73 36.23
N GLU A 194 15.10 -23.39 36.15
CA GLU A 194 14.08 -23.28 37.19
C GLU A 194 13.48 -24.64 37.37
N PRO A 195 14.17 -25.53 38.09
CA PRO A 195 13.70 -26.93 38.25
C PRO A 195 12.48 -27.08 39.15
N ARG A 196 12.01 -26.01 39.80
CA ARG A 196 10.84 -26.17 40.65
C ARG A 196 9.52 -26.02 39.88
N MET A 197 9.53 -25.59 38.62
CA MET A 197 8.27 -25.40 37.90
C MET A 197 7.69 -26.72 37.40
N MET A 198 6.37 -26.70 37.15
CA MET A 198 5.68 -27.86 36.56
C MET A 198 5.61 -27.63 35.04
N LEU A 199 6.49 -28.31 34.32
CA LEU A 199 6.41 -28.32 32.87
C LEU A 199 5.41 -29.39 32.47
N ILE A 200 4.42 -29.02 31.66
CA ILE A 200 3.30 -29.86 31.27
C ILE A 200 3.35 -30.02 29.75
N SER A 201 3.30 -31.27 29.28
CA SER A 201 3.33 -31.46 27.84
C SER A 201 2.02 -31.06 27.20
N GLY A 202 2.08 -30.18 26.19
CA GLY A 202 0.90 -29.88 25.40
C GLY A 202 0.97 -30.44 23.98
N GLU A 203 1.76 -31.47 23.78
CA GLU A 203 1.97 -32.03 22.44
C GLU A 203 2.11 -33.55 22.59
N ASP A 204 1.03 -34.27 22.27
CA ASP A 204 0.95 -35.67 22.63
C ASP A 204 2.14 -36.48 22.12
N ALA A 205 2.56 -36.27 20.86
CA ALA A 205 3.61 -37.09 20.26
C ALA A 205 4.87 -37.07 21.09
N ILE A 206 5.15 -35.96 21.79
CA ILE A 206 6.39 -35.90 22.56
C ILE A 206 6.14 -35.91 24.07
N ASN A 207 5.02 -36.53 24.52
CA ASN A 207 4.75 -36.65 25.96
C ASN A 207 5.94 -37.29 26.69
N TYR A 208 6.40 -38.42 26.21
CA TYR A 208 7.46 -39.12 26.96
C TYR A 208 8.76 -38.29 27.02
N PRO A 209 9.25 -37.71 25.93
CA PRO A 209 10.47 -36.88 26.07
C PRO A 209 10.29 -35.72 27.07
N ILE A 210 9.12 -35.09 27.11
CA ILE A 210 8.97 -33.98 28.04
C ILE A 210 8.95 -34.50 29.49
N LEU A 211 8.24 -35.60 29.73
CA LEU A 211 8.20 -36.19 31.10
C LEU A 211 9.59 -36.69 31.54
N SER A 212 10.31 -37.38 30.64
CA SER A 212 11.62 -37.90 30.98
C SER A 212 12.63 -36.78 31.29
N ASN A 213 12.38 -35.53 30.86
CA ASN A 213 13.25 -34.41 31.23
C ASN A 213 12.81 -33.75 32.54
N GLY A 214 11.84 -34.32 33.25
CA GLY A 214 11.35 -33.75 34.49
C GLY A 214 9.99 -33.07 34.37
N GLY A 215 9.36 -33.06 33.20
CA GLY A 215 7.97 -32.64 33.11
C GLY A 215 7.09 -33.46 34.04
N LYS A 216 5.97 -32.86 34.48
CA LYS A 216 5.18 -33.49 35.54
C LYS A 216 3.75 -33.76 35.13
N GLY A 217 3.44 -33.69 33.85
CA GLY A 217 2.10 -34.03 33.43
C GLY A 217 1.96 -33.75 31.94
N VAL A 218 0.76 -34.04 31.44
CA VAL A 218 0.35 -33.80 30.06
C VAL A 218 -1.03 -33.19 30.11
N ILE A 219 -1.32 -32.30 29.14
CA ILE A 219 -2.68 -31.88 28.84
C ILE A 219 -2.95 -32.36 27.42
N SER A 220 -3.70 -33.45 27.29
CA SER A 220 -3.67 -34.31 26.11
C SER A 220 -4.92 -34.14 25.24
N VAL A 221 -4.72 -34.30 23.94
CA VAL A 221 -5.81 -34.44 22.99
C VAL A 221 -6.19 -35.89 22.83
N THR A 222 -5.15 -36.72 22.59
CA THR A 222 -5.33 -38.15 22.40
C THR A 222 -6.08 -38.82 23.56
N SER A 223 -5.89 -38.36 24.80
CA SER A 223 -6.63 -38.95 25.94
C SER A 223 -8.16 -38.82 25.81
N ASN A 224 -8.69 -37.89 25.01
CA ASN A 224 -10.13 -37.92 24.75
C ASN A 224 -10.54 -39.28 24.24
N LEU A 225 -9.73 -39.87 23.36
CA LEU A 225 -10.05 -41.16 22.76
C LEU A 225 -9.46 -42.33 23.56
N LEU A 226 -8.21 -42.20 24.05
CA LEU A 226 -7.48 -43.31 24.68
C LEU A 226 -7.01 -42.90 26.08
N PRO A 227 -7.93 -42.55 26.96
CA PRO A 227 -7.56 -42.07 28.28
C PRO A 227 -6.74 -43.03 29.12
N ASP A 228 -7.04 -44.30 29.00
CA ASP A 228 -6.34 -45.31 29.73
C ASP A 228 -4.87 -45.33 29.31
N MET A 229 -4.61 -45.24 28.03
CA MET A 229 -3.23 -45.29 27.55
C MET A 229 -2.44 -44.06 27.96
N ILE A 230 -3.04 -42.88 27.86
CA ILE A 230 -2.35 -41.65 28.25
C ILE A 230 -2.14 -41.63 29.76
N SER A 231 -3.13 -42.09 30.56
CA SER A 231 -2.96 -42.19 32.01
C SER A 231 -1.79 -43.08 32.38
N ALA A 232 -1.76 -44.29 31.81
CA ALA A 232 -0.67 -45.22 32.11
C ALA A 232 0.66 -44.64 31.73
N LEU A 233 0.75 -44.08 30.52
CA LEU A 233 2.00 -43.45 30.09
C LEU A 233 2.50 -42.49 31.16
N THR A 234 1.65 -41.53 31.52
CA THR A 234 2.05 -40.50 32.46
C THR A 234 2.43 -41.09 33.84
N HIS A 235 1.66 -42.04 34.33
CA HIS A 235 1.93 -42.58 35.68
C HIS A 235 3.17 -43.46 35.69
N PHE A 236 3.35 -44.28 34.66
CA PHE A 236 4.63 -44.97 34.51
C PHE A 236 5.79 -43.98 34.56
N ALA A 237 5.69 -42.89 33.79
CA ALA A 237 6.79 -41.93 33.73
C ALA A 237 7.00 -41.26 35.08
N LEU A 238 5.91 -40.89 35.77
CA LEU A 238 6.12 -40.23 37.06
C LEU A 238 6.76 -41.19 38.07
N ASP A 239 6.57 -42.50 37.90
CA ASP A 239 7.25 -43.51 38.72
C ASP A 239 8.63 -43.87 38.25
N GLU A 240 9.17 -43.15 37.24
CA GLU A 240 10.46 -43.41 36.61
C GLU A 240 10.53 -44.80 35.99
N ASN A 241 9.38 -45.38 35.60
CA ASN A 241 9.37 -46.54 34.71
C ASN A 241 9.38 -46.01 33.29
N TYR A 242 10.56 -45.55 32.87
CA TYR A 242 10.66 -44.89 31.57
C TYR A 242 10.54 -45.87 30.44
N LYS A 243 11.01 -47.11 30.64
CA LYS A 243 10.85 -48.11 29.58
C LYS A 243 9.38 -48.31 29.22
N GLU A 244 8.51 -48.38 30.23
CA GLU A 244 7.09 -48.60 29.97
C GLU A 244 6.43 -47.33 29.41
N ALA A 245 6.80 -46.17 29.92
CA ALA A 245 6.22 -44.93 29.42
C ALA A 245 6.62 -44.70 27.96
N LYS A 246 7.89 -44.96 27.62
CA LYS A 246 8.32 -44.78 26.23
C LYS A 246 7.60 -45.76 25.31
N LYS A 247 7.38 -46.99 25.78
CA LYS A 247 6.71 -48.01 24.95
C LYS A 247 5.32 -47.55 24.55
N ILE A 248 4.58 -46.99 25.50
CA ILE A 248 3.24 -46.46 25.22
C ILE A 248 3.33 -45.24 24.30
N ASN A 249 4.29 -44.35 24.56
CA ASN A 249 4.46 -43.17 23.71
C ASN A 249 4.74 -43.59 22.27
N ASP A 250 5.57 -44.62 22.11
CA ASP A 250 5.89 -45.14 20.79
C ASP A 250 4.66 -45.77 20.13
N GLU A 251 3.91 -46.61 20.88
CA GLU A 251 2.69 -47.18 20.33
C GLU A 251 1.72 -46.08 19.91
N LEU A 252 1.65 -45.02 20.68
CA LEU A 252 0.69 -43.96 20.40
C LEU A 252 1.11 -43.03 19.27
N TYR A 253 2.34 -43.13 18.75
CA TYR A 253 2.83 -42.09 17.84
C TYR A 253 1.89 -41.92 16.64
N ASN A 254 1.51 -43.03 15.98
CA ASN A 254 0.72 -42.88 14.76
C ASN A 254 -0.58 -42.13 15.03
N ILE A 255 -1.30 -42.49 16.10
CA ILE A 255 -2.55 -41.77 16.36
C ILE A 255 -2.26 -40.35 16.85
N ASN A 256 -1.18 -40.18 17.63
CA ASN A 256 -0.84 -38.84 18.08
C ASN A 256 -0.62 -37.91 16.88
N LYS A 257 -0.05 -38.43 15.78
CA LYS A 257 0.19 -37.58 14.61
C LYS A 257 -1.07 -37.41 13.75
N ILE A 258 -1.81 -38.49 13.51
CA ILE A 258 -3.01 -38.38 12.68
C ILE A 258 -4.04 -37.44 13.33
N LEU A 259 -4.02 -37.32 14.67
CA LEU A 259 -4.97 -36.45 15.27
C LEU A 259 -4.66 -34.90 14.96
N PHE A 260 -3.64 -34.64 14.15
CA PHE A 260 -3.33 -33.28 13.73
C PHE A 260 -3.19 -33.19 12.22
N CYS A 261 -3.73 -34.19 11.49
CA CYS A 261 -3.77 -34.09 10.04
C CYS A 261 -4.53 -32.85 9.58
N GLU A 262 -5.54 -32.42 10.34
CA GLU A 262 -6.15 -31.11 10.24
C GLU A 262 -6.12 -30.50 11.64
N SER A 263 -6.38 -29.19 11.72
CA SER A 263 -6.30 -28.48 12.99
C SER A 263 -7.14 -29.13 14.10
N ASN A 264 -6.49 -29.41 15.20
CA ASN A 264 -7.18 -29.83 16.42
C ASN A 264 -8.21 -28.78 16.79
N PRO A 265 -9.45 -29.17 17.21
CA PRO A 265 -9.96 -30.52 17.46
C PRO A 265 -10.69 -31.16 16.29
N ILE A 266 -10.44 -30.81 15.03
CA ILE A 266 -11.20 -31.46 13.95
C ILE A 266 -10.94 -32.97 13.93
N PRO A 267 -9.69 -33.46 13.97
CA PRO A 267 -9.54 -34.93 13.90
C PRO A 267 -10.02 -35.63 15.16
N ILE A 268 -9.81 -35.06 16.35
CA ILE A 268 -10.18 -35.82 17.56
C ILE A 268 -11.68 -35.97 17.68
N LYS A 269 -12.44 -34.89 17.38
CA LYS A 269 -13.90 -35.02 17.33
C LYS A 269 -14.34 -36.05 16.31
N THR A 270 -13.70 -36.07 15.13
CA THR A 270 -13.98 -37.07 14.11
C THR A 270 -13.72 -38.48 14.66
N ALA A 271 -12.59 -38.65 15.36
CA ALA A 271 -12.29 -39.96 15.94
C ALA A 271 -13.31 -40.35 17.02
N MET A 272 -13.67 -39.40 17.87
CA MET A 272 -14.67 -39.68 18.90
C MET A 272 -15.99 -40.10 18.26
N TYR A 273 -16.37 -39.44 17.15
CA TYR A 273 -17.63 -39.77 16.47
C TYR A 273 -17.56 -41.15 15.86
N LEU A 274 -16.46 -41.45 15.17
CA LEU A 274 -16.22 -42.76 14.56
C LEU A 274 -16.19 -43.88 15.60
N ALA A 275 -15.77 -43.58 16.84
CA ALA A 275 -15.79 -44.57 17.91
C ALA A 275 -17.16 -44.71 18.56
N GLY A 276 -18.13 -43.88 18.22
CA GLY A 276 -19.42 -43.92 18.86
C GLY A 276 -19.45 -43.25 20.21
N LEU A 277 -18.48 -42.40 20.52
CA LEU A 277 -18.43 -41.74 21.80
C LEU A 277 -19.19 -40.43 21.81
N ILE A 278 -19.51 -39.86 20.65
CA ILE A 278 -20.39 -38.71 20.57
C ILE A 278 -21.39 -38.98 19.46
N GLU A 279 -22.55 -38.38 19.60
CA GLU A 279 -23.66 -38.59 18.70
C GLU A 279 -23.55 -37.95 17.35
N SER A 280 -23.04 -36.73 17.34
CA SER A 280 -22.97 -35.91 16.17
C SER A 280 -21.60 -35.31 15.84
N LEU A 281 -21.21 -35.31 14.59
CA LEU A 281 -19.95 -34.75 14.18
C LEU A 281 -20.22 -33.31 13.81
N GLU A 282 -20.34 -32.37 14.80
CA GLU A 282 -20.61 -30.98 14.60
C GLU A 282 -19.56 -30.10 15.20
N PHE A 283 -19.26 -29.10 14.51
CA PHE A 283 -18.35 -28.10 14.96
C PHE A 283 -19.01 -26.73 14.85
N ARG A 284 -18.41 -25.72 15.43
CA ARG A 284 -18.89 -24.39 15.29
C ARG A 284 -17.95 -23.62 14.32
N LEU A 285 -18.48 -22.93 13.33
CA LEU A 285 -17.67 -22.16 12.38
C LEU A 285 -16.76 -21.16 13.11
N PRO A 286 -15.53 -20.96 12.64
CA PRO A 286 -15.03 -21.54 11.38
C PRO A 286 -14.53 -23.00 11.30
N LEU A 287 -14.60 -23.75 12.35
CA LEU A 287 -14.26 -25.16 12.26
C LEU A 287 -15.39 -25.93 11.57
N CYS A 288 -15.03 -27.06 10.98
CA CYS A 288 -15.97 -27.85 10.19
C CYS A 288 -15.38 -29.24 10.02
N SER A 289 -16.18 -30.16 9.46
CA SER A 289 -15.71 -31.54 9.21
C SER A 289 -14.41 -31.66 8.41
N PRO A 290 -13.63 -32.73 8.59
CA PRO A 290 -12.40 -32.88 7.81
C PRO A 290 -12.72 -33.26 6.37
N SER A 291 -11.69 -33.24 5.54
CA SER A 291 -11.87 -33.76 4.19
C SER A 291 -12.19 -35.26 4.22
N LYS A 292 -12.76 -35.76 3.11
CA LYS A 292 -13.04 -37.19 3.00
C LYS A 292 -11.77 -38.02 3.11
N GLU A 293 -10.68 -37.54 2.53
CA GLU A 293 -9.42 -38.24 2.62
C GLU A 293 -8.94 -38.32 4.07
N ASN A 294 -9.04 -37.22 4.81
CA ASN A 294 -8.55 -37.23 6.19
C ASN A 294 -9.49 -38.06 7.09
N PHE A 295 -10.79 -38.00 6.83
CA PHE A 295 -11.72 -38.89 7.49
C PHE A 295 -11.27 -40.34 7.38
N ALA A 296 -10.91 -40.78 6.17
CA ALA A 296 -10.50 -42.17 6.00
C ALA A 296 -9.17 -42.47 6.68
N LYS A 297 -8.21 -41.52 6.65
CA LYS A 297 -6.94 -41.77 7.31
C LYS A 297 -7.12 -41.89 8.83
N ILE A 298 -7.99 -41.03 9.41
CA ILE A 298 -8.24 -41.14 10.86
C ILE A 298 -8.85 -42.51 11.19
N GLU A 299 -9.87 -42.91 10.42
CA GLU A 299 -10.51 -44.22 10.62
C GLU A 299 -9.49 -45.35 10.51
N GLU A 300 -8.55 -45.27 9.57
CA GLU A 300 -7.63 -46.38 9.41
C GLU A 300 -6.65 -46.47 10.58
N VAL A 301 -6.10 -45.34 11.02
CA VAL A 301 -5.12 -45.36 12.12
C VAL A 301 -5.76 -45.83 13.42
N MET A 302 -7.03 -45.45 13.67
CA MET A 302 -7.75 -45.88 14.87
C MET A 302 -7.80 -47.40 15.01
N LYS A 303 -7.70 -48.13 13.89
CA LYS A 303 -7.97 -49.57 13.91
C LYS A 303 -7.00 -50.36 14.77
N LYS A 304 -5.80 -49.87 14.95
CA LYS A 304 -4.87 -50.59 15.76
C LYS A 304 -4.94 -50.31 17.23
N TYR A 305 -5.85 -49.47 17.67
CA TYR A 305 -5.93 -49.16 19.07
C TYR A 305 -7.20 -49.71 19.74
N LYS A 306 -7.13 -50.02 21.03
CA LYS A 306 -8.31 -50.48 21.73
C LYS A 306 -8.92 -49.30 22.42
N ILE A 307 -10.08 -48.92 21.94
CA ILE A 307 -10.79 -47.79 22.47
C ILE A 307 -11.83 -48.18 23.49
N LYS A 308 -11.71 -47.62 24.67
CA LYS A 308 -12.63 -47.91 25.77
C LYS A 308 -14.01 -47.31 25.50
N GLY A 309 -15.05 -48.00 25.94
CA GLY A 309 -16.40 -47.50 25.84
C GLY A 309 -16.74 -46.69 27.07
N PHE A 310 -18.03 -46.60 27.36
CA PHE A 310 -18.47 -45.95 28.58
C PHE A 310 -18.61 -46.94 29.79
N LYS B 15 24.22 -55.61 12.60
CA LYS B 15 25.04 -54.57 11.96
C LYS B 15 26.23 -54.17 12.84
N ASN B 16 27.38 -53.88 12.21
CA ASN B 16 28.50 -53.27 12.93
C ASN B 16 28.19 -51.80 13.20
N ILE B 17 28.48 -51.33 14.41
CA ILE B 17 28.05 -49.99 14.82
C ILE B 17 29.21 -49.25 15.48
N ILE B 18 29.09 -47.92 15.52
CA ILE B 18 30.00 -47.08 16.29
C ILE B 18 29.08 -46.13 17.06
N ILE B 19 29.07 -46.24 18.38
CA ILE B 19 28.12 -45.49 19.21
C ILE B 19 28.85 -44.97 20.42
N GLY B 20 28.11 -44.46 21.44
CA GLY B 20 28.71 -43.90 22.62
C GLY B 20 29.02 -42.42 22.53
N ALA B 21 29.95 -41.98 23.37
CA ALA B 21 30.32 -40.57 23.44
C ALA B 21 31.37 -40.28 22.37
N MET B 22 31.05 -39.40 21.40
CA MET B 22 31.97 -39.11 20.30
C MET B 22 32.14 -37.59 20.12
N THR B 23 33.30 -37.20 19.58
CA THR B 23 33.69 -35.80 19.48
C THR B 23 33.89 -35.43 18.04
N ALA B 24 33.19 -34.38 17.59
CA ALA B 24 33.46 -33.81 16.27
C ALA B 24 34.71 -32.94 16.44
N LEU B 25 35.89 -33.46 16.07
CA LEU B 25 37.18 -32.80 16.36
C LEU B 25 37.34 -31.48 15.59
N ILE B 26 37.72 -30.41 16.30
CA ILE B 26 38.23 -29.21 15.62
C ILE B 26 39.55 -29.54 14.89
N THR B 27 39.88 -28.72 13.90
CA THR B 27 41.15 -28.84 13.19
C THR B 27 41.98 -27.60 13.52
N PRO B 28 42.99 -27.69 14.40
CA PRO B 28 43.82 -26.50 14.70
C PRO B 28 44.71 -26.17 13.50
N PHE B 29 44.82 -24.88 13.19
CA PHE B 29 45.71 -24.39 12.13
C PHE B 29 46.83 -23.58 12.77
N LYS B 30 48.03 -23.67 12.21
CA LYS B 30 49.07 -22.75 12.67
C LYS B 30 49.74 -22.16 11.44
N ASN B 31 49.81 -20.83 11.37
CA ASN B 31 50.25 -20.13 10.15
C ASN B 31 49.65 -20.78 8.91
N GLY B 32 48.33 -20.93 8.92
CA GLY B 32 47.60 -21.41 7.77
C GLY B 32 47.72 -22.88 7.47
N LYS B 33 48.45 -23.66 8.27
CA LYS B 33 48.62 -25.08 7.98
C LYS B 33 48.07 -25.93 9.12
N VAL B 34 47.67 -27.16 8.80
CA VAL B 34 47.20 -28.04 9.86
C VAL B 34 48.33 -28.27 10.84
N ASP B 35 48.08 -27.95 12.10
CA ASP B 35 49.01 -28.15 13.19
C ASP B 35 48.93 -29.61 13.60
N GLU B 36 49.77 -30.42 13.01
CA GLU B 36 49.75 -31.85 13.22
C GLU B 36 49.98 -32.36 14.64
N GLN B 37 50.95 -31.78 15.31
CA GLN B 37 51.23 -32.18 16.67
C GLN B 37 50.03 -31.84 17.54
N SER B 38 49.45 -30.68 17.33
CA SER B 38 48.32 -30.22 18.09
C SER B 38 47.15 -31.18 17.93
N TYR B 39 46.84 -31.55 16.72
CA TYR B 39 45.75 -32.46 16.43
C TYR B 39 45.92 -33.77 17.17
N ALA B 40 47.13 -34.34 17.14
CA ALA B 40 47.40 -35.58 17.82
C ALA B 40 47.16 -35.46 19.29
N ARG B 41 47.71 -34.44 19.87
CA ARG B 41 47.55 -34.17 21.26
C ARG B 41 46.09 -34.04 21.72
N LEU B 42 45.31 -33.37 20.90
CA LEU B 42 43.92 -33.16 21.16
C LEU B 42 43.19 -34.49 21.16
N ILE B 43 43.52 -35.34 20.23
CA ILE B 43 42.88 -36.64 20.17
C ILE B 43 43.25 -37.49 21.37
N LYS B 44 44.53 -37.49 21.75
CA LYS B 44 44.93 -38.21 22.96
C LYS B 44 44.15 -37.72 24.17
N ARG B 45 43.94 -36.40 24.28
CA ARG B 45 43.17 -35.84 25.39
C ARG B 45 41.72 -36.34 25.40
N GLN B 46 41.11 -36.44 24.22
CA GLN B 46 39.75 -37.02 24.15
C GLN B 46 39.75 -38.46 24.67
N ILE B 47 40.68 -39.28 24.18
CA ILE B 47 40.76 -40.68 24.60
C ILE B 47 40.88 -40.77 26.11
N GLU B 48 41.74 -39.93 26.69
CA GLU B 48 42.04 -40.00 28.11
C GLU B 48 40.88 -39.57 28.97
N ASN B 49 39.90 -38.88 28.41
CA ASN B 49 38.75 -38.40 29.16
C ASN B 49 37.48 -39.20 28.83
N GLY B 50 37.63 -40.41 28.31
CA GLY B 50 36.50 -41.31 28.22
C GLY B 50 35.71 -41.28 26.93
N ILE B 51 36.22 -40.65 25.87
CA ILE B 51 35.51 -40.60 24.62
C ILE B 51 35.57 -41.94 23.91
N ASP B 52 34.48 -42.33 23.27
CA ASP B 52 34.41 -43.65 22.62
C ASP B 52 34.77 -43.63 21.17
N ALA B 53 34.60 -42.48 20.50
CA ALA B 53 34.99 -42.38 19.10
C ALA B 53 35.28 -40.92 18.79
N VAL B 54 36.16 -40.71 17.80
CA VAL B 54 36.50 -39.35 17.33
C VAL B 54 36.12 -39.24 15.86
N VAL B 55 35.64 -38.06 15.50
CA VAL B 55 35.21 -37.75 14.15
C VAL B 55 36.17 -36.73 13.57
N PRO B 56 37.20 -37.17 12.85
CA PRO B 56 38.03 -36.22 12.10
C PRO B 56 37.26 -35.67 10.91
N VAL B 57 37.59 -34.45 10.56
CA VAL B 57 37.14 -33.74 9.38
C VAL B 57 35.65 -33.88 9.09
N GLY B 58 34.83 -33.63 10.09
CA GLY B 58 33.41 -33.32 9.92
C GLY B 58 33.19 -31.81 9.88
N THR B 59 31.94 -31.41 10.10
CA THR B 59 31.61 -29.98 10.04
C THR B 59 32.48 -29.18 11.02
N THR B 60 32.58 -29.67 12.25
CA THR B 60 33.32 -28.98 13.29
C THR B 60 34.82 -28.88 12.95
N GLY B 61 35.32 -29.79 12.13
CA GLY B 61 36.67 -29.84 11.64
C GLY B 61 36.95 -29.04 10.39
N GLU B 62 35.98 -28.23 9.92
CA GLU B 62 36.13 -27.42 8.71
C GLU B 62 36.39 -28.27 7.46
N SER B 63 35.70 -29.40 7.37
CA SER B 63 35.75 -30.27 6.21
C SER B 63 35.68 -29.50 4.89
N ALA B 64 34.80 -28.50 4.83
CA ALA B 64 34.54 -27.82 3.54
C ALA B 64 35.78 -27.13 2.97
N THR B 65 36.74 -26.74 3.81
CA THR B 65 37.87 -25.94 3.35
C THR B 65 39.21 -26.66 3.41
N LEU B 66 39.25 -27.92 3.83
CA LEU B 66 40.50 -28.68 3.85
C LEU B 66 40.79 -29.29 2.50
N THR B 67 42.08 -29.37 2.13
CA THR B 67 42.44 -30.08 0.92
C THR B 67 42.40 -31.59 1.13
N HIS B 68 42.51 -32.34 0.03
CA HIS B 68 42.53 -33.78 0.09
C HIS B 68 43.73 -34.17 0.95
N GLU B 69 44.88 -33.59 0.70
CA GLU B 69 46.05 -33.89 1.50
C GLU B 69 45.79 -33.72 2.98
N GLU B 70 45.23 -32.60 3.33
CA GLU B 70 44.91 -32.27 4.70
C GLU B 70 43.90 -33.26 5.30
N LYS B 71 42.87 -33.62 4.58
CA LYS B 71 41.93 -34.62 5.07
C LYS B 71 42.62 -35.96 5.29
N ARG B 72 43.50 -36.38 4.34
CA ARG B 72 44.25 -37.63 4.53
C ARG B 72 45.09 -37.58 5.79
N THR B 73 45.76 -36.44 6.01
CA THR B 73 46.60 -36.27 7.18
C THR B 73 45.80 -36.37 8.47
N CYS B 74 44.64 -35.71 8.54
CA CYS B 74 43.89 -35.79 9.79
C CYS B 74 43.33 -37.17 10.06
N ILE B 75 42.83 -37.86 9.04
CA ILE B 75 42.29 -39.18 9.26
C ILE B 75 43.39 -40.15 9.69
N GLU B 76 44.58 -40.04 9.06
CA GLU B 76 45.70 -40.91 9.43
C GLU B 76 46.18 -40.62 10.83
N ILE B 77 46.23 -39.34 11.23
CA ILE B 77 46.62 -39.05 12.60
C ILE B 77 45.61 -39.63 13.57
N ALA B 78 44.32 -39.49 13.28
CA ALA B 78 43.30 -40.05 14.19
C ALA B 78 43.42 -41.57 14.28
N VAL B 79 43.57 -42.26 13.13
CA VAL B 79 43.68 -43.71 13.07
C VAL B 79 44.90 -44.16 13.87
N GLU B 80 46.04 -43.48 13.66
CA GLU B 80 47.28 -43.88 14.34
C GLU B 80 47.20 -43.63 15.84
N THR B 81 46.60 -42.52 16.28
CA THR B 81 46.52 -42.23 17.71
C THR B 81 45.58 -43.17 18.48
N CYS B 82 44.55 -43.72 17.82
CA CYS B 82 43.60 -44.63 18.46
C CYS B 82 44.03 -46.11 18.39
N LYS B 83 45.10 -46.45 17.68
CA LYS B 83 45.54 -47.84 17.67
C LYS B 83 45.87 -48.33 19.09
N GLY B 84 45.46 -49.57 19.40
CA GLY B 84 45.71 -50.11 20.73
C GLY B 84 44.77 -49.62 21.81
N THR B 85 43.72 -48.88 21.44
CA THR B 85 42.70 -48.43 22.39
C THR B 85 41.36 -48.97 21.92
N LYS B 86 40.31 -48.77 22.72
CA LYS B 86 38.99 -49.15 22.19
C LYS B 86 38.35 -48.02 21.38
N VAL B 87 39.00 -46.85 21.26
CA VAL B 87 38.40 -45.69 20.60
C VAL B 87 38.39 -45.88 19.10
N LYS B 88 37.23 -45.62 18.49
CA LYS B 88 36.99 -45.78 17.06
C LYS B 88 37.19 -44.46 16.30
N VAL B 89 37.43 -44.58 15.00
CA VAL B 89 37.56 -43.41 14.13
C VAL B 89 36.39 -43.45 13.14
N LEU B 90 35.48 -42.48 13.27
CA LEU B 90 34.30 -42.34 12.41
C LEU B 90 34.58 -41.09 11.55
N ALA B 91 35.11 -41.30 10.35
CA ALA B 91 35.65 -40.20 9.56
C ALA B 91 34.56 -39.45 8.81
N GLY B 92 34.61 -38.13 8.83
CA GLY B 92 33.76 -37.35 7.93
C GLY B 92 34.08 -37.62 6.46
N ALA B 93 33.06 -37.90 5.64
CA ALA B 93 33.29 -38.22 4.24
C ALA B 93 32.12 -37.79 3.33
N GLY B 94 31.25 -36.90 3.79
CA GLY B 94 30.09 -36.58 2.99
C GLY B 94 30.44 -35.62 1.86
N SER B 95 29.55 -35.54 0.88
CA SER B 95 29.66 -34.56 -0.17
C SER B 95 28.29 -34.38 -0.83
N ASN B 96 28.09 -33.24 -1.48
CA ASN B 96 26.85 -33.06 -2.21
C ASN B 96 26.94 -33.59 -3.64
N ALA B 97 28.09 -34.15 -4.04
CA ALA B 97 28.19 -34.88 -5.31
C ALA B 97 28.39 -36.37 -5.00
N THR B 98 27.49 -37.19 -5.50
CA THR B 98 27.53 -38.60 -5.12
C THR B 98 28.86 -39.26 -5.49
N HIS B 99 29.37 -39.00 -6.70
CA HIS B 99 30.64 -39.61 -7.07
C HIS B 99 31.75 -39.15 -6.13
N GLU B 100 31.69 -37.90 -5.66
CA GLU B 100 32.69 -37.43 -4.71
C GLU B 100 32.51 -38.09 -3.36
N ALA B 101 31.26 -38.24 -2.91
CA ALA B 101 31.02 -38.88 -1.61
C ALA B 101 31.47 -40.34 -1.63
N VAL B 102 31.24 -41.04 -2.73
CA VAL B 102 31.74 -42.40 -2.89
C VAL B 102 33.25 -42.45 -2.77
N GLY B 103 33.93 -41.50 -3.44
CA GLY B 103 35.37 -41.45 -3.39
C GLY B 103 35.91 -41.16 -1.98
N LEU B 104 35.27 -40.23 -1.27
CA LEU B 104 35.74 -39.91 0.08
C LEU B 104 35.54 -41.08 1.03
N ALA B 105 34.45 -41.82 0.86
CA ALA B 105 34.19 -43.00 1.66
C ALA B 105 35.27 -44.06 1.44
N LYS B 106 35.53 -44.38 0.17
CA LYS B 106 36.61 -45.32 -0.15
C LYS B 106 37.94 -44.81 0.40
N PHE B 107 38.20 -43.52 0.26
CA PHE B 107 39.41 -42.89 0.80
C PHE B 107 39.53 -43.10 2.31
N ALA B 108 38.46 -42.79 3.04
CA ALA B 108 38.49 -42.93 4.50
C ALA B 108 38.74 -44.38 4.89
N LYS B 109 38.09 -45.33 4.25
CA LYS B 109 38.30 -46.73 4.56
C LYS B 109 39.77 -47.15 4.31
N GLU B 110 40.30 -46.81 3.15
CA GLU B 110 41.65 -47.14 2.82
C GLU B 110 42.60 -46.56 3.80
N HIS B 111 42.25 -45.44 4.40
CA HIS B 111 43.10 -44.83 5.35
C HIS B 111 42.94 -45.33 6.78
N GLY B 112 42.18 -46.38 6.97
CA GLY B 112 42.11 -47.04 8.28
C GLY B 112 40.91 -46.67 9.14
N ALA B 113 39.96 -45.88 8.63
CA ALA B 113 38.82 -45.45 9.42
C ALA B 113 37.95 -46.64 9.79
N ASP B 114 37.37 -46.60 11.00
CA ASP B 114 36.47 -47.66 11.42
C ASP B 114 35.10 -47.53 10.78
N GLY B 115 34.69 -46.33 10.40
CA GLY B 115 33.40 -46.12 9.74
C GLY B 115 33.40 -44.70 9.22
N ILE B 116 32.28 -44.28 8.62
CA ILE B 116 32.23 -42.92 8.09
C ILE B 116 30.95 -42.22 8.49
N LEU B 117 31.05 -40.91 8.68
CA LEU B 117 29.93 -40.00 8.83
C LEU B 117 29.73 -39.28 7.49
N SER B 118 28.49 -39.24 7.01
CA SER B 118 28.26 -38.76 5.65
C SER B 118 27.05 -37.81 5.63
N VAL B 119 27.34 -36.51 5.53
CA VAL B 119 26.31 -35.47 5.65
C VAL B 119 25.42 -35.48 4.44
N ALA B 120 24.13 -35.15 4.64
CA ALA B 120 23.21 -35.03 3.52
C ALA B 120 23.72 -34.01 2.52
N PRO B 121 23.59 -34.26 1.22
CA PRO B 121 24.04 -33.27 0.21
C PRO B 121 23.50 -31.87 0.50
N TYR B 122 24.42 -30.92 0.55
CA TYR B 122 24.13 -29.51 0.80
C TYR B 122 24.01 -28.75 -0.52
N TYR B 123 23.21 -27.66 -0.49
CA TYR B 123 23.12 -26.66 -1.55
C TYR B 123 22.28 -27.12 -2.74
N ASN B 124 22.51 -28.33 -3.26
CA ASN B 124 21.78 -28.75 -4.46
C ASN B 124 20.41 -29.43 -4.19
N LYS B 125 20.00 -29.62 -2.94
CA LYS B 125 18.64 -30.04 -2.58
C LYS B 125 18.06 -31.23 -3.32
N PRO B 126 18.68 -32.40 -3.22
CA PRO B 126 18.08 -33.60 -3.85
C PRO B 126 16.75 -33.93 -3.20
N THR B 127 15.92 -34.61 -3.98
CA THR B 127 14.68 -35.18 -3.48
C THR B 127 14.96 -36.42 -2.60
N GLN B 128 13.92 -36.94 -1.94
CA GLN B 128 14.13 -38.14 -1.12
C GLN B 128 14.62 -39.31 -1.98
N GLN B 129 14.07 -39.44 -3.21
CA GLN B 129 14.57 -40.47 -4.10
C GLN B 129 16.06 -40.29 -4.37
N GLY B 130 16.50 -39.05 -4.67
CA GLY B 130 17.92 -38.82 -4.88
C GLY B 130 18.78 -39.09 -3.64
N LEU B 131 18.29 -38.70 -2.47
CA LEU B 131 19.02 -38.98 -1.24
C LEU B 131 19.15 -40.49 -1.02
N TYR B 132 18.06 -41.24 -1.28
CA TYR B 132 18.15 -42.70 -1.20
C TYR B 132 19.21 -43.25 -2.14
N GLU B 133 19.20 -42.81 -3.40
CA GLU B 133 20.19 -43.34 -4.35
C GLU B 133 21.60 -42.90 -3.98
N HIS B 134 21.74 -41.68 -3.46
CA HIS B 134 23.05 -41.18 -3.01
C HIS B 134 23.66 -42.09 -1.94
N TYR B 135 22.92 -42.33 -0.87
CA TYR B 135 23.46 -43.11 0.26
C TYR B 135 23.56 -44.59 -0.08
N LYS B 136 22.65 -45.14 -0.89
CA LYS B 136 22.82 -46.52 -1.35
C LYS B 136 24.14 -46.70 -2.12
N ALA B 137 24.48 -45.75 -3.02
CA ALA B 137 25.74 -45.79 -3.76
C ALA B 137 26.92 -45.77 -2.79
N ILE B 138 26.86 -44.89 -1.77
CA ILE B 138 27.95 -44.83 -0.82
C ILE B 138 28.05 -46.12 -0.04
N ALA B 139 26.91 -46.61 0.47
CA ALA B 139 26.90 -47.80 1.33
C ALA B 139 27.46 -49.02 0.60
N GLN B 140 27.09 -49.17 -0.67
CA GLN B 140 27.56 -50.28 -1.47
C GLN B 140 29.03 -50.13 -1.87
N SER B 141 29.65 -48.97 -1.61
CA SER B 141 31.03 -48.71 -2.04
C SER B 141 32.08 -49.17 -1.04
N VAL B 142 31.73 -49.34 0.23
CA VAL B 142 32.70 -49.78 1.23
C VAL B 142 32.02 -50.85 2.08
N ASP B 143 32.82 -51.50 2.92
CA ASP B 143 32.29 -52.52 3.83
C ASP B 143 32.46 -52.10 5.29
N ILE B 144 32.52 -50.80 5.58
CA ILE B 144 32.59 -50.33 6.96
C ILE B 144 31.29 -49.60 7.29
N PRO B 145 30.95 -49.43 8.56
CA PRO B 145 29.68 -48.75 8.89
C PRO B 145 29.59 -47.32 8.35
N VAL B 146 28.36 -46.93 8.01
CA VAL B 146 28.03 -45.58 7.53
C VAL B 146 26.94 -45.01 8.44
N LEU B 147 27.20 -43.85 9.05
CA LEU B 147 26.18 -43.13 9.79
C LEU B 147 25.73 -41.94 8.95
N LEU B 148 24.43 -41.90 8.66
CA LEU B 148 23.85 -40.74 7.99
C LEU B 148 23.95 -39.49 8.89
N TYR B 149 23.85 -38.31 8.27
CA TYR B 149 23.94 -37.08 9.05
C TYR B 149 22.97 -36.06 8.45
N ASN B 150 21.96 -35.70 9.24
CA ASN B 150 20.87 -34.79 8.85
C ASN B 150 21.04 -33.46 9.59
N VAL B 151 21.22 -32.38 8.83
CA VAL B 151 21.44 -31.06 9.46
C VAL B 151 20.84 -30.04 8.48
N PRO B 152 19.51 -29.98 8.41
CA PRO B 152 18.84 -29.21 7.35
C PRO B 152 19.14 -27.73 7.41
N GLY B 153 19.39 -27.19 8.61
CA GLY B 153 19.70 -25.78 8.71
C GLY B 153 20.98 -25.40 7.96
N ARG B 154 21.89 -26.36 7.80
CA ARG B 154 23.09 -26.14 7.00
C ARG B 154 22.97 -26.63 5.57
N THR B 155 22.25 -27.72 5.30
CA THR B 155 22.25 -28.30 3.96
C THR B 155 21.18 -27.77 3.05
N GLY B 156 20.04 -27.28 3.59
CA GLY B 156 18.92 -26.93 2.76
C GLY B 156 18.01 -28.09 2.43
N CYS B 157 18.30 -29.29 2.94
CA CYS B 157 17.40 -30.39 2.66
C CYS B 157 17.28 -31.22 3.94
N GLU B 158 16.29 -32.10 3.98
CA GLU B 158 16.04 -32.96 5.13
C GLU B 158 16.04 -34.39 4.63
N ILE B 159 16.77 -35.29 5.28
CA ILE B 159 16.53 -36.73 5.09
C ILE B 159 15.30 -37.10 5.93
N SER B 160 14.21 -37.45 5.26
CA SER B 160 12.96 -37.75 5.94
C SER B 160 13.09 -39.01 6.78
N THR B 161 12.18 -39.15 7.73
CA THR B 161 12.14 -40.37 8.52
C THR B 161 12.02 -41.60 7.63
N ASP B 162 11.13 -41.55 6.64
CA ASP B 162 10.96 -42.72 5.79
C ASP B 162 12.25 -43.05 5.03
N THR B 163 12.93 -42.03 4.49
CA THR B 163 14.15 -42.28 3.75
C THR B 163 15.24 -42.88 4.67
N ILE B 164 15.38 -42.36 5.89
CA ILE B 164 16.35 -42.93 6.84
C ILE B 164 16.06 -44.41 7.11
N ILE B 165 14.79 -44.73 7.38
CA ILE B 165 14.43 -46.10 7.74
C ILE B 165 14.63 -47.04 6.54
N LYS B 166 14.27 -46.59 5.34
CA LYS B 166 14.51 -47.42 4.14
C LYS B 166 15.98 -47.68 3.94
N LEU B 167 16.82 -46.66 4.10
CA LEU B 167 18.26 -46.86 3.96
C LEU B 167 18.80 -47.82 5.03
N PHE B 168 18.36 -47.63 6.28
CA PHE B 168 18.80 -48.52 7.34
C PHE B 168 18.38 -49.96 7.03
N ARG B 169 17.16 -50.15 6.52
CA ARG B 169 16.69 -51.52 6.31
C ARG B 169 17.29 -52.14 5.05
N ASP B 170 17.55 -51.33 4.04
CA ASP B 170 17.95 -51.83 2.73
C ASP B 170 19.45 -51.99 2.56
N CYS B 171 20.26 -51.27 3.33
CA CYS B 171 21.71 -51.20 3.16
C CYS B 171 22.38 -51.74 4.40
N GLU B 172 23.13 -52.83 4.25
CA GLU B 172 23.68 -53.53 5.40
C GLU B 172 24.50 -52.61 6.29
N ASN B 173 25.34 -51.75 5.69
CA ASN B 173 26.30 -50.93 6.42
C ASN B 173 25.70 -49.67 7.06
N ILE B 174 24.53 -49.25 6.64
CA ILE B 174 23.96 -48.01 7.18
C ILE B 174 23.29 -48.35 8.51
N TYR B 175 23.79 -47.79 9.60
CA TYR B 175 23.36 -48.25 10.92
C TYR B 175 22.63 -47.18 11.75
N GLY B 176 22.49 -45.95 11.25
CA GLY B 176 21.74 -44.96 12.03
C GLY B 176 21.96 -43.55 11.46
N VAL B 177 21.62 -42.55 12.28
CA VAL B 177 21.69 -41.16 11.83
C VAL B 177 22.12 -40.26 12.97
N KPI B 178 23.03 -39.34 12.68
CA KPI B 178 23.29 -38.23 13.51
CB KPI B 178 24.71 -37.66 13.26
CG KPI B 178 25.13 -36.39 14.00
CD KPI B 178 26.48 -35.91 13.47
CE KPI B 178 26.93 -34.57 14.09
NZ KPI B 178 28.15 -34.01 13.49
CX1 KPI B 178 28.64 -32.87 13.82
C1 KPI B 178 28.37 -32.05 15.05
CX2 KPI B 178 29.89 -32.38 13.08
O1 KPI B 178 30.62 -31.43 13.40
O2 KPI B 178 30.21 -33.05 11.94
C KPI B 178 22.27 -37.12 13.21
O KPI B 178 22.21 -36.60 12.08
N GLU B 179 21.43 -36.78 14.20
CA GLU B 179 20.37 -35.78 14.00
C GLU B 179 20.77 -34.42 14.60
N ALA B 180 20.85 -33.38 13.78
CA ALA B 180 21.08 -32.00 14.25
C ALA B 180 19.96 -31.12 13.64
N SER B 181 18.73 -31.44 14.00
CA SER B 181 17.57 -30.78 13.42
C SER B 181 16.65 -30.13 14.45
N GLY B 182 16.99 -30.21 15.74
CA GLY B 182 16.16 -29.63 16.82
C GLY B 182 14.73 -30.10 16.85
N ASN B 183 14.51 -31.36 16.60
CA ASN B 183 13.16 -31.86 16.33
C ASN B 183 12.98 -33.19 17.08
N ILE B 184 12.66 -33.10 18.37
CA ILE B 184 12.50 -34.34 19.16
C ILE B 184 11.33 -35.17 18.65
N ASP B 185 10.31 -34.54 18.02
CA ASP B 185 9.24 -35.34 17.40
C ASP B 185 9.80 -36.31 16.33
N LYS B 186 10.71 -35.84 15.50
CA LYS B 186 11.32 -36.72 14.49
C LYS B 186 12.11 -37.84 15.17
N CYS B 187 12.79 -37.52 16.30
CA CYS B 187 13.49 -38.58 17.03
C CYS B 187 12.56 -39.65 17.58
N VAL B 188 11.39 -39.24 18.07
CA VAL B 188 10.39 -40.24 18.45
C VAL B 188 9.94 -41.04 17.22
N ASP B 189 9.62 -40.34 16.13
CA ASP B 189 9.16 -41.00 14.90
C ASP B 189 10.13 -42.10 14.47
N LEU B 190 11.43 -41.76 14.45
CA LEU B 190 12.44 -42.70 13.98
C LEU B 190 12.46 -43.97 14.83
N LEU B 191 12.64 -43.81 16.16
CA LEU B 191 12.82 -44.98 17.03
C LEU B 191 11.52 -45.71 17.33
N ALA B 192 10.37 -45.05 17.15
CA ALA B 192 9.12 -45.77 17.31
C ALA B 192 8.88 -46.70 16.14
N HIS B 193 9.30 -46.33 14.92
CA HIS B 193 9.06 -47.19 13.77
C HIS B 193 10.25 -48.10 13.45
N GLU B 194 11.46 -47.76 13.87
CA GLU B 194 12.63 -48.57 13.59
C GLU B 194 13.52 -48.52 14.82
N PRO B 195 13.17 -49.28 15.86
CA PRO B 195 13.92 -49.22 17.13
C PRO B 195 15.30 -49.84 17.04
N ARG B 196 15.67 -50.50 15.93
CA ARG B 196 17.00 -51.08 15.87
C ARG B 196 18.07 -50.11 15.42
N MET B 197 17.72 -48.95 14.90
CA MET B 197 18.74 -48.05 14.48
C MET B 197 19.41 -47.31 15.61
N MET B 198 20.62 -46.84 15.34
CA MET B 198 21.35 -46.05 16.28
C MET B 198 21.15 -44.54 15.99
N LEU B 199 20.34 -43.92 16.81
CA LEU B 199 20.07 -42.50 16.71
C LEU B 199 21.18 -41.81 17.53
N ILE B 200 21.87 -40.87 16.91
CA ILE B 200 22.99 -40.21 17.56
C ILE B 200 22.67 -38.72 17.63
N SER B 201 22.82 -38.13 18.82
CA SER B 201 22.57 -36.69 18.94
C SER B 201 23.68 -35.88 18.28
N GLY B 202 23.31 -34.99 17.34
CA GLY B 202 24.25 -34.00 16.83
C GLY B 202 23.94 -32.59 17.34
N GLU B 203 23.33 -32.51 18.51
CA GLU B 203 22.92 -31.20 19.05
C GLU B 203 23.08 -31.23 20.57
N ASP B 204 24.19 -30.64 21.06
CA ASP B 204 24.62 -30.86 22.45
C ASP B 204 23.54 -30.47 23.46
N ALA B 205 22.87 -29.34 23.26
CA ALA B 205 21.91 -28.91 24.29
C ALA B 205 20.86 -29.98 24.56
N ILE B 206 20.49 -30.81 23.56
CA ILE B 206 19.45 -31.81 23.76
C ILE B 206 20.01 -33.23 23.75
N ASN B 207 21.29 -33.38 24.12
CA ASN B 207 21.85 -34.73 24.21
C ASN B 207 21.00 -35.64 25.10
N TYR B 208 20.66 -35.19 26.31
CA TYR B 208 19.95 -36.06 27.24
C TYR B 208 18.59 -36.46 26.71
N PRO B 209 17.72 -35.55 26.22
CA PRO B 209 16.42 -36.02 25.68
C PRO B 209 16.57 -37.02 24.54
N ILE B 210 17.55 -36.86 23.67
CA ILE B 210 17.70 -37.83 22.58
C ILE B 210 18.11 -39.19 23.16
N LEU B 211 19.06 -39.20 24.10
CA LEU B 211 19.48 -40.47 24.70
C LEU B 211 18.35 -41.12 25.51
N SER B 212 17.59 -40.34 26.28
CA SER B 212 16.56 -40.96 27.12
C SER B 212 15.43 -41.54 26.29
N ASN B 213 15.30 -41.12 25.03
CA ASN B 213 14.32 -41.74 24.14
C ASN B 213 14.87 -42.97 23.39
N GLY B 214 16.06 -43.44 23.73
CA GLY B 214 16.64 -44.60 23.04
C GLY B 214 17.81 -44.29 22.12
N GLY B 215 18.19 -43.02 21.96
CA GLY B 215 19.42 -42.71 21.24
C GLY B 215 20.60 -43.42 21.89
N LYS B 216 21.64 -43.69 21.09
CA LYS B 216 22.73 -44.51 21.62
C LYS B 216 24.10 -43.81 21.57
N GLY B 217 24.14 -42.49 21.40
CA GLY B 217 25.41 -41.80 21.42
C GLY B 217 25.20 -40.34 21.05
N VAL B 218 26.30 -39.61 21.04
CA VAL B 218 26.33 -38.21 20.64
C VAL B 218 27.54 -38.03 19.74
N ILE B 219 27.45 -37.10 18.79
CA ILE B 219 28.64 -36.61 18.10
C ILE B 219 28.71 -35.12 18.45
N SER B 220 29.58 -34.79 19.38
CA SER B 220 29.50 -33.61 20.22
C SER B 220 30.46 -32.50 19.77
N VAL B 221 30.02 -31.25 19.93
CA VAL B 221 30.91 -30.07 19.80
C VAL B 221 31.53 -29.72 21.14
N THR B 222 30.67 -29.61 22.14
CA THR B 222 31.07 -29.27 23.51
C THR B 222 32.17 -30.21 24.04
N SER B 223 32.15 -31.48 23.66
CA SER B 223 33.17 -32.41 24.16
C SER B 223 34.61 -32.04 23.71
N ASN B 224 34.78 -31.23 22.65
CA ASN B 224 36.14 -30.74 22.37
C ASN B 224 36.68 -30.07 23.62
N LEU B 225 35.84 -29.32 24.31
CA LEU B 225 36.24 -28.56 25.49
C LEU B 225 36.10 -29.35 26.78
N LEU B 226 35.00 -30.10 26.90
CA LEU B 226 34.61 -30.75 28.16
C LEU B 226 34.35 -32.24 27.94
N PRO B 227 35.35 -32.98 27.46
CA PRO B 227 35.08 -34.39 27.08
C PRO B 227 34.65 -35.25 28.26
N ASP B 228 35.19 -35.00 29.46
CA ASP B 228 34.81 -35.80 30.62
C ASP B 228 33.33 -35.65 30.94
N MET B 229 32.78 -34.43 30.83
CA MET B 229 31.37 -34.20 31.15
C MET B 229 30.46 -34.85 30.12
N ILE B 230 30.81 -34.72 28.83
CA ILE B 230 29.99 -35.31 27.79
C ILE B 230 30.08 -36.82 27.84
N SER B 231 31.29 -37.34 28.09
CA SER B 231 31.44 -38.78 28.22
C SER B 231 30.61 -39.32 29.38
N ALA B 232 30.66 -38.64 30.52
CA ALA B 232 29.89 -39.10 31.70
C ALA B 232 28.39 -39.04 31.44
N LEU B 233 27.90 -37.90 30.92
CA LEU B 233 26.51 -37.77 30.53
C LEU B 233 26.06 -38.96 29.67
N THR B 234 26.83 -39.26 28.60
CA THR B 234 26.43 -40.33 27.68
C THR B 234 26.39 -41.70 28.37
N HIS B 235 27.41 -42.01 29.17
CA HIS B 235 27.51 -43.34 29.78
C HIS B 235 26.49 -43.52 30.91
N PHE B 236 26.25 -42.47 31.72
CA PHE B 236 25.11 -42.53 32.65
C PHE B 236 23.83 -42.85 31.89
N ALA B 237 23.57 -42.11 30.80
CA ALA B 237 22.31 -42.31 30.09
C ALA B 237 22.17 -43.71 29.51
N LEU B 238 23.25 -44.25 28.93
CA LEU B 238 23.18 -45.59 28.34
C LEU B 238 22.95 -46.65 29.42
N ASP B 239 23.35 -46.39 30.66
CA ASP B 239 23.06 -47.25 31.80
C ASP B 239 21.70 -46.99 32.44
N GLU B 240 20.90 -46.09 31.86
CA GLU B 240 19.60 -45.68 32.36
C GLU B 240 19.69 -45.00 33.73
N ASN B 241 20.85 -44.41 34.03
CA ASN B 241 20.98 -43.50 35.17
C ASN B 241 20.56 -42.10 34.69
N TYR B 242 19.28 -41.95 34.45
CA TYR B 242 18.77 -40.72 33.92
C TYR B 242 18.92 -39.48 34.80
N LYS B 243 18.76 -39.62 36.09
CA LYS B 243 18.96 -38.50 36.98
C LYS B 243 20.31 -37.86 36.75
N GLU B 244 21.35 -38.67 36.68
CA GLU B 244 22.69 -38.19 36.53
C GLU B 244 22.95 -37.60 35.17
N ALA B 245 22.47 -38.28 34.16
CA ALA B 245 22.66 -37.79 32.80
C ALA B 245 21.94 -36.45 32.61
N LYS B 246 20.73 -36.36 33.11
CA LYS B 246 19.98 -35.10 33.06
C LYS B 246 20.70 -33.96 33.80
N LYS B 247 21.18 -34.21 35.00
CA LYS B 247 21.88 -33.22 35.77
C LYS B 247 23.03 -32.60 34.97
N ILE B 248 23.80 -33.45 34.34
CA ILE B 248 24.92 -33.00 33.55
C ILE B 248 24.45 -32.20 32.34
N ASN B 249 23.45 -32.71 31.66
CA ASN B 249 22.88 -32.00 30.51
C ASN B 249 22.43 -30.61 30.93
N ASP B 250 21.79 -30.52 32.10
CA ASP B 250 21.30 -29.25 32.62
C ASP B 250 22.46 -28.32 32.95
N GLU B 251 23.51 -28.86 33.59
CA GLU B 251 24.69 -28.06 33.89
C GLU B 251 25.37 -27.52 32.64
N LEU B 252 25.43 -28.34 31.57
CA LEU B 252 26.07 -27.94 30.32
C LEU B 252 25.22 -27.00 29.46
N TYR B 253 23.97 -26.75 29.84
CA TYR B 253 23.08 -26.04 28.91
C TYR B 253 23.67 -24.67 28.51
N ASN B 254 24.11 -23.87 29.50
CA ASN B 254 24.65 -22.54 29.17
C ASN B 254 25.83 -22.61 28.18
N ILE B 255 26.81 -23.48 28.43
CA ILE B 255 27.92 -23.55 27.49
C ILE B 255 27.48 -24.21 26.18
N ASN B 256 26.57 -25.18 26.26
CA ASN B 256 26.07 -25.75 25.01
C ASN B 256 25.46 -24.67 24.09
N LYS B 257 24.76 -23.72 24.66
CA LYS B 257 24.17 -22.67 23.84
C LYS B 257 25.20 -21.62 23.41
N ILE B 258 26.10 -21.20 24.32
CA ILE B 258 27.03 -20.15 23.94
C ILE B 258 27.96 -20.62 22.82
N LEU B 259 28.20 -21.93 22.73
CA LEU B 259 29.07 -22.45 21.67
C LEU B 259 28.40 -22.37 20.27
N PHE B 260 27.20 -21.80 20.17
CA PHE B 260 26.56 -21.53 18.88
C PHE B 260 26.08 -20.08 18.76
N CYS B 261 26.61 -19.16 19.61
CA CYS B 261 26.38 -17.72 19.40
C CYS B 261 26.79 -17.27 18.01
N GLU B 262 27.82 -17.89 17.42
CA GLU B 262 28.16 -17.76 16.00
C GLU B 262 28.28 -19.17 15.46
N SER B 263 28.31 -19.30 14.13
CA SER B 263 28.31 -20.61 13.48
C SER B 263 29.46 -21.47 13.99
N ASN B 264 29.13 -22.65 14.45
CA ASN B 264 30.13 -23.68 14.75
C ASN B 264 30.99 -23.94 13.51
N PRO B 265 32.34 -24.06 13.66
CA PRO B 265 33.16 -24.11 14.87
C PRO B 265 33.80 -22.81 15.36
N ILE B 266 33.23 -21.66 15.01
CA ILE B 266 33.83 -20.39 15.50
C ILE B 266 33.82 -20.31 17.01
N PRO B 267 32.70 -20.54 17.73
CA PRO B 267 32.79 -20.42 19.20
C PRO B 267 33.66 -21.52 19.85
N ILE B 268 33.61 -22.78 19.36
CA ILE B 268 34.39 -23.83 20.03
C ILE B 268 35.89 -23.63 19.84
N LYS B 269 36.32 -23.27 18.62
CA LYS B 269 37.75 -22.97 18.42
C LYS B 269 38.17 -21.81 19.30
N THR B 270 37.32 -20.79 19.41
CA THR B 270 37.57 -19.66 20.30
C THR B 270 37.72 -20.11 21.74
N ALA B 271 36.83 -20.98 22.22
CA ALA B 271 36.96 -21.49 23.60
C ALA B 271 38.22 -22.34 23.77
N MET B 272 38.54 -23.19 22.78
CA MET B 272 39.75 -24.01 22.90
C MET B 272 41.00 -23.12 22.99
N TYR B 273 41.02 -22.02 22.21
CA TYR B 273 42.14 -21.09 22.28
C TYR B 273 42.20 -20.41 23.63
N LEU B 274 41.05 -19.91 24.11
CA LEU B 274 40.93 -19.29 25.43
C LEU B 274 41.36 -20.22 26.57
N ALA B 275 41.17 -21.52 26.41
CA ALA B 275 41.57 -22.46 27.45
C ALA B 275 43.04 -22.84 27.37
N GLY B 276 43.74 -22.38 26.33
CA GLY B 276 45.12 -22.76 26.13
C GLY B 276 45.33 -24.10 25.50
N LEU B 277 44.30 -24.68 24.85
CA LEU B 277 44.36 -26.00 24.25
C LEU B 277 44.84 -25.98 22.80
N ILE B 278 44.82 -24.83 22.15
CA ILE B 278 45.42 -24.69 20.83
C ILE B 278 46.21 -23.39 20.84
N GLU B 279 47.19 -23.32 19.94
CA GLU B 279 48.13 -22.19 20.00
C GLU B 279 47.54 -20.92 19.40
N SER B 280 46.77 -21.05 18.32
CA SER B 280 46.39 -19.94 17.46
C SER B 280 44.91 -19.99 17.13
N LEU B 281 44.23 -18.85 17.23
CA LEU B 281 42.83 -18.75 16.82
C LEU B 281 42.78 -18.47 15.32
N GLU B 282 42.97 -19.52 14.53
CA GLU B 282 43.03 -19.36 13.08
C GLU B 282 41.93 -20.21 12.48
N PHE B 283 41.18 -19.63 11.52
CA PHE B 283 40.17 -20.32 10.73
C PHE B 283 40.53 -20.20 9.26
N ARG B 284 39.94 -21.06 8.45
CA ARG B 284 40.07 -20.90 7.00
C ARG B 284 38.84 -20.18 6.42
N LEU B 285 39.07 -19.11 5.68
CA LEU B 285 37.98 -18.34 5.13
C LEU B 285 37.04 -19.28 4.34
N PRO B 286 35.72 -19.07 4.40
CA PRO B 286 35.07 -17.86 4.91
C PRO B 286 34.82 -17.82 6.39
N LEU B 287 35.30 -18.82 7.14
CA LEU B 287 35.22 -18.70 8.59
C LEU B 287 36.30 -17.76 9.12
N CYS B 288 36.03 -17.14 10.27
CA CYS B 288 36.93 -16.12 10.81
C CYS B 288 36.63 -16.01 12.30
N SER B 289 37.43 -15.20 12.99
CA SER B 289 37.24 -14.88 14.39
C SER B 289 35.86 -14.35 14.70
N PRO B 290 35.35 -14.59 15.91
CA PRO B 290 34.05 -14.06 16.30
C PRO B 290 34.16 -12.58 16.56
N SER B 291 33.03 -11.93 16.75
CA SER B 291 33.07 -10.54 17.13
C SER B 291 33.64 -10.42 18.53
N LYS B 292 34.08 -9.21 18.86
CA LYS B 292 34.63 -8.91 20.15
C LYS B 292 33.64 -9.19 21.26
N GLU B 293 32.39 -8.84 21.05
CA GLU B 293 31.37 -9.07 22.05
C GLU B 293 31.16 -10.57 22.31
N ASN B 294 31.14 -11.37 21.25
CA ASN B 294 30.91 -12.81 21.43
C ASN B 294 32.13 -13.49 22.03
N PHE B 295 33.32 -13.02 21.66
CA PHE B 295 34.56 -13.44 22.32
C PHE B 295 34.46 -13.27 23.82
N ALA B 296 33.93 -12.14 24.29
CA ALA B 296 33.83 -11.93 25.72
C ALA B 296 32.78 -12.83 26.34
N LYS B 297 31.65 -13.01 25.64
CA LYS B 297 30.58 -13.85 26.16
C LYS B 297 31.07 -15.30 26.32
N ILE B 298 31.80 -15.80 25.31
CA ILE B 298 32.37 -17.14 25.42
C ILE B 298 33.31 -17.21 26.63
N GLU B 299 34.20 -16.23 26.74
CA GLU B 299 35.12 -16.22 27.88
C GLU B 299 34.37 -16.23 29.19
N GLU B 300 33.28 -15.44 29.29
CA GLU B 300 32.54 -15.36 30.54
C GLU B 300 31.83 -16.70 30.86
N VAL B 301 31.23 -17.34 29.86
CA VAL B 301 30.54 -18.60 30.17
C VAL B 301 31.54 -19.68 30.59
N MET B 302 32.74 -19.70 29.96
CA MET B 302 33.77 -20.69 30.27
C MET B 302 34.12 -20.71 31.75
N LYS B 303 34.01 -19.57 32.42
CA LYS B 303 34.42 -19.50 33.82
C LYS B 303 33.60 -20.42 34.72
N LYS B 304 32.42 -20.82 34.27
CA LYS B 304 31.58 -21.60 35.16
C LYS B 304 31.88 -23.09 35.08
N TYR B 305 32.82 -23.50 34.25
CA TYR B 305 33.09 -24.90 34.03
C TYR B 305 34.57 -25.23 34.28
N LYS B 306 34.82 -26.47 34.71
CA LYS B 306 36.17 -26.95 34.93
C LYS B 306 36.66 -27.61 33.66
N ILE B 307 37.68 -27.03 33.05
CA ILE B 307 38.18 -27.47 31.76
C ILE B 307 39.44 -28.29 31.99
N LYS B 308 39.42 -29.55 31.53
CA LYS B 308 40.58 -30.43 31.67
C LYS B 308 41.70 -29.97 30.76
N GLY B 309 42.93 -30.16 31.25
CA GLY B 309 44.12 -29.92 30.47
C GLY B 309 44.58 -31.14 29.70
N PHE B 310 45.88 -31.16 29.38
CA PHE B 310 46.47 -32.27 28.64
C PHE B 310 46.96 -33.30 29.61
N LYS C 15 -18.66 -5.05 -8.94
CA LYS C 15 -18.69 -4.99 -7.48
C LYS C 15 -18.55 -3.57 -6.96
N ASN C 16 -19.21 -3.27 -5.83
CA ASN C 16 -18.90 -2.07 -5.08
C ASN C 16 -17.56 -2.26 -4.36
N ILE C 17 -16.69 -1.25 -4.38
CA ILE C 17 -15.34 -1.41 -3.84
C ILE C 17 -14.99 -0.23 -2.97
N ILE C 18 -13.99 -0.42 -2.12
CA ILE C 18 -13.37 0.66 -1.38
C ILE C 18 -11.86 0.47 -1.53
N ILE C 19 -11.20 1.39 -2.24
CA ILE C 19 -9.79 1.23 -2.61
C ILE C 19 -9.06 2.54 -2.38
N GLY C 20 -7.84 2.67 -2.89
CA GLY C 20 -7.05 3.90 -2.68
C GLY C 20 -6.21 3.90 -1.41
N ALA C 21 -5.83 5.10 -0.97
CA ALA C 21 -4.97 5.26 0.20
C ALA C 21 -5.85 5.21 1.46
N MET C 22 -5.60 4.23 2.34
CA MET C 22 -6.43 4.08 3.54
C MET C 22 -5.55 3.97 4.77
N THR C 23 -6.10 4.41 5.92
CA THR C 23 -5.30 4.47 7.15
C THR C 23 -5.93 3.56 8.20
N ALA C 24 -5.14 2.64 8.72
CA ALA C 24 -5.54 1.85 9.89
C ALA C 24 -5.33 2.72 11.13
N LEU C 25 -6.44 3.29 11.62
CA LEU C 25 -6.42 4.28 12.69
C LEU C 25 -5.96 3.75 14.03
N ILE C 26 -4.99 4.43 14.61
CA ILE C 26 -4.71 4.16 16.01
C ILE C 26 -5.91 4.62 16.85
N THR C 27 -6.06 4.02 18.03
CA THR C 27 -7.08 4.44 18.98
C THR C 27 -6.37 5.10 20.17
N PRO C 28 -6.38 6.43 20.31
CA PRO C 28 -5.71 7.03 21.46
C PRO C 28 -6.53 6.83 22.72
N PHE C 29 -5.82 6.55 23.83
CA PHE C 29 -6.38 6.47 25.17
C PHE C 29 -5.88 7.63 26.04
N LYS C 30 -6.74 8.11 26.91
CA LYS C 30 -6.26 8.99 27.98
C LYS C 30 -6.92 8.56 29.29
N ASN C 31 -6.12 8.36 30.33
CA ASN C 31 -6.57 7.73 31.58
C ASN C 31 -7.45 6.53 31.31
N GLY C 32 -6.97 5.62 30.44
CA GLY C 32 -7.63 4.35 30.25
C GLY C 32 -8.88 4.36 29.39
N LYS C 33 -9.28 5.52 28.88
CA LYS C 33 -10.47 5.64 28.08
C LYS C 33 -10.12 6.19 26.69
N VAL C 34 -10.97 5.85 25.73
CA VAL C 34 -10.80 6.35 24.37
C VAL C 34 -10.92 7.87 24.39
N ASP C 35 -9.90 8.55 23.90
CA ASP C 35 -9.92 10.01 23.79
C ASP C 35 -10.65 10.38 22.50
N GLU C 36 -11.96 10.54 22.61
CA GLU C 36 -12.83 10.82 21.48
C GLU C 36 -12.46 12.03 20.66
N GLN C 37 -12.14 13.11 21.33
CA GLN C 37 -11.76 14.33 20.65
C GLN C 37 -10.51 14.12 19.84
N SER C 38 -9.53 13.51 20.46
CA SER C 38 -8.30 13.22 19.81
C SER C 38 -8.58 12.36 18.59
N TYR C 39 -9.42 11.36 18.74
CA TYR C 39 -9.76 10.48 17.62
C TYR C 39 -10.34 11.26 16.45
N ALA C 40 -11.33 12.13 16.73
CA ALA C 40 -11.91 12.93 15.64
C ALA C 40 -10.86 13.83 14.99
N ARG C 41 -10.01 14.44 15.80
CA ARG C 41 -8.99 15.36 15.32
C ARG C 41 -7.96 14.62 14.44
N LEU C 42 -7.59 13.38 14.82
CA LEU C 42 -6.66 12.59 14.01
C LEU C 42 -7.29 12.20 12.67
N ILE C 43 -8.59 11.90 12.66
CA ILE C 43 -9.26 11.51 11.42
C ILE C 43 -9.37 12.70 10.46
N LYS C 44 -9.72 13.88 10.99
CA LYS C 44 -9.77 15.08 10.16
C LYS C 44 -8.40 15.33 9.53
N ARG C 45 -7.34 15.10 10.31
CA ARG C 45 -5.97 15.22 9.80
C ARG C 45 -5.71 14.25 8.65
N GLN C 46 -6.19 13.00 8.74
CA GLN C 46 -6.06 12.08 7.60
C GLN C 46 -6.81 12.60 6.35
N ILE C 47 -8.06 13.04 6.52
CA ILE C 47 -8.87 13.53 5.42
C ILE C 47 -8.18 14.69 4.74
N GLU C 48 -7.62 15.61 5.53
CA GLU C 48 -7.01 16.82 5.00
C GLU C 48 -5.72 16.52 4.26
N ASN C 49 -5.15 15.33 4.45
CA ASN C 49 -3.89 14.99 3.79
C ASN C 49 -4.06 13.98 2.67
N GLY C 50 -5.25 13.88 2.11
CA GLY C 50 -5.51 13.15 0.86
C GLY C 50 -5.93 11.70 1.03
N ILE C 51 -6.24 11.24 2.24
CA ILE C 51 -6.58 9.84 2.45
C ILE C 51 -7.93 9.53 1.81
N ASP C 52 -8.06 8.33 1.26
CA ASP C 52 -9.31 7.98 0.62
C ASP C 52 -10.29 7.24 1.50
N ALA C 53 -9.80 6.54 2.53
CA ALA C 53 -10.69 5.81 3.41
C ALA C 53 -9.98 5.61 4.74
N VAL C 54 -10.73 5.44 5.81
CA VAL C 54 -10.16 5.21 7.12
C VAL C 54 -10.69 3.89 7.66
N VAL C 55 -9.83 3.22 8.41
CA VAL C 55 -10.19 1.93 9.00
C VAL C 55 -10.26 2.07 10.51
N PRO C 56 -11.43 2.33 11.09
CA PRO C 56 -11.53 2.31 12.55
C PRO C 56 -11.49 0.88 13.07
N VAL C 57 -10.96 0.72 14.29
CA VAL C 57 -10.97 -0.54 15.04
C VAL C 57 -10.45 -1.73 14.21
N GLY C 58 -9.31 -1.56 13.58
CA GLY C 58 -8.55 -2.68 13.02
C GLY C 58 -7.51 -3.10 14.01
N THR C 59 -6.53 -3.88 13.51
CA THR C 59 -5.42 -4.32 14.35
C THR C 59 -4.67 -3.13 14.94
N THR C 60 -4.33 -2.14 14.10
CA THR C 60 -3.62 -0.94 14.54
C THR C 60 -4.45 -0.14 15.54
N GLY C 61 -5.76 -0.32 15.52
CA GLY C 61 -6.70 0.33 16.42
C GLY C 61 -6.93 -0.43 17.72
N GLU C 62 -6.18 -1.51 17.97
CA GLU C 62 -6.31 -2.33 19.17
C GLU C 62 -7.72 -2.91 19.30
N SER C 63 -8.27 -3.35 18.16
CA SER C 63 -9.55 -4.04 18.09
C SER C 63 -9.70 -5.09 19.20
N ALA C 64 -8.63 -5.86 19.49
CA ALA C 64 -8.78 -7.03 20.36
C ALA C 64 -9.18 -6.64 21.79
N THR C 65 -8.83 -5.44 22.23
CA THR C 65 -9.01 -5.06 23.61
C THR C 65 -10.06 -3.96 23.80
N LEU C 66 -10.76 -3.51 22.75
CA LEU C 66 -11.82 -2.51 22.89
C LEU C 66 -13.14 -3.18 23.23
N THR C 67 -13.94 -2.52 24.08
CA THR C 67 -15.31 -3.01 24.34
C THR C 67 -16.22 -2.66 23.17
N HIS C 68 -17.40 -3.32 23.13
CA HIS C 68 -18.41 -3.07 22.08
C HIS C 68 -18.82 -1.58 22.04
N GLU C 69 -19.05 -0.97 23.20
CA GLU C 69 -19.32 0.47 23.34
C GLU C 69 -18.17 1.32 22.81
N GLU C 70 -16.93 0.91 23.06
CA GLU C 70 -15.80 1.64 22.50
C GLU C 70 -15.74 1.47 20.99
N LYS C 71 -15.98 0.26 20.47
CA LYS C 71 -15.96 0.07 19.03
C LYS C 71 -17.08 0.87 18.34
N ARG C 72 -18.28 0.86 18.92
CA ARG C 72 -19.38 1.64 18.37
C ARG C 72 -19.00 3.11 18.31
N THR C 73 -18.39 3.61 19.39
CA THR C 73 -17.95 4.99 19.47
C THR C 73 -16.93 5.30 18.38
N CYS C 74 -15.95 4.42 18.17
CA CYS C 74 -14.93 4.71 17.18
C CYS C 74 -15.52 4.69 15.78
N ILE C 75 -16.40 3.73 15.52
CA ILE C 75 -16.98 3.66 14.18
C ILE C 75 -17.83 4.89 13.91
N GLU C 76 -18.67 5.28 14.89
CA GLU C 76 -19.53 6.46 14.69
C GLU C 76 -18.73 7.75 14.56
N ILE C 77 -17.67 7.91 15.33
CA ILE C 77 -16.84 9.10 15.16
C ILE C 77 -16.23 9.14 13.76
N ALA C 78 -15.77 7.98 13.26
CA ALA C 78 -15.23 7.92 11.91
C ALA C 78 -16.31 8.27 10.90
N VAL C 79 -17.51 7.70 11.05
CA VAL C 79 -18.57 7.98 10.08
C VAL C 79 -18.92 9.46 10.11
N GLU C 80 -19.04 10.05 11.31
CA GLU C 80 -19.47 11.44 11.41
C GLU C 80 -18.42 12.40 10.87
N THR C 81 -17.14 12.12 11.14
CA THR C 81 -16.05 12.98 10.67
C THR C 81 -15.91 12.92 9.15
N CYS C 82 -16.30 11.82 8.49
CA CYS C 82 -16.19 11.73 7.05
C CYS C 82 -17.42 12.24 6.30
N LYS C 83 -18.51 12.52 7.00
CA LYS C 83 -19.71 13.04 6.31
C LYS C 83 -19.35 14.32 5.57
N GLY C 84 -19.90 14.48 4.37
CA GLY C 84 -19.58 15.66 3.59
C GLY C 84 -18.25 15.61 2.88
N THR C 85 -17.54 14.48 2.93
CA THR C 85 -16.28 14.29 2.21
C THR C 85 -16.36 13.01 1.36
N LYS C 86 -15.39 12.84 0.46
CA LYS C 86 -15.34 11.62 -0.32
C LYS C 86 -14.79 10.43 0.46
N VAL C 87 -14.33 10.65 1.68
CA VAL C 87 -13.59 9.60 2.42
C VAL C 87 -14.56 8.58 2.98
N LYS C 88 -14.24 7.28 2.76
CA LYS C 88 -15.07 6.15 3.16
C LYS C 88 -14.61 5.59 4.51
N VAL C 89 -15.53 4.87 5.16
CA VAL C 89 -15.22 4.21 6.44
C VAL C 89 -15.27 2.69 6.19
N LEU C 90 -14.11 2.05 6.33
CA LEU C 90 -13.97 0.59 6.15
C LEU C 90 -13.67 0.03 7.55
N ALA C 91 -14.70 -0.43 8.24
CA ALA C 91 -14.58 -0.76 9.66
C ALA C 91 -14.05 -2.17 9.86
N GLY C 92 -13.11 -2.29 10.78
CA GLY C 92 -12.70 -3.62 11.24
C GLY C 92 -13.88 -4.34 11.85
N ALA C 93 -14.16 -5.59 11.40
CA ALA C 93 -15.29 -6.37 11.88
C ALA C 93 -14.98 -7.87 11.97
N GLY C 94 -13.73 -8.26 11.96
CA GLY C 94 -13.42 -9.67 11.91
C GLY C 94 -13.48 -10.34 13.26
N SER C 95 -13.57 -11.67 13.23
CA SER C 95 -13.48 -12.48 14.45
C SER C 95 -13.08 -13.90 14.10
N ASN C 96 -12.56 -14.63 15.10
CA ASN C 96 -12.30 -16.05 14.86
C ASN C 96 -13.52 -16.92 15.14
N ALA C 97 -14.69 -16.32 15.46
CA ALA C 97 -15.92 -17.09 15.60
C ALA C 97 -16.89 -16.58 14.56
N THR C 98 -17.36 -17.47 13.70
CA THR C 98 -18.17 -17.00 12.59
C THR C 98 -19.41 -16.25 13.09
N HIS C 99 -20.09 -16.76 14.11
CA HIS C 99 -21.28 -16.06 14.62
C HIS C 99 -20.91 -14.67 15.13
N GLU C 100 -19.75 -14.51 15.76
CA GLU C 100 -19.35 -13.18 16.21
C GLU C 100 -18.97 -12.29 15.02
N ALA C 101 -18.30 -12.85 14.00
CA ALA C 101 -17.95 -12.03 12.84
C ALA C 101 -19.18 -11.56 12.09
N VAL C 102 -20.19 -12.43 11.96
CA VAL C 102 -21.44 -12.02 11.33
C VAL C 102 -22.08 -10.88 12.12
N GLY C 103 -22.11 -11.01 13.45
CA GLY C 103 -22.67 -9.95 14.27
C GLY C 103 -21.93 -8.63 14.15
N LEU C 104 -20.59 -8.68 14.08
CA LEU C 104 -19.79 -7.48 14.00
C LEU C 104 -19.97 -6.81 12.64
N ALA C 105 -20.16 -7.59 11.58
CA ALA C 105 -20.43 -6.99 10.27
C ALA C 105 -21.76 -6.22 10.31
N LYS C 106 -22.82 -6.87 10.82
CA LYS C 106 -24.13 -6.19 10.96
C LYS C 106 -24.01 -4.95 11.81
N PHE C 107 -23.28 -5.03 12.92
CA PHE C 107 -23.04 -3.88 13.79
C PHE C 107 -22.38 -2.74 13.02
N ALA C 108 -21.34 -3.07 12.26
CA ALA C 108 -20.62 -2.07 11.49
C ALA C 108 -21.54 -1.38 10.50
N LYS C 109 -22.36 -2.14 9.80
CA LYS C 109 -23.30 -1.57 8.83
C LYS C 109 -24.31 -0.67 9.52
N GLU C 110 -24.85 -1.16 10.64
CA GLU C 110 -25.85 -0.40 11.39
C GLU C 110 -25.33 0.96 11.85
N HIS C 111 -24.03 1.06 12.10
CA HIS C 111 -23.42 2.29 12.60
C HIS C 111 -22.76 3.14 11.51
N GLY C 112 -23.10 2.90 10.26
CA GLY C 112 -22.76 3.82 9.20
C GLY C 112 -21.54 3.49 8.34
N ALA C 113 -20.91 2.32 8.53
CA ALA C 113 -19.71 1.97 7.78
C ALA C 113 -20.04 1.74 6.31
N ASP C 114 -19.11 2.15 5.43
CA ASP C 114 -19.25 1.92 3.99
C ASP C 114 -18.89 0.51 3.58
N GLY C 115 -18.07 -0.16 4.36
CA GLY C 115 -17.71 -1.54 4.07
C GLY C 115 -17.02 -2.07 5.31
N ILE C 116 -16.60 -3.36 5.27
CA ILE C 116 -15.91 -3.93 6.41
C ILE C 116 -14.60 -4.60 5.98
N LEU C 117 -13.60 -4.49 6.85
CA LEU C 117 -12.35 -5.25 6.81
C LEU C 117 -12.55 -6.42 7.77
N SER C 118 -12.28 -7.67 7.33
CA SER C 118 -12.63 -8.84 8.15
C SER C 118 -11.43 -9.78 8.21
N VAL C 119 -10.68 -9.78 9.33
CA VAL C 119 -9.42 -10.53 9.46
C VAL C 119 -9.68 -12.06 9.48
N ALA C 120 -8.75 -12.82 8.92
CA ALA C 120 -8.89 -14.26 8.95
C ALA C 120 -8.92 -14.77 10.40
N PRO C 121 -9.78 -15.73 10.73
CA PRO C 121 -9.81 -16.27 12.10
C PRO C 121 -8.42 -16.59 12.66
N TYR C 122 -8.13 -16.02 13.82
CA TYR C 122 -6.89 -16.18 14.54
C TYR C 122 -7.05 -17.29 15.60
N TYR C 123 -5.95 -17.94 15.94
CA TYR C 123 -5.81 -18.88 17.05
C TYR C 123 -6.41 -20.26 16.77
N ASN C 124 -7.65 -20.36 16.27
CA ASN C 124 -8.25 -21.68 16.08
C ASN C 124 -7.95 -22.33 14.72
N LYS C 125 -7.21 -21.69 13.82
CA LYS C 125 -6.65 -22.33 12.62
C LYS C 125 -7.66 -23.11 11.79
N PRO C 126 -8.71 -22.49 11.27
CA PRO C 126 -9.63 -23.21 10.40
C PRO C 126 -8.94 -23.68 9.12
N THR C 127 -9.52 -24.72 8.50
CA THR C 127 -9.09 -25.21 7.20
C THR C 127 -9.59 -24.27 6.09
N GLN C 128 -9.12 -24.48 4.87
CA GLN C 128 -9.59 -23.62 3.78
C GLN C 128 -11.10 -23.74 3.63
N GLN C 129 -11.62 -24.96 3.77
CA GLN C 129 -13.06 -25.17 3.71
C GLN C 129 -13.77 -24.33 4.77
N GLY C 130 -13.23 -24.35 6.00
CA GLY C 130 -13.84 -23.56 7.07
C GLY C 130 -13.74 -22.06 6.80
N LEU C 131 -12.60 -21.60 6.26
CA LEU C 131 -12.47 -20.19 5.89
C LEU C 131 -13.46 -19.79 4.81
N TYR C 132 -13.66 -20.65 3.81
CA TYR C 132 -14.66 -20.36 2.79
C TYR C 132 -16.04 -20.18 3.44
N GLU C 133 -16.44 -21.12 4.30
CA GLU C 133 -17.76 -21.03 4.93
C GLU C 133 -17.87 -19.85 5.88
N HIS C 134 -16.78 -19.51 6.57
CA HIS C 134 -16.71 -18.35 7.44
C HIS C 134 -17.06 -17.07 6.68
N TYR C 135 -16.32 -16.82 5.61
CA TYR C 135 -16.49 -15.58 4.88
C TYR C 135 -17.78 -15.56 4.07
N LYS C 136 -18.23 -16.72 3.59
CA LYS C 136 -19.53 -16.80 2.92
C LYS C 136 -20.66 -16.36 3.85
N ALA C 137 -20.64 -16.85 5.10
CA ALA C 137 -21.64 -16.42 6.08
C ALA C 137 -21.58 -14.91 6.31
N ILE C 138 -20.38 -14.35 6.44
CA ILE C 138 -20.28 -12.93 6.70
C ILE C 138 -20.86 -12.14 5.53
N ALA C 139 -20.42 -12.50 4.32
CA ALA C 139 -20.78 -11.74 3.13
C ALA C 139 -22.28 -11.78 2.89
N GLN C 140 -22.92 -12.90 3.18
CA GLN C 140 -24.36 -12.98 3.01
C GLN C 140 -25.13 -12.22 4.08
N SER C 141 -24.46 -11.77 5.14
CA SER C 141 -25.16 -11.12 6.24
C SER C 141 -25.34 -9.61 6.08
N VAL C 142 -24.60 -8.96 5.19
CA VAL C 142 -24.72 -7.53 5.01
C VAL C 142 -24.78 -7.28 3.50
N ASP C 143 -25.09 -6.04 3.13
CA ASP C 143 -25.06 -5.69 1.71
C ASP C 143 -24.01 -4.63 1.44
N ILE C 144 -22.94 -4.61 2.24
CA ILE C 144 -21.86 -3.65 2.01
C ILE C 144 -20.59 -4.41 1.63
N PRO C 145 -19.62 -3.76 0.99
CA PRO C 145 -18.41 -4.47 0.55
C PRO C 145 -17.64 -5.09 1.71
N VAL C 146 -17.03 -6.25 1.44
CA VAL C 146 -16.23 -6.99 2.41
C VAL C 146 -14.82 -7.14 1.82
N LEU C 147 -13.80 -6.67 2.54
CA LEU C 147 -12.40 -6.87 2.16
C LEU C 147 -11.83 -7.96 3.08
N LEU C 148 -11.36 -9.07 2.49
CA LEU C 148 -10.68 -10.08 3.30
C LEU C 148 -9.36 -9.52 3.82
N TYR C 149 -8.79 -10.14 4.85
CA TYR C 149 -7.56 -9.64 5.48
C TYR C 149 -6.74 -10.85 5.92
N ASN C 150 -5.60 -11.04 5.26
CA ASN C 150 -4.69 -12.18 5.45
C ASN C 150 -3.43 -11.69 6.17
N VAL C 151 -3.16 -12.21 7.37
CA VAL C 151 -1.95 -11.80 8.09
C VAL C 151 -1.50 -13.02 8.91
N PRO C 152 -0.91 -14.02 8.26
CA PRO C 152 -0.66 -15.33 8.91
C PRO C 152 0.25 -15.24 10.08
N GLY C 153 1.19 -14.28 10.08
CA GLY C 153 2.07 -14.11 11.24
C GLY C 153 1.34 -13.78 12.53
N ARG C 154 0.17 -13.13 12.45
CA ARG C 154 -0.67 -12.91 13.63
C ARG C 154 -1.73 -13.97 13.83
N THR C 155 -2.31 -14.51 12.75
CA THR C 155 -3.46 -15.39 12.91
C THR C 155 -3.08 -16.86 13.10
N GLY C 156 -1.95 -17.30 12.55
CA GLY C 156 -1.61 -18.71 12.56
C GLY C 156 -2.20 -19.49 11.38
N CYS C 157 -2.92 -18.84 10.47
CA CYS C 157 -3.43 -19.53 9.29
C CYS C 157 -3.30 -18.60 8.10
N GLU C 158 -3.46 -19.16 6.92
CA GLU C 158 -3.36 -18.39 5.68
C GLU C 158 -4.64 -18.62 4.88
N ILE C 159 -5.26 -17.56 4.37
CA ILE C 159 -6.28 -17.74 3.35
C ILE C 159 -5.57 -18.01 2.01
N SER C 160 -5.73 -19.22 1.46
CA SER C 160 -5.00 -19.50 0.24
C SER C 160 -5.52 -18.68 -0.93
N THR C 161 -4.70 -18.59 -1.97
CA THR C 161 -5.12 -17.91 -3.18
C THR C 161 -6.41 -18.52 -3.73
N ASP C 162 -6.51 -19.86 -3.78
CA ASP C 162 -7.71 -20.50 -4.32
C ASP C 162 -8.95 -20.13 -3.52
N THR C 163 -8.83 -20.11 -2.19
CA THR C 163 -9.99 -19.74 -1.38
C THR C 163 -10.38 -18.29 -1.60
N ILE C 164 -9.39 -17.38 -1.61
CA ILE C 164 -9.68 -15.98 -1.88
C ILE C 164 -10.40 -15.83 -3.21
N ILE C 165 -9.90 -16.50 -4.25
CA ILE C 165 -10.50 -16.35 -5.58
C ILE C 165 -11.92 -16.93 -5.60
N LYS C 166 -12.15 -18.09 -4.97
CA LYS C 166 -13.51 -18.64 -4.91
C LYS C 166 -14.45 -17.70 -4.20
N LEU C 167 -13.99 -17.10 -3.09
CA LEU C 167 -14.85 -16.18 -2.35
C LEU C 167 -15.21 -14.96 -3.18
N PHE C 168 -14.21 -14.39 -3.85
CA PHE C 168 -14.43 -13.24 -4.71
C PHE C 168 -15.43 -13.56 -5.81
N ARG C 169 -15.29 -14.73 -6.43
CA ARG C 169 -16.19 -15.07 -7.51
C ARG C 169 -17.57 -15.47 -7.00
N ASP C 170 -17.66 -16.10 -5.82
CA ASP C 170 -18.94 -16.67 -5.37
C ASP C 170 -19.81 -15.70 -4.57
N CYS C 171 -19.23 -14.69 -3.94
CA CYS C 171 -19.94 -13.80 -3.02
C CYS C 171 -19.87 -12.39 -3.57
N GLU C 172 -21.06 -11.83 -3.86
CA GLU C 172 -21.17 -10.53 -4.49
C GLU C 172 -20.36 -9.47 -3.77
N ASN C 173 -20.43 -9.45 -2.43
CA ASN C 173 -19.87 -8.36 -1.62
C ASN C 173 -18.37 -8.45 -1.40
N ILE C 174 -17.77 -9.61 -1.58
CA ILE C 174 -16.35 -9.80 -1.30
C ILE C 174 -15.58 -9.31 -2.53
N TYR C 175 -14.79 -8.26 -2.37
CA TYR C 175 -14.20 -7.60 -3.51
C TYR C 175 -12.68 -7.63 -3.55
N GLY C 176 -12.00 -8.19 -2.54
CA GLY C 176 -10.55 -8.28 -2.57
C GLY C 176 -9.94 -8.67 -1.22
N VAL C 177 -8.65 -8.43 -1.07
CA VAL C 177 -7.95 -8.85 0.15
C VAL C 177 -6.85 -7.87 0.51
N KPI C 178 -6.78 -7.52 1.79
CA KPI C 178 -5.65 -6.85 2.37
CB KPI C 178 -6.01 -6.09 3.68
CG KPI C 178 -4.87 -5.42 4.44
CD KPI C 178 -5.35 -4.86 5.80
CE KPI C 178 -4.24 -4.27 6.64
NZ KPI C 178 -4.75 -3.96 7.97
CX1 KPI C 178 -4.04 -3.45 8.92
C1 KPI C 178 -2.77 -2.73 8.79
CX2 KPI C 178 -4.70 -3.18 10.28
O1 KPI C 178 -4.23 -2.55 11.23
O2 KPI C 178 -5.93 -3.71 10.42
C KPI C 178 -4.56 -7.92 2.67
O KPI C 178 -4.80 -8.83 3.47
N GLU C 179 -3.40 -7.83 2.01
CA GLU C 179 -2.33 -8.83 2.20
C GLU C 179 -1.25 -8.30 3.06
N ALA C 180 -1.04 -8.96 4.18
CA ALA C 180 0.04 -8.61 5.08
C ALA C 180 0.84 -9.87 5.35
N SER C 181 1.38 -10.51 4.31
CA SER C 181 2.07 -11.78 4.46
C SER C 181 3.53 -11.72 4.02
N GLY C 182 4.01 -10.55 3.61
CA GLY C 182 5.40 -10.42 3.14
C GLY C 182 5.80 -11.38 2.04
N ASN C 183 4.91 -11.57 1.07
CA ASN C 183 5.04 -12.66 0.09
C ASN C 183 4.57 -12.10 -1.26
N ILE C 184 5.47 -11.45 -1.99
CA ILE C 184 5.03 -10.86 -3.24
C ILE C 184 4.63 -11.93 -4.23
N ASP C 185 5.14 -13.14 -4.08
CA ASP C 185 4.75 -14.26 -4.94
C ASP C 185 3.25 -14.48 -4.85
N LYS C 186 2.72 -14.46 -3.65
CA LYS C 186 1.28 -14.61 -3.46
C LYS C 186 0.52 -13.52 -4.20
N CYS C 187 1.02 -12.31 -4.12
CA CYS C 187 0.41 -11.20 -4.78
C CYS C 187 0.37 -11.41 -6.29
N VAL C 188 1.44 -11.91 -6.85
CA VAL C 188 1.43 -12.22 -8.28
C VAL C 188 0.39 -13.30 -8.59
N ASP C 189 0.43 -14.41 -7.82
CA ASP C 189 -0.50 -15.53 -7.97
C ASP C 189 -1.93 -15.05 -7.98
N LEU C 190 -2.27 -14.17 -7.03
CA LEU C 190 -3.65 -13.69 -6.93
C LEU C 190 -4.08 -12.95 -8.20
N LEU C 191 -3.31 -11.91 -8.55
CA LEU C 191 -3.76 -11.06 -9.65
C LEU C 191 -3.53 -11.69 -11.01
N ALA C 192 -2.67 -12.71 -11.11
CA ALA C 192 -2.48 -13.39 -12.38
C ALA C 192 -3.63 -14.32 -12.68
N HIS C 193 -4.23 -14.91 -11.65
CA HIS C 193 -5.36 -15.80 -11.89
C HIS C 193 -6.72 -15.11 -11.74
N GLU C 194 -6.78 -13.97 -11.04
CA GLU C 194 -8.05 -13.27 -10.86
C GLU C 194 -7.76 -11.77 -10.90
N PRO C 195 -7.56 -11.23 -12.10
CA PRO C 195 -7.17 -9.80 -12.22
C PRO C 195 -8.28 -8.82 -11.87
N ARG C 196 -9.50 -9.24 -11.58
CA ARG C 196 -10.57 -8.30 -11.23
C ARG C 196 -10.64 -7.97 -9.75
N MET C 197 -9.92 -8.70 -8.90
CA MET C 197 -10.04 -8.40 -7.49
C MET C 197 -9.20 -7.18 -7.14
N MET C 198 -9.54 -6.59 -5.99
CA MET C 198 -8.80 -5.48 -5.43
C MET C 198 -7.78 -6.03 -4.43
N LEU C 199 -6.50 -6.05 -4.79
CA LEU C 199 -5.43 -6.41 -3.88
C LEU C 199 -4.99 -5.17 -3.11
N ILE C 200 -5.00 -5.20 -1.78
CA ILE C 200 -4.67 -4.02 -0.98
C ILE C 200 -3.43 -4.33 -0.16
N SER C 201 -2.44 -3.44 -0.18
CA SER C 201 -1.24 -3.70 0.59
C SER C 201 -1.50 -3.55 2.08
N GLY C 202 -1.20 -4.58 2.88
CA GLY C 202 -1.22 -4.38 4.33
C GLY C 202 0.17 -4.36 4.94
N GLU C 203 1.17 -3.93 4.19
CA GLU C 203 2.56 -3.97 4.65
C GLU C 203 3.29 -2.78 4.04
N ASP C 204 3.47 -1.74 4.84
CA ASP C 204 3.88 -0.43 4.29
C ASP C 204 5.19 -0.52 3.50
N ALA C 205 6.17 -1.26 4.03
CA ALA C 205 7.48 -1.27 3.39
C ALA C 205 7.37 -1.72 1.94
N ILE C 206 6.37 -2.55 1.61
CA ILE C 206 6.28 -3.01 0.23
C ILE C 206 5.02 -2.47 -0.48
N ASN C 207 4.53 -1.29 -0.06
CA ASN C 207 3.39 -0.68 -0.74
C ASN C 207 3.62 -0.58 -2.26
N TYR C 208 4.75 0.02 -2.67
CA TYR C 208 4.97 0.26 -4.11
C TYR C 208 5.06 -1.06 -4.89
N PRO C 209 5.82 -2.10 -4.47
CA PRO C 209 5.78 -3.35 -5.25
C PRO C 209 4.37 -3.92 -5.39
N ILE C 210 3.54 -3.88 -4.34
CA ILE C 210 2.18 -4.43 -4.47
C ILE C 210 1.35 -3.60 -5.46
N LEU C 211 1.41 -2.28 -5.35
CA LEU C 211 0.67 -1.41 -6.26
C LEU C 211 1.17 -1.58 -7.70
N SER C 212 2.50 -1.61 -7.88
CA SER C 212 3.07 -1.77 -9.24
C SER C 212 2.63 -3.07 -9.90
N ASN C 213 2.25 -4.07 -9.12
CA ASN C 213 1.75 -5.32 -9.66
C ASN C 213 0.24 -5.27 -9.93
N GLY C 214 -0.41 -4.11 -9.79
CA GLY C 214 -1.84 -4.04 -10.05
C GLY C 214 -2.70 -3.95 -8.80
N GLY C 215 -2.09 -3.97 -7.61
CA GLY C 215 -2.83 -3.65 -6.39
C GLY C 215 -3.44 -2.27 -6.46
N LYS C 216 -4.54 -2.05 -5.72
CA LYS C 216 -5.32 -0.84 -5.95
C LYS C 216 -5.46 0.05 -4.73
N GLY C 217 -4.64 -0.16 -3.72
CA GLY C 217 -4.68 0.66 -2.53
C GLY C 217 -3.81 0.09 -1.44
N VAL C 218 -3.82 0.79 -0.30
CA VAL C 218 -3.03 0.40 0.86
C VAL C 218 -3.93 0.62 2.06
N ILE C 219 -3.77 -0.24 3.08
CA ILE C 219 -4.30 0.03 4.41
C ILE C 219 -3.09 0.13 5.30
N SER C 220 -2.71 1.37 5.63
CA SER C 220 -1.38 1.71 6.09
C SER C 220 -1.34 1.95 7.61
N VAL C 221 -0.18 1.61 8.18
CA VAL C 221 0.20 2.03 9.54
C VAL C 221 0.92 3.37 9.51
N THR C 222 1.91 3.45 8.62
CA THR C 222 2.74 4.64 8.48
C THR C 222 1.92 5.91 8.24
N SER C 223 0.80 5.80 7.52
CA SER C 223 -0.01 6.98 7.20
C SER C 223 -0.60 7.63 8.43
N ASN C 224 -0.66 6.93 9.58
CA ASN C 224 -1.03 7.60 10.83
C ASN C 224 -0.12 8.79 11.09
N LEU C 225 1.18 8.60 10.85
CA LEU C 225 2.18 9.60 11.11
C LEU C 225 2.42 10.47 9.89
N LEU C 226 2.41 9.88 8.67
CA LEU C 226 2.82 10.56 7.45
C LEU C 226 1.73 10.40 6.37
N PRO C 227 0.53 10.90 6.62
CA PRO C 227 -0.57 10.59 5.69
C PRO C 227 -0.36 11.20 4.31
N ASP C 228 0.30 12.37 4.24
CA ASP C 228 0.52 13.02 2.94
C ASP C 228 1.44 12.19 2.06
N MET C 229 2.47 11.61 2.66
CA MET C 229 3.43 10.82 1.90
C MET C 229 2.80 9.51 1.44
N ILE C 230 2.03 8.83 2.32
CA ILE C 230 1.37 7.60 1.89
C ILE C 230 0.30 7.89 0.84
N SER C 231 -0.51 8.95 1.04
CA SER C 231 -1.50 9.24 0.00
C SER C 231 -0.84 9.53 -1.34
N ALA C 232 0.22 10.33 -1.31
CA ALA C 232 0.88 10.70 -2.56
C ALA C 232 1.48 9.46 -3.23
N LEU C 233 2.16 8.63 -2.46
CA LEU C 233 2.67 7.37 -3.00
C LEU C 233 1.56 6.60 -3.71
N THR C 234 0.44 6.40 -3.01
CA THR C 234 -0.62 5.56 -3.53
C THR C 234 -1.22 6.19 -4.79
N HIS C 235 -1.41 7.51 -4.76
CA HIS C 235 -2.07 8.16 -5.91
C HIS C 235 -1.16 8.22 -7.14
N PHE C 236 0.14 8.52 -6.94
CA PHE C 236 1.09 8.40 -8.05
C PHE C 236 1.04 7.02 -8.70
N ALA C 237 1.05 5.96 -7.87
CA ALA C 237 1.03 4.60 -8.43
C ALA C 237 -0.26 4.33 -9.17
N LEU C 238 -1.40 4.76 -8.59
CA LEU C 238 -2.67 4.51 -9.31
C LEU C 238 -2.73 5.31 -10.61
N ASP C 239 -2.00 6.42 -10.70
CA ASP C 239 -1.94 7.20 -11.92
C ASP C 239 -0.87 6.70 -12.88
N GLU C 240 -0.26 5.56 -12.55
CA GLU C 240 0.85 4.97 -13.29
C GLU C 240 2.09 5.87 -13.33
N ASN C 241 2.30 6.77 -12.37
CA ASN C 241 3.58 7.45 -12.21
C ASN C 241 4.42 6.62 -11.24
N TYR C 242 4.89 5.50 -11.75
CA TYR C 242 5.68 4.59 -10.95
C TYR C 242 6.98 5.14 -10.39
N LYS C 243 7.65 5.99 -11.15
CA LYS C 243 8.87 6.58 -10.69
C LYS C 243 8.65 7.38 -9.41
N GLU C 244 7.59 8.15 -9.39
CA GLU C 244 7.32 8.98 -8.22
C GLU C 244 6.86 8.13 -7.05
N ALA C 245 6.02 7.17 -7.32
CA ALA C 245 5.57 6.27 -6.25
C ALA C 245 6.76 5.55 -5.64
N LYS C 246 7.66 5.00 -6.46
CA LYS C 246 8.80 4.26 -5.90
C LYS C 246 9.71 5.17 -5.08
N LYS C 247 9.90 6.42 -5.56
CA LYS C 247 10.76 7.34 -4.80
C LYS C 247 10.23 7.57 -3.39
N ILE C 248 8.93 7.77 -3.24
CA ILE C 248 8.38 7.94 -1.89
C ILE C 248 8.47 6.62 -1.09
N ASN C 249 8.21 5.50 -1.76
CA ASN C 249 8.37 4.22 -1.08
C ASN C 249 9.79 4.06 -0.56
N ASP C 250 10.79 4.42 -1.37
CA ASP C 250 12.18 4.31 -0.92
C ASP C 250 12.46 5.27 0.25
N GLU C 251 12.00 6.52 0.16
CA GLU C 251 12.20 7.47 1.26
C GLU C 251 11.58 6.94 2.55
N LEU C 252 10.43 6.30 2.44
CA LEU C 252 9.72 5.81 3.61
C LEU C 252 10.28 4.51 4.17
N TYR C 253 11.25 3.85 3.52
CA TYR C 253 11.65 2.52 3.99
C TYR C 253 12.07 2.51 5.45
N ASN C 254 12.96 3.44 5.87
CA ASN C 254 13.47 3.37 7.25
C ASN C 254 12.33 3.47 8.26
N ILE C 255 11.44 4.45 8.09
CA ILE C 255 10.36 4.56 9.08
C ILE C 255 9.38 3.39 8.95
N ASN C 256 9.10 2.93 7.72
CA ASN C 256 8.21 1.77 7.56
C ASN C 256 8.75 0.55 8.33
N LYS C 257 10.08 0.39 8.36
CA LYS C 257 10.63 -0.75 9.10
C LYS C 257 10.66 -0.48 10.60
N ILE C 258 11.09 0.70 11.05
CA ILE C 258 11.20 0.93 12.48
C ILE C 258 9.83 0.87 13.17
N LEU C 259 8.75 1.14 12.43
CA LEU C 259 7.41 1.06 13.00
C LEU C 259 6.99 -0.39 13.27
N PHE C 260 7.91 -1.34 13.05
CA PHE C 260 7.65 -2.72 13.43
C PHE C 260 8.79 -3.29 14.28
N CYS C 261 9.65 -2.42 14.83
CA CYS C 261 10.66 -2.84 15.80
C CYS C 261 10.02 -3.56 17.00
N GLU C 262 8.81 -3.19 17.41
CA GLU C 262 7.98 -3.99 18.32
C GLU C 262 6.63 -4.14 17.67
N SER C 263 5.80 -5.03 18.20
CA SER C 263 4.53 -5.32 17.55
C SER C 263 3.69 -4.07 17.33
N ASN C 264 3.28 -3.86 16.10
CA ASN C 264 2.30 -2.82 15.78
C ASN C 264 1.05 -3.02 16.63
N PRO C 265 0.44 -1.95 17.20
CA PRO C 265 0.73 -0.52 17.11
C PRO C 265 1.65 0.11 18.15
N ILE C 266 2.51 -0.66 18.81
CA ILE C 266 3.39 -0.05 19.80
C ILE C 266 4.30 1.00 19.18
N PRO C 267 5.00 0.73 18.07
CA PRO C 267 5.84 1.82 17.53
C PRO C 267 5.05 2.98 16.98
N ILE C 268 3.92 2.76 16.29
CA ILE C 268 3.23 3.90 15.66
C ILE C 268 2.66 4.83 16.73
N LYS C 269 2.08 4.27 17.80
CA LYS C 269 1.57 5.13 18.87
C LYS C 269 2.70 5.89 19.56
N THR C 270 3.83 5.23 19.77
CA THR C 270 5.02 5.89 20.31
C THR C 270 5.46 7.05 19.42
N ALA C 271 5.51 6.83 18.09
CA ALA C 271 5.88 7.92 17.19
C ALA C 271 4.85 9.03 17.23
N MET C 272 3.56 8.70 17.28
CA MET C 272 2.52 9.72 17.30
C MET C 272 2.67 10.60 18.55
N TYR C 273 3.00 9.97 19.69
CA TYR C 273 3.24 10.66 20.95
C TYR C 273 4.47 11.57 20.87
N LEU C 274 5.58 11.03 20.35
CA LEU C 274 6.80 11.80 20.19
C LEU C 274 6.58 13.02 19.31
N ALA C 275 5.67 12.92 18.36
CA ALA C 275 5.41 14.02 17.44
C ALA C 275 4.42 15.02 17.99
N GLY C 276 3.86 14.74 19.17
CA GLY C 276 2.84 15.58 19.78
C GLY C 276 1.47 15.43 19.19
N LEU C 277 1.20 14.36 18.45
CA LEU C 277 -0.10 14.19 17.80
C LEU C 277 -1.11 13.52 18.72
N ILE C 278 -0.66 12.88 19.78
CA ILE C 278 -1.55 12.36 20.83
C ILE C 278 -0.97 12.76 22.17
N GLU C 279 -1.84 12.83 23.18
CA GLU C 279 -1.51 13.38 24.50
C GLU C 279 -0.71 12.41 25.37
N SER C 280 -1.07 11.13 25.34
CA SER C 280 -0.59 10.16 26.32
C SER C 280 -0.17 8.86 25.63
N LEU C 281 0.98 8.33 26.02
CA LEU C 281 1.45 7.07 25.43
C LEU C 281 0.82 5.92 26.22
N GLU C 282 -0.41 5.61 25.87
CA GLU C 282 -1.17 4.59 26.52
C GLU C 282 -1.67 3.48 25.61
N PHE C 283 -1.57 2.27 26.11
CA PHE C 283 -2.06 1.10 25.44
C PHE C 283 -2.90 0.28 26.40
N ARG C 284 -3.63 -0.66 25.85
CA ARG C 284 -4.40 -1.53 26.69
C ARG C 284 -3.67 -2.88 26.81
N LEU C 285 -3.48 -3.37 28.01
CA LEU C 285 -2.81 -4.65 28.20
C LEU C 285 -3.51 -5.73 27.39
N PRO C 286 -2.78 -6.60 26.76
CA PRO C 286 -1.35 -6.83 26.99
C PRO C 286 -0.36 -5.97 26.23
N LEU C 287 -0.81 -5.01 25.43
CA LEU C 287 0.16 -4.11 24.84
C LEU C 287 0.61 -3.10 25.89
N CYS C 288 1.79 -2.53 25.67
CA CYS C 288 2.42 -1.66 26.65
C CYS C 288 3.49 -0.86 25.93
N SER C 289 4.06 0.15 26.64
CA SER C 289 5.15 0.93 26.07
C SER C 289 6.36 0.12 25.60
N PRO C 290 7.09 0.63 24.61
CA PRO C 290 8.25 -0.07 24.10
C PRO C 290 9.41 0.02 25.09
N SER C 291 10.45 -0.71 24.78
CA SER C 291 11.68 -0.67 25.50
C SER C 291 12.31 0.69 25.33
N LYS C 292 13.16 1.05 26.26
CA LYS C 292 13.78 2.34 26.15
C LYS C 292 14.62 2.41 24.88
N GLU C 293 15.27 1.33 24.54
CA GLU C 293 16.12 1.30 23.38
C GLU C 293 15.29 1.56 22.12
N ASN C 294 14.17 0.88 22.01
CA ASN C 294 13.30 1.03 20.87
C ASN C 294 12.68 2.40 20.82
N PHE C 295 12.34 2.93 21.96
CA PHE C 295 11.90 4.33 22.05
C PHE C 295 12.91 5.26 21.39
N ALA C 296 14.17 5.09 21.73
CA ALA C 296 15.23 5.92 21.15
C ALA C 296 15.37 5.64 19.66
N LYS C 297 15.22 4.38 19.25
CA LYS C 297 15.37 4.08 17.83
C LYS C 297 14.27 4.75 17.01
N ILE C 298 13.04 4.72 17.51
CA ILE C 298 11.93 5.35 16.81
C ILE C 298 12.17 6.85 16.69
N GLU C 299 12.51 7.50 17.81
CA GLU C 299 12.81 8.93 17.78
C GLU C 299 13.93 9.25 16.80
N GLU C 300 14.94 8.39 16.74
CA GLU C 300 16.06 8.64 15.84
C GLU C 300 15.61 8.55 14.38
N VAL C 301 14.82 7.54 14.03
CA VAL C 301 14.37 7.37 12.65
C VAL C 301 13.47 8.51 12.23
N MET C 302 12.63 9.01 13.15
CA MET C 302 11.71 10.10 12.83
C MET C 302 12.42 11.36 12.35
N LYS C 303 13.63 11.56 12.78
CA LYS C 303 14.34 12.77 12.46
C LYS C 303 14.49 13.18 11.02
N LYS C 304 14.43 12.25 10.11
CA LYS C 304 14.58 12.57 8.72
C LYS C 304 13.29 12.89 7.98
N TYR C 305 12.18 12.78 8.66
CA TYR C 305 10.88 13.00 8.05
C TYR C 305 10.16 14.26 8.50
N LYS C 306 9.36 14.82 7.61
CA LYS C 306 8.55 16.01 7.94
C LYS C 306 7.15 15.55 8.30
N ILE C 307 6.76 15.77 9.55
CA ILE C 307 5.50 15.25 10.09
C ILE C 307 4.47 16.36 10.13
N LYS C 308 3.38 16.23 9.40
CA LYS C 308 2.36 17.29 9.37
C LYS C 308 1.69 17.37 10.74
N GLY C 309 1.31 18.57 11.14
CA GLY C 309 0.54 18.80 12.35
C GLY C 309 -0.93 18.75 12.05
N PHE C 310 -1.69 19.48 12.86
CA PHE C 310 -3.13 19.54 12.64
C PHE C 310 -3.58 20.66 11.70
N LYS D 15 31.13 1.42 -12.88
CA LYS D 15 31.41 -0.03 -12.82
C LYS D 15 31.11 -0.72 -14.13
N ASN D 16 31.90 -1.73 -14.50
CA ASN D 16 31.52 -2.63 -15.58
C ASN D 16 30.39 -3.54 -15.11
N ILE D 17 29.37 -3.71 -15.94
CA ILE D 17 28.21 -4.46 -15.48
C ILE D 17 27.81 -5.45 -16.55
N ILE D 18 27.10 -6.49 -16.14
CA ILE D 18 26.47 -7.44 -17.04
C ILE D 18 25.04 -7.58 -16.54
N ILE D 19 24.07 -7.07 -17.32
CA ILE D 19 22.70 -6.95 -16.82
C ILE D 19 21.74 -7.42 -17.91
N GLY D 20 20.43 -7.16 -17.76
CA GLY D 20 19.48 -7.62 -18.76
C GLY D 20 18.95 -9.02 -18.53
N ALA D 21 18.39 -9.60 -19.60
CA ALA D 21 17.79 -10.93 -19.57
C ALA D 21 18.89 -11.97 -19.72
N MET D 22 19.06 -12.83 -18.71
CA MET D 22 20.10 -13.85 -18.70
C MET D 22 19.54 -15.22 -18.36
N THR D 23 20.23 -16.27 -18.82
CA THR D 23 19.75 -17.64 -18.66
C THR D 23 20.77 -18.44 -17.86
N ALA D 24 20.33 -19.06 -16.76
CA ALA D 24 21.10 -20.09 -16.06
C ALA D 24 20.97 -21.38 -16.87
N LEU D 25 21.96 -21.65 -17.72
CA LEU D 25 21.90 -22.72 -18.68
C LEU D 25 21.86 -24.09 -18.00
N ILE D 26 20.92 -24.95 -18.40
CA ILE D 26 21.03 -26.36 -18.02
C ILE D 26 22.26 -26.98 -18.67
N THR D 27 22.76 -28.07 -18.07
CA THR D 27 23.88 -28.81 -18.67
C THR D 27 23.35 -30.15 -19.14
N PRO D 28 23.17 -30.34 -20.46
CA PRO D 28 22.64 -31.63 -20.93
C PRO D 28 23.73 -32.70 -20.84
N PHE D 29 23.33 -33.89 -20.39
CA PHE D 29 24.22 -35.07 -20.35
C PHE D 29 23.69 -36.10 -21.32
N LYS D 30 24.61 -36.83 -21.96
CA LYS D 30 24.27 -37.98 -22.79
C LYS D 30 25.19 -39.13 -22.42
N ASN D 31 24.60 -40.27 -22.03
CA ASN D 31 25.38 -41.38 -21.48
C ASN D 31 26.46 -40.90 -20.52
N GLY D 32 26.03 -40.11 -19.55
CA GLY D 32 26.90 -39.70 -18.48
C GLY D 32 27.88 -38.59 -18.79
N LYS D 33 27.95 -38.08 -20.02
CA LYS D 33 28.84 -36.95 -20.27
C LYS D 33 28.13 -35.73 -20.88
N VAL D 34 28.77 -34.60 -20.69
CA VAL D 34 28.26 -33.34 -21.23
C VAL D 34 28.10 -33.46 -22.73
N ASP D 35 26.89 -33.21 -23.20
CA ASP D 35 26.57 -33.20 -24.63
C ASP D 35 26.93 -31.83 -25.20
N GLU D 36 28.15 -31.75 -25.74
CA GLU D 36 28.72 -30.47 -26.15
C GLU D 36 27.97 -29.89 -27.36
N GLN D 37 27.62 -30.72 -28.33
CA GLN D 37 26.82 -30.23 -29.45
C GLN D 37 25.50 -29.68 -28.95
N SER D 38 24.83 -30.39 -28.05
CA SER D 38 23.55 -29.91 -27.51
C SER D 38 23.74 -28.59 -26.81
N TYR D 39 24.79 -28.49 -26.00
CA TYR D 39 25.08 -27.28 -25.24
C TYR D 39 25.25 -26.09 -26.15
N ALA D 40 26.05 -26.26 -27.23
CA ALA D 40 26.22 -25.19 -28.21
C ALA D 40 24.90 -24.85 -28.87
N ARG D 41 24.11 -25.87 -29.25
CA ARG D 41 22.84 -25.61 -29.92
C ARG D 41 21.89 -24.82 -29.04
N LEU D 42 21.88 -25.16 -27.73
CA LEU D 42 20.99 -24.51 -26.76
C LEU D 42 21.36 -23.04 -26.56
N ILE D 43 22.66 -22.71 -26.54
CA ILE D 43 23.10 -21.33 -26.38
C ILE D 43 22.75 -20.51 -27.61
N LYS D 44 22.95 -21.09 -28.80
CA LYS D 44 22.55 -20.39 -30.01
C LYS D 44 21.05 -20.09 -29.99
N ARG D 45 20.23 -21.03 -29.52
CA ARG D 45 18.80 -20.79 -29.40
C ARG D 45 18.49 -19.61 -28.48
N GLN D 46 19.24 -19.47 -27.39
CA GLN D 46 19.05 -18.34 -26.47
C GLN D 46 19.36 -17.03 -27.16
N ILE D 47 20.50 -16.99 -27.86
CA ILE D 47 20.92 -15.80 -28.59
C ILE D 47 19.86 -15.37 -29.59
N GLU D 48 19.30 -16.34 -30.31
CA GLU D 48 18.31 -16.06 -31.33
C GLU D 48 17.01 -15.54 -30.74
N ASN D 49 16.81 -15.68 -29.42
CA ASN D 49 15.56 -15.27 -28.80
C ASN D 49 15.72 -14.08 -27.84
N GLY D 50 16.75 -13.27 -28.07
CA GLY D 50 16.86 -11.96 -27.45
C GLY D 50 17.55 -11.90 -26.10
N ILE D 51 18.17 -12.99 -25.68
CA ILE D 51 18.82 -13.02 -24.37
C ILE D 51 20.08 -12.16 -24.39
N ASP D 52 20.39 -11.50 -23.27
CA ASP D 52 21.54 -10.60 -23.18
C ASP D 52 22.81 -11.25 -22.66
N ALA D 53 22.69 -12.32 -21.89
CA ALA D 53 23.86 -13.00 -21.36
C ALA D 53 23.45 -14.41 -20.99
N VAL D 54 24.43 -15.33 -20.98
CA VAL D 54 24.21 -16.70 -20.53
C VAL D 54 25.12 -16.97 -19.34
N VAL D 55 24.62 -17.80 -18.42
CA VAL D 55 25.27 -18.23 -17.19
C VAL D 55 25.54 -19.73 -17.27
N PRO D 56 26.72 -20.09 -17.75
CA PRO D 56 27.15 -21.49 -17.72
C PRO D 56 27.53 -21.89 -16.30
N VAL D 57 27.33 -23.15 -15.99
CA VAL D 57 27.74 -23.80 -14.73
C VAL D 57 27.35 -22.97 -13.48
N GLY D 58 26.10 -22.55 -13.44
CA GLY D 58 25.50 -22.12 -12.20
C GLY D 58 24.76 -23.27 -11.56
N THR D 59 23.88 -22.94 -10.61
CA THR D 59 23.06 -23.95 -9.94
C THR D 59 22.26 -24.78 -10.92
N THR D 60 21.58 -24.10 -11.86
CA THR D 60 20.73 -24.76 -12.84
C THR D 60 21.55 -25.65 -13.76
N GLY D 61 22.83 -25.35 -13.90
CA GLY D 61 23.72 -26.19 -14.68
C GLY D 61 24.40 -27.30 -13.88
N GLU D 62 24.01 -27.54 -12.61
CA GLU D 62 24.59 -28.62 -11.78
C GLU D 62 26.09 -28.40 -11.51
N SER D 63 26.50 -27.14 -11.29
CA SER D 63 27.88 -26.85 -10.90
C SER D 63 28.44 -27.82 -9.84
N ALA D 64 27.61 -28.18 -8.84
CA ALA D 64 28.12 -28.97 -7.71
C ALA D 64 28.69 -30.33 -8.11
N THR D 65 28.26 -30.88 -9.24
CA THR D 65 28.63 -32.23 -9.62
C THR D 65 29.45 -32.29 -10.92
N LEU D 66 29.79 -31.16 -11.53
CA LEU D 66 30.66 -31.16 -12.73
C LEU D 66 32.11 -31.16 -12.30
N THR D 67 32.95 -31.86 -13.07
CA THR D 67 34.39 -31.84 -12.87
C THR D 67 34.98 -30.52 -13.35
N HIS D 68 36.23 -30.27 -12.97
CA HIS D 68 36.90 -29.06 -13.45
C HIS D 68 36.93 -29.06 -14.98
N GLU D 69 37.16 -30.22 -15.57
CA GLU D 69 37.33 -30.28 -17.01
C GLU D 69 35.99 -30.02 -17.69
N GLU D 70 34.91 -30.56 -17.13
CA GLU D 70 33.57 -30.31 -17.68
C GLU D 70 33.19 -28.85 -17.52
N LYS D 71 33.54 -28.23 -16.39
CA LYS D 71 33.25 -26.80 -16.23
C LYS D 71 33.98 -25.97 -17.27
N ARG D 72 35.26 -26.30 -17.52
CA ARG D 72 36.04 -25.57 -18.54
C ARG D 72 35.38 -25.70 -19.91
N THR D 73 34.95 -26.90 -20.24
CA THR D 73 34.30 -27.14 -21.52
C THR D 73 33.02 -26.30 -21.66
N CYS D 74 32.18 -26.26 -20.62
CA CYS D 74 30.93 -25.52 -20.76
C CYS D 74 31.19 -24.04 -20.92
N ILE D 75 32.13 -23.51 -20.14
CA ILE D 75 32.47 -22.09 -20.22
C ILE D 75 33.06 -21.75 -21.57
N GLU D 76 33.93 -22.61 -22.10
CA GLU D 76 34.54 -22.31 -23.40
C GLU D 76 33.50 -22.35 -24.50
N ILE D 77 32.58 -23.31 -24.44
CA ILE D 77 31.54 -23.40 -25.45
C ILE D 77 30.64 -22.16 -25.41
N ALA D 78 30.27 -21.71 -24.20
CA ALA D 78 29.47 -20.48 -24.08
C ALA D 78 30.20 -19.30 -24.69
N VAL D 79 31.44 -19.12 -24.32
CA VAL D 79 32.27 -18.07 -24.84
C VAL D 79 32.40 -18.09 -26.38
N GLU D 80 32.75 -19.23 -26.93
CA GLU D 80 32.89 -19.38 -28.36
C GLU D 80 31.58 -19.14 -29.10
N THR D 81 30.47 -19.63 -28.56
CA THR D 81 29.21 -19.50 -29.20
C THR D 81 28.74 -18.08 -29.22
N CYS D 82 29.04 -17.35 -28.17
CA CYS D 82 28.60 -15.96 -28.07
C CYS D 82 29.54 -14.97 -28.76
N LYS D 83 30.73 -15.38 -29.16
CA LYS D 83 31.65 -14.50 -29.86
C LYS D 83 31.02 -13.79 -31.04
N GLY D 84 31.15 -12.49 -31.11
CA GLY D 84 30.58 -11.73 -32.19
C GLY D 84 29.10 -11.47 -32.17
N THR D 85 28.42 -11.84 -31.09
CA THR D 85 27.00 -11.61 -31.00
C THR D 85 26.58 -10.56 -30.00
N LYS D 86 27.49 -10.14 -29.16
CA LYS D 86 27.16 -9.18 -28.13
C LYS D 86 26.45 -9.75 -26.91
N VAL D 87 26.19 -11.04 -26.90
CA VAL D 87 25.60 -11.72 -25.77
C VAL D 87 26.78 -12.02 -24.83
N LYS D 88 26.67 -11.67 -23.57
CA LYS D 88 27.78 -11.83 -22.64
C LYS D 88 27.76 -13.18 -21.91
N VAL D 89 28.90 -13.56 -21.34
CA VAL D 89 29.02 -14.82 -20.57
C VAL D 89 29.34 -14.52 -19.12
N LEU D 90 28.38 -14.84 -18.23
CA LEU D 90 28.53 -14.61 -16.80
C LEU D 90 28.69 -15.99 -16.13
N ALA D 91 29.93 -16.38 -15.86
CA ALA D 91 30.24 -17.75 -15.46
C ALA D 91 30.00 -18.01 -13.97
N GLY D 92 29.38 -19.12 -13.67
CA GLY D 92 29.31 -19.55 -12.29
C GLY D 92 30.70 -19.83 -11.77
N ALA D 93 31.04 -19.26 -10.62
CA ALA D 93 32.38 -19.48 -10.06
C ALA D 93 32.37 -19.51 -8.53
N GLY D 94 31.24 -19.74 -7.87
CA GLY D 94 31.24 -19.64 -6.41
C GLY D 94 31.74 -20.92 -5.73
N SER D 95 32.10 -20.78 -4.46
CA SER D 95 32.39 -21.95 -3.62
C SER D 95 32.21 -21.56 -2.16
N ASN D 96 32.03 -22.57 -1.30
CA ASN D 96 32.02 -22.29 0.15
C ASN D 96 33.42 -22.29 0.77
N ALA D 97 34.48 -22.51 0.00
CA ALA D 97 35.85 -22.31 0.48
C ALA D 97 36.46 -21.14 -0.27
N THR D 98 36.92 -20.13 0.47
CA THR D 98 37.38 -18.92 -0.19
C THR D 98 38.52 -19.19 -1.16
N HIS D 99 39.51 -20.02 -0.77
CA HIS D 99 40.61 -20.33 -1.69
C HIS D 99 40.12 -20.99 -2.95
N GLU D 100 39.07 -21.84 -2.87
CA GLU D 100 38.51 -22.43 -4.07
C GLU D 100 37.75 -21.39 -4.91
N ALA D 101 37.03 -20.47 -4.25
CA ALA D 101 36.27 -19.47 -4.99
C ALA D 101 37.19 -18.57 -5.81
N VAL D 102 38.34 -18.21 -5.21
CA VAL D 102 39.37 -17.42 -5.90
C VAL D 102 39.88 -18.17 -7.12
N GLY D 103 40.18 -19.47 -6.95
CA GLY D 103 40.62 -20.28 -8.09
C GLY D 103 39.59 -20.36 -9.20
N LEU D 104 38.31 -20.56 -8.83
CA LEU D 104 37.29 -20.64 -9.87
C LEU D 104 37.09 -19.29 -10.57
N ALA D 105 37.23 -18.18 -9.83
CA ALA D 105 37.12 -16.87 -10.47
C ALA D 105 38.24 -16.66 -11.50
N LYS D 106 39.51 -16.93 -11.11
CA LYS D 106 40.61 -16.80 -12.06
C LYS D 106 40.42 -17.73 -13.26
N PHE D 107 39.99 -18.95 -13.00
CA PHE D 107 39.74 -19.95 -14.02
C PHE D 107 38.70 -19.47 -15.04
N ALA D 108 37.58 -18.93 -14.56
CA ALA D 108 36.53 -18.44 -15.46
C ALA D 108 37.08 -17.33 -16.34
N LYS D 109 37.80 -16.40 -15.73
CA LYS D 109 38.39 -15.29 -16.47
C LYS D 109 39.34 -15.84 -17.52
N GLU D 110 40.21 -16.76 -17.13
CA GLU D 110 41.14 -17.24 -18.15
C GLU D 110 40.44 -17.95 -19.31
N HIS D 111 39.28 -18.57 -19.09
CA HIS D 111 38.62 -19.21 -20.21
C HIS D 111 37.63 -18.27 -20.91
N GLY D 112 37.75 -16.97 -20.69
CA GLY D 112 37.01 -16.04 -21.56
C GLY D 112 35.72 -15.45 -21.03
N ALA D 113 35.36 -15.68 -19.75
CA ALA D 113 34.11 -15.10 -19.23
C ALA D 113 34.18 -13.59 -19.17
N ASP D 114 33.05 -12.94 -19.45
CA ASP D 114 32.95 -11.50 -19.26
C ASP D 114 32.80 -11.13 -17.80
N GLY D 115 32.26 -12.04 -16.98
CA GLY D 115 32.09 -11.79 -15.56
C GLY D 115 31.80 -13.13 -14.85
N ILE D 116 31.67 -13.05 -13.54
CA ILE D 116 31.35 -14.24 -12.75
C ILE D 116 30.15 -13.97 -11.83
N LEU D 117 29.37 -15.02 -11.65
CA LEU D 117 28.36 -15.15 -10.60
C LEU D 117 28.98 -15.98 -9.48
N SER D 118 28.86 -15.52 -8.23
CA SER D 118 29.60 -16.19 -7.13
C SER D 118 28.65 -16.39 -5.94
N VAL D 119 28.18 -17.64 -5.74
CA VAL D 119 27.13 -17.90 -4.75
C VAL D 119 27.70 -17.76 -3.34
N ALA D 120 26.87 -17.27 -2.42
CA ALA D 120 27.28 -17.17 -1.04
C ALA D 120 27.68 -18.56 -0.54
N PRO D 121 28.74 -18.68 0.24
CA PRO D 121 29.15 -20.00 0.78
C PRO D 121 28.01 -20.80 1.43
N TYR D 122 27.88 -22.05 0.98
CA TYR D 122 26.84 -22.97 1.39
C TYR D 122 27.42 -23.91 2.45
N TYR D 123 26.54 -24.37 3.34
CA TYR D 123 26.83 -25.42 4.36
C TYR D 123 27.62 -24.93 5.58
N ASN D 124 28.76 -24.21 5.42
CA ASN D 124 29.55 -23.80 6.59
C ASN D 124 29.11 -22.49 7.25
N LYS D 125 28.10 -21.82 6.72
CA LYS D 125 27.44 -20.71 7.40
C LYS D 125 28.42 -19.65 7.92
N PRO D 126 29.20 -18.99 7.05
CA PRO D 126 30.07 -17.92 7.53
C PRO D 126 29.25 -16.77 8.12
N THR D 127 29.87 -16.03 9.04
CA THR D 127 29.26 -14.80 9.55
C THR D 127 29.34 -13.69 8.49
N GLN D 128 28.68 -12.56 8.75
CA GLN D 128 28.70 -11.43 7.80
C GLN D 128 30.13 -10.91 7.58
N GLN D 129 30.93 -10.83 8.66
CA GLN D 129 32.35 -10.51 8.53
C GLN D 129 33.03 -11.51 7.61
N GLY D 130 32.72 -12.81 7.78
CA GLY D 130 33.33 -13.81 6.92
C GLY D 130 32.93 -13.68 5.46
N LEU D 131 31.64 -13.40 5.20
CA LEU D 131 31.15 -13.20 3.83
C LEU D 131 31.84 -12.01 3.16
N TYR D 132 32.00 -10.91 3.90
CA TYR D 132 32.74 -9.75 3.42
C TYR D 132 34.16 -10.13 3.02
N GLU D 133 34.89 -10.78 3.93
CA GLU D 133 36.26 -11.15 3.62
C GLU D 133 36.32 -12.13 2.46
N HIS D 134 35.34 -13.04 2.38
CA HIS D 134 35.25 -13.99 1.27
C HIS D 134 35.15 -13.29 -0.09
N TYR D 135 34.17 -12.41 -0.21
CA TYR D 135 33.94 -11.81 -1.51
C TYR D 135 35.01 -10.76 -1.84
N LYS D 136 35.51 -10.06 -0.81
CA LYS D 136 36.64 -9.16 -1.05
C LYS D 136 37.83 -9.91 -1.61
N ALA D 137 38.13 -11.09 -1.08
CA ALA D 137 39.22 -11.92 -1.63
C ALA D 137 38.97 -12.25 -3.09
N ILE D 138 37.73 -12.64 -3.42
CA ILE D 138 37.39 -12.97 -4.80
C ILE D 138 37.54 -11.73 -5.70
N ALA D 139 36.99 -10.61 -5.26
CA ALA D 139 36.97 -9.40 -6.08
C ALA D 139 38.39 -8.93 -6.41
N GLN D 140 39.32 -9.05 -5.47
CA GLN D 140 40.70 -8.63 -5.68
C GLN D 140 41.48 -9.59 -6.55
N SER D 141 40.93 -10.75 -6.86
CA SER D 141 41.63 -11.80 -7.58
C SER D 141 41.52 -11.69 -9.10
N VAL D 142 40.50 -10.96 -9.60
CA VAL D 142 40.28 -10.81 -11.03
C VAL D 142 39.97 -9.34 -11.31
N ASP D 143 39.92 -8.99 -12.57
CA ASP D 143 39.56 -7.63 -12.92
C ASP D 143 38.28 -7.62 -13.74
N ILE D 144 37.42 -8.61 -13.55
CA ILE D 144 36.18 -8.68 -14.30
C ILE D 144 35.03 -8.55 -13.31
N PRO D 145 33.85 -8.18 -13.79
CA PRO D 145 32.71 -7.96 -12.88
C PRO D 145 32.35 -9.19 -12.05
N VAL D 146 31.93 -8.96 -10.80
CA VAL D 146 31.52 -10.02 -9.87
C VAL D 146 30.07 -9.69 -9.47
N LEU D 147 29.15 -10.60 -9.72
CA LEU D 147 27.79 -10.49 -9.22
C LEU D 147 27.64 -11.46 -8.03
N LEU D 148 27.31 -10.91 -6.85
CA LEU D 148 26.99 -11.74 -5.70
C LEU D 148 25.72 -12.52 -5.97
N TYR D 149 25.51 -13.62 -5.21
CA TYR D 149 24.34 -14.47 -5.43
C TYR D 149 23.88 -14.97 -4.06
N ASN D 150 22.69 -14.53 -3.68
CA ASN D 150 22.09 -14.78 -2.38
C ASN D 150 20.92 -15.76 -2.56
N VAL D 151 21.01 -16.94 -1.94
CA VAL D 151 19.95 -17.93 -2.07
C VAL D 151 19.91 -18.72 -0.76
N PRO D 152 19.39 -18.09 0.30
CA PRO D 152 19.51 -18.70 1.66
C PRO D 152 18.85 -20.05 1.79
N GLY D 153 17.77 -20.32 1.03
CA GLY D 153 17.15 -21.63 1.14
C GLY D 153 18.08 -22.75 0.70
N ARG D 154 19.07 -22.45 -0.15
CA ARG D 154 20.05 -23.46 -0.52
C ARG D 154 21.32 -23.39 0.31
N THR D 155 21.78 -22.21 0.70
CA THR D 155 23.09 -22.11 1.33
C THR D 155 23.06 -22.24 2.86
N GLY D 156 21.95 -21.89 3.50
CA GLY D 156 21.90 -21.83 4.97
C GLY D 156 22.34 -20.51 5.55
N CYS D 157 22.71 -19.54 4.72
CA CYS D 157 23.09 -18.24 5.25
C CYS D 157 22.50 -17.18 4.33
N GLU D 158 22.52 -15.96 4.78
CA GLU D 158 21.98 -14.84 4.02
C GLU D 158 23.09 -13.79 3.91
N ILE D 159 23.35 -13.24 2.72
CA ILE D 159 24.21 -12.03 2.68
C ILE D 159 23.34 -10.83 3.07
N SER D 160 23.66 -10.17 4.19
CA SER D 160 22.78 -9.10 4.64
C SER D 160 22.79 -7.93 3.66
N THR D 161 21.74 -7.09 3.72
CA THR D 161 21.75 -5.86 2.93
C THR D 161 23.00 -5.02 3.23
N ASP D 162 23.36 -4.87 4.49
CA ASP D 162 24.58 -4.10 4.80
C ASP D 162 25.84 -4.74 4.22
N THR D 163 25.94 -6.05 4.27
CA THR D 163 27.15 -6.65 3.71
C THR D 163 27.21 -6.47 2.21
N ILE D 164 26.10 -6.66 1.53
CA ILE D 164 26.03 -6.43 0.10
C ILE D 164 26.42 -4.99 -0.24
N ILE D 165 25.87 -4.02 0.49
CA ILE D 165 26.14 -2.62 0.14
C ILE D 165 27.60 -2.27 0.40
N LYS D 166 28.17 -2.75 1.51
CA LYS D 166 29.58 -2.51 1.79
C LYS D 166 30.46 -3.10 0.70
N LEU D 167 30.16 -4.33 0.26
CA LEU D 167 30.98 -4.95 -0.78
C LEU D 167 30.90 -4.16 -2.08
N PHE D 168 29.69 -3.73 -2.45
CA PHE D 168 29.49 -2.93 -3.65
C PHE D 168 30.30 -1.65 -3.61
N ARG D 169 30.34 -1.00 -2.44
CA ARG D 169 31.04 0.26 -2.27
C ARG D 169 32.55 0.08 -2.12
N ASP D 170 33.00 -1.03 -1.54
CA ASP D 170 34.42 -1.16 -1.27
C ASP D 170 35.22 -1.84 -2.37
N CYS D 171 34.58 -2.64 -3.23
CA CYS D 171 35.27 -3.51 -4.18
C CYS D 171 34.83 -3.10 -5.58
N GLU D 172 35.79 -2.67 -6.38
CA GLU D 172 35.51 -2.11 -7.69
C GLU D 172 34.66 -3.02 -8.56
N ASN D 173 34.99 -4.30 -8.61
CA ASN D 173 34.27 -5.08 -9.59
C ASN D 173 32.97 -5.71 -9.08
N ILE D 174 32.65 -5.59 -7.80
CA ILE D 174 31.38 -6.10 -7.29
C ILE D 174 30.31 -5.08 -7.64
N TYR D 175 29.38 -5.46 -8.52
CA TYR D 175 28.45 -4.48 -9.08
C TYR D 175 26.98 -4.76 -8.73
N GLY D 176 26.67 -5.85 -8.02
CA GLY D 176 25.29 -6.09 -7.64
C GLY D 176 25.07 -7.51 -7.13
N VAL D 177 23.80 -7.91 -7.10
CA VAL D 177 23.41 -9.19 -6.47
C VAL D 177 22.26 -9.85 -7.18
N KPI D 178 22.39 -11.16 -7.46
CA KPI D 178 21.29 -12.02 -7.85
CB KPI D 178 21.81 -13.26 -8.64
CG KPI D 178 20.75 -14.30 -8.95
CD KPI D 178 21.35 -15.54 -9.62
CE KPI D 178 20.37 -16.70 -9.81
NZ KPI D 178 21.04 -17.92 -10.29
CX1 KPI D 178 20.47 -19.02 -10.57
C1 KPI D 178 19.04 -19.32 -10.85
CX2 KPI D 178 21.34 -20.19 -10.99
O1 KPI D 178 22.69 -20.04 -10.78
O2 KPI D 178 20.95 -21.25 -11.49
C KPI D 178 20.52 -12.48 -6.59
O KPI D 178 21.09 -13.16 -5.76
N GLU D 179 19.24 -12.06 -6.43
CA GLU D 179 18.46 -12.38 -5.23
C GLU D 179 17.44 -13.48 -5.53
N ALA D 180 17.58 -14.58 -4.78
CA ALA D 180 16.69 -15.74 -4.84
C ALA D 180 16.25 -16.06 -3.41
N SER D 181 15.66 -15.09 -2.74
CA SER D 181 15.31 -15.21 -1.33
C SER D 181 13.81 -15.06 -1.09
N GLY D 182 13.00 -14.86 -2.12
CA GLY D 182 11.56 -14.71 -1.90
C GLY D 182 11.20 -13.58 -0.94
N ASN D 183 11.89 -12.45 -1.04
CA ASN D 183 11.76 -11.40 0.00
C ASN D 183 11.82 -10.05 -0.74
N ILE D 184 10.67 -9.59 -1.24
CA ILE D 184 10.69 -8.31 -1.95
C ILE D 184 11.06 -7.17 -1.00
N ASP D 185 10.78 -7.34 0.32
CA ASP D 185 11.22 -6.32 1.27
C ASP D 185 12.75 -6.12 1.20
N LYS D 186 13.50 -7.20 1.06
CA LYS D 186 14.94 -7.06 0.96
C LYS D 186 15.36 -6.29 -0.29
N CYS D 187 14.67 -6.56 -1.39
CA CYS D 187 14.92 -5.85 -2.64
C CYS D 187 14.64 -4.36 -2.50
N VAL D 188 13.58 -4.00 -1.79
CA VAL D 188 13.34 -2.58 -1.53
C VAL D 188 14.48 -2.01 -0.68
N ASP D 189 14.84 -2.72 0.39
CA ASP D 189 15.91 -2.28 1.29
C ASP D 189 17.20 -1.99 0.52
N LEU D 190 17.61 -2.93 -0.34
CA LEU D 190 18.84 -2.82 -1.10
C LEU D 190 18.86 -1.55 -1.96
N LEU D 191 17.85 -1.38 -2.79
CA LEU D 191 17.86 -0.28 -3.76
C LEU D 191 17.44 1.04 -3.13
N ALA D 192 16.76 1.02 -1.98
CA ALA D 192 16.48 2.30 -1.34
C ALA D 192 17.73 2.86 -0.72
N HIS D 193 18.66 2.01 -0.27
CA HIS D 193 19.84 2.54 0.40
C HIS D 193 21.04 2.61 -0.53
N GLU D 194 21.06 1.83 -1.61
CA GLU D 194 22.18 1.86 -2.57
C GLU D 194 21.57 1.72 -3.96
N PRO D 195 21.01 2.81 -4.49
CA PRO D 195 20.32 2.72 -5.79
C PRO D 195 21.24 2.50 -7.01
N ARG D 196 22.55 2.53 -6.88
CA ARG D 196 23.45 2.33 -8.01
C ARG D 196 23.77 0.86 -8.27
N MET D 197 23.40 -0.05 -7.36
CA MET D 197 23.74 -1.45 -7.60
C MET D 197 22.80 -2.06 -8.62
N MET D 198 23.26 -3.15 -9.22
CA MET D 198 22.43 -3.90 -10.14
C MET D 198 21.80 -5.04 -9.35
N LEU D 199 20.51 -4.90 -9.02
CA LEU D 199 19.73 -5.99 -8.44
C LEU D 199 19.20 -6.87 -9.55
N ILE D 200 19.48 -8.18 -9.49
CA ILE D 200 19.09 -9.12 -10.56
C ILE D 200 18.11 -10.14 -9.96
N SER D 201 16.97 -10.36 -10.61
CA SER D 201 16.04 -11.38 -10.09
C SER D 201 16.60 -12.79 -10.27
N GLY D 202 16.65 -13.56 -9.17
CA GLY D 202 17.00 -14.97 -9.24
C GLY D 202 15.79 -15.85 -8.98
N GLU D 203 14.59 -15.30 -9.21
CA GLU D 203 13.37 -16.03 -8.82
C GLU D 203 12.30 -15.70 -9.86
N ASP D 204 12.09 -16.62 -10.81
CA ASP D 204 11.34 -16.29 -12.03
C ASP D 204 9.94 -15.76 -11.73
N ALA D 205 9.21 -16.39 -10.79
CA ALA D 205 7.81 -16.02 -10.57
C ALA D 205 7.66 -14.54 -10.22
N ILE D 206 8.67 -13.95 -9.59
CA ILE D 206 8.63 -12.53 -9.23
C ILE D 206 9.63 -11.68 -10.04
N ASN D 207 9.96 -12.08 -11.25
CA ASN D 207 10.79 -11.23 -12.16
C ASN D 207 10.22 -9.80 -12.28
N TYR D 208 8.92 -9.67 -12.62
CA TYR D 208 8.39 -8.32 -12.83
C TYR D 208 8.43 -7.47 -11.56
N PRO D 209 7.96 -7.94 -10.39
CA PRO D 209 8.09 -7.07 -9.20
C PRO D 209 9.51 -6.65 -8.91
N ILE D 210 10.50 -7.52 -9.12
CA ILE D 210 11.86 -7.07 -8.86
C ILE D 210 12.29 -6.00 -9.88
N LEU D 211 11.94 -6.20 -11.14
CA LEU D 211 12.32 -5.23 -12.19
C LEU D 211 11.61 -3.91 -11.98
N SER D 212 10.30 -3.96 -11.65
CA SER D 212 9.50 -2.74 -11.46
C SER D 212 10.02 -1.89 -10.31
N ASN D 213 10.78 -2.49 -9.37
CA ASN D 213 11.37 -1.74 -8.28
C ASN D 213 12.77 -1.21 -8.62
N GLY D 214 13.22 -1.35 -9.86
CA GLY D 214 14.54 -0.87 -10.22
C GLY D 214 15.58 -1.94 -10.46
N GLY D 215 15.22 -3.22 -10.28
CA GLY D 215 16.12 -4.27 -10.71
C GLY D 215 16.43 -4.15 -12.19
N LYS D 216 17.61 -4.64 -12.58
CA LYS D 216 18.14 -4.39 -13.93
C LYS D 216 18.33 -5.66 -14.71
N GLY D 217 17.81 -6.79 -14.23
CA GLY D 217 17.88 -7.99 -15.04
C GLY D 217 17.36 -9.20 -14.27
N VAL D 218 17.45 -10.36 -14.94
CA VAL D 218 17.04 -11.65 -14.39
C VAL D 218 18.13 -12.66 -14.76
N ILE D 219 18.35 -13.65 -13.88
CA ILE D 219 19.09 -14.85 -14.23
C ILE D 219 18.10 -15.99 -14.05
N SER D 220 17.59 -16.46 -15.18
CA SER D 220 16.33 -17.15 -15.24
C SER D 220 16.52 -18.65 -15.42
N VAL D 221 15.60 -19.41 -14.84
CA VAL D 221 15.47 -20.84 -15.11
C VAL D 221 14.52 -21.07 -16.27
N THR D 222 13.36 -20.45 -16.19
CA THR D 222 12.29 -20.56 -17.19
C THR D 222 12.77 -20.21 -18.60
N SER D 223 13.70 -19.27 -18.75
CA SER D 223 14.17 -18.87 -20.08
C SER D 223 14.86 -20.01 -20.82
N ASN D 224 15.32 -21.05 -20.11
CA ASN D 224 15.82 -22.24 -20.82
C ASN D 224 14.79 -22.76 -21.79
N LEU D 225 13.51 -22.78 -21.37
CA LEU D 225 12.43 -23.30 -22.17
C LEU D 225 11.78 -22.20 -23.03
N LEU D 226 11.64 -21.00 -22.46
CA LEU D 226 10.85 -19.90 -23.06
C LEU D 226 11.73 -18.65 -23.13
N PRO D 227 12.86 -18.71 -23.84
CA PRO D 227 13.78 -17.55 -23.79
C PRO D 227 13.17 -16.27 -24.36
N ASP D 228 12.32 -16.38 -25.37
CA ASP D 228 11.69 -15.20 -25.97
C ASP D 228 10.77 -14.50 -24.96
N MET D 229 10.06 -15.27 -24.16
CA MET D 229 9.10 -14.69 -23.20
C MET D 229 9.82 -14.01 -22.05
N ILE D 230 10.87 -14.64 -21.52
CA ILE D 230 11.62 -13.99 -20.43
C ILE D 230 12.40 -12.77 -20.94
N SER D 231 12.99 -12.86 -22.14
CA SER D 231 13.73 -11.70 -22.61
C SER D 231 12.76 -10.54 -22.92
N ALA D 232 11.60 -10.82 -23.52
CA ALA D 232 10.65 -9.73 -23.78
C ALA D 232 10.18 -9.12 -22.46
N LEU D 233 9.80 -9.98 -21.51
CA LEU D 233 9.43 -9.47 -20.18
C LEU D 233 10.46 -8.49 -19.66
N THR D 234 11.71 -8.93 -19.65
CA THR D 234 12.77 -8.10 -19.10
C THR D 234 12.91 -6.78 -19.87
N HIS D 235 12.86 -6.85 -21.18
CA HIS D 235 13.10 -5.66 -22.00
C HIS D 235 11.93 -4.66 -21.92
N PHE D 236 10.69 -5.15 -21.92
CA PHE D 236 9.55 -4.28 -21.63
C PHE D 236 9.77 -3.54 -20.31
N ALA D 237 10.15 -4.28 -19.23
CA ALA D 237 10.29 -3.64 -17.91
C ALA D 237 11.39 -2.59 -17.91
N LEU D 238 12.56 -2.90 -18.51
CA LEU D 238 13.65 -1.92 -18.56
C LEU D 238 13.25 -0.69 -19.34
N ASP D 239 12.34 -0.83 -20.27
CA ASP D 239 11.83 0.29 -21.04
C ASP D 239 10.61 0.92 -20.41
N GLU D 240 10.27 0.52 -19.19
CA GLU D 240 9.19 1.13 -18.42
C GLU D 240 7.84 0.87 -19.04
N ASN D 241 7.73 -0.20 -19.84
CA ASN D 241 6.43 -0.66 -20.26
C ASN D 241 5.95 -1.72 -19.23
N TYR D 242 5.51 -1.22 -18.06
CA TYR D 242 5.18 -2.15 -16.97
C TYR D 242 3.94 -2.95 -17.26
N LYS D 243 2.98 -2.40 -18.02
CA LYS D 243 1.79 -3.18 -18.35
C LYS D 243 2.13 -4.45 -19.11
N GLU D 244 2.99 -4.35 -20.12
CA GLU D 244 3.32 -5.54 -20.91
C GLU D 244 4.29 -6.46 -20.15
N ALA D 245 5.23 -5.91 -19.37
CA ALA D 245 6.08 -6.78 -18.57
C ALA D 245 5.24 -7.56 -17.55
N LYS D 246 4.30 -6.90 -16.89
CA LYS D 246 3.47 -7.64 -15.93
C LYS D 246 2.60 -8.70 -16.62
N LYS D 247 2.09 -8.39 -17.82
CA LYS D 247 1.26 -9.37 -18.54
C LYS D 247 2.05 -10.64 -18.79
N ILE D 248 3.29 -10.52 -19.22
CA ILE D 248 4.07 -11.73 -19.44
C ILE D 248 4.39 -12.43 -18.13
N ASN D 249 4.76 -11.67 -17.09
CA ASN D 249 5.00 -12.25 -15.78
C ASN D 249 3.78 -13.04 -15.30
N ASP D 250 2.58 -12.49 -15.52
CA ASP D 250 1.35 -13.17 -15.14
C ASP D 250 1.12 -14.43 -15.98
N GLU D 251 1.29 -14.34 -17.31
CA GLU D 251 1.13 -15.52 -18.16
C GLU D 251 2.06 -16.66 -17.74
N LEU D 252 3.30 -16.30 -17.39
CA LEU D 252 4.33 -17.25 -17.02
C LEU D 252 4.19 -17.82 -15.61
N TYR D 253 3.25 -17.32 -14.79
CA TYR D 253 3.25 -17.74 -13.38
C TYR D 253 3.16 -19.27 -13.26
N ASN D 254 2.21 -19.89 -13.97
CA ASN D 254 1.96 -21.33 -13.83
C ASN D 254 3.22 -22.13 -14.15
N ILE D 255 3.89 -21.83 -15.28
CA ILE D 255 5.10 -22.59 -15.59
C ILE D 255 6.22 -22.19 -14.63
N ASN D 256 6.26 -20.92 -14.23
CA ASN D 256 7.31 -20.49 -13.31
C ASN D 256 7.27 -21.24 -11.98
N LYS D 257 6.05 -21.55 -11.50
CA LYS D 257 5.89 -22.29 -10.27
C LYS D 257 6.10 -23.80 -10.49
N ILE D 258 5.56 -24.35 -11.58
CA ILE D 258 5.70 -25.80 -11.76
C ILE D 258 7.17 -26.19 -11.98
N LEU D 259 7.99 -25.27 -12.46
CA LEU D 259 9.41 -25.60 -12.63
C LEU D 259 10.15 -25.70 -11.32
N PHE D 260 9.44 -25.54 -10.22
CA PHE D 260 10.01 -25.77 -8.89
C PHE D 260 9.18 -26.76 -8.07
N CYS D 261 8.31 -27.54 -8.71
CA CYS D 261 7.64 -28.65 -8.02
C CYS D 261 8.62 -29.64 -7.41
N GLU D 262 9.80 -29.86 -8.02
CA GLU D 262 10.95 -30.53 -7.39
C GLU D 262 12.16 -29.60 -7.56
N SER D 263 13.24 -29.85 -6.82
CA SER D 263 14.39 -28.95 -6.81
C SER D 263 14.91 -28.64 -8.21
N ASN D 264 15.04 -27.36 -8.52
CA ASN D 264 15.77 -26.92 -9.71
C ASN D 264 17.18 -27.52 -9.71
N PRO D 265 17.64 -28.07 -10.84
CA PRO D 265 17.00 -28.09 -12.15
C PRO D 265 16.24 -29.35 -12.57
N ILE D 266 15.71 -30.15 -11.65
CA ILE D 266 14.97 -31.34 -12.07
C ILE D 266 13.78 -31.01 -12.97
N PRO D 267 12.90 -30.06 -12.62
CA PRO D 267 11.78 -29.79 -13.55
C PRO D 267 12.22 -29.16 -14.87
N ILE D 268 13.19 -28.25 -14.92
CA ILE D 268 13.48 -27.60 -16.20
C ILE D 268 14.16 -28.59 -17.16
N LYS D 269 15.06 -29.44 -16.65
CA LYS D 269 15.63 -30.46 -17.53
C LYS D 269 14.55 -31.39 -18.04
N THR D 270 13.62 -31.78 -17.17
CA THR D 270 12.49 -32.58 -17.60
C THR D 270 11.69 -31.91 -18.71
N ALA D 271 11.41 -30.61 -18.54
CA ALA D 271 10.65 -29.88 -19.56
C ALA D 271 11.42 -29.79 -20.87
N MET D 272 12.73 -29.54 -20.80
CA MET D 272 13.54 -29.42 -22.01
C MET D 272 13.52 -30.73 -22.76
N TYR D 273 13.56 -31.84 -22.02
CA TYR D 273 13.45 -33.17 -22.63
C TYR D 273 12.08 -33.37 -23.29
N LEU D 274 11.01 -33.03 -22.57
CA LEU D 274 9.66 -33.18 -23.13
C LEU D 274 9.47 -32.35 -24.39
N ALA D 275 10.16 -31.23 -24.47
CA ALA D 275 10.03 -30.35 -25.61
C ALA D 275 10.88 -30.81 -26.79
N GLY D 276 11.70 -31.85 -26.61
CA GLY D 276 12.57 -32.29 -27.66
C GLY D 276 13.78 -31.43 -27.82
N LEU D 277 14.10 -30.59 -26.82
CA LEU D 277 15.27 -29.70 -26.89
C LEU D 277 16.55 -30.36 -26.39
N ILE D 278 16.47 -31.47 -25.66
CA ILE D 278 17.65 -32.25 -25.30
C ILE D 278 17.32 -33.71 -25.59
N GLU D 279 18.38 -34.49 -25.78
CA GLU D 279 18.23 -35.86 -26.21
C GLU D 279 17.88 -36.79 -25.04
N SER D 280 18.45 -36.56 -23.85
CA SER D 280 18.42 -37.52 -22.77
C SER D 280 18.05 -36.87 -21.43
N LEU D 281 17.13 -37.48 -20.69
CA LEU D 281 16.78 -36.96 -19.37
C LEU D 281 17.75 -37.56 -18.34
N GLU D 282 18.96 -37.00 -18.28
CA GLU D 282 19.98 -37.49 -17.36
C GLU D 282 20.41 -36.38 -16.41
N PHE D 283 20.57 -36.74 -15.14
CA PHE D 283 21.11 -35.91 -14.09
C PHE D 283 22.30 -36.61 -13.47
N ARG D 284 23.11 -35.84 -12.76
CA ARG D 284 24.18 -36.41 -11.95
C ARG D 284 23.73 -36.56 -10.50
N LEU D 285 23.87 -37.77 -9.96
CA LEU D 285 23.47 -37.99 -8.57
C LEU D 285 24.18 -36.97 -7.67
N PRO D 286 23.49 -36.43 -6.64
CA PRO D 286 22.20 -36.91 -6.10
C PRO D 286 20.92 -36.44 -6.79
N LEU D 287 21.04 -35.65 -7.88
CA LEU D 287 19.82 -35.32 -8.58
C LEU D 287 19.39 -36.51 -9.44
N CYS D 288 18.11 -36.57 -9.75
CA CYS D 288 17.53 -37.73 -10.43
C CYS D 288 16.24 -37.25 -11.04
N SER D 289 15.64 -38.08 -11.87
CA SER D 289 14.35 -37.80 -12.49
C SER D 289 13.25 -37.47 -11.50
N PRO D 290 12.26 -36.70 -11.91
CA PRO D 290 11.17 -36.37 -10.99
C PRO D 290 10.27 -37.57 -10.79
N SER D 291 9.35 -37.42 -9.85
CA SER D 291 8.32 -38.46 -9.71
C SER D 291 7.41 -38.54 -10.94
N LYS D 292 6.72 -39.67 -11.03
CA LYS D 292 5.76 -39.88 -12.09
C LYS D 292 4.65 -38.84 -12.04
N GLU D 293 4.16 -38.47 -10.84
CA GLU D 293 3.20 -37.36 -10.73
C GLU D 293 3.74 -36.04 -11.30
N ASN D 294 4.94 -35.66 -10.87
CA ASN D 294 5.44 -34.34 -11.23
C ASN D 294 5.82 -34.27 -12.69
N PHE D 295 6.32 -35.37 -13.24
CA PHE D 295 6.51 -35.49 -14.68
C PHE D 295 5.23 -35.14 -15.42
N ALA D 296 4.10 -35.68 -14.99
CA ALA D 296 2.84 -35.36 -15.67
C ALA D 296 2.43 -33.91 -15.44
N LYS D 297 2.66 -33.38 -14.24
CA LYS D 297 2.28 -31.98 -14.01
C LYS D 297 3.09 -31.05 -14.88
N ILE D 298 4.40 -31.27 -14.98
CA ILE D 298 5.24 -30.43 -15.85
C ILE D 298 4.73 -30.49 -17.29
N GLU D 299 4.53 -31.71 -17.81
CA GLU D 299 4.06 -31.87 -19.18
C GLU D 299 2.77 -31.11 -19.40
N GLU D 300 1.86 -31.19 -18.42
CA GLU D 300 0.58 -30.54 -18.58
C GLU D 300 0.72 -29.02 -18.60
N VAL D 301 1.55 -28.45 -17.72
CA VAL D 301 1.68 -27.00 -17.69
C VAL D 301 2.37 -26.48 -18.97
N MET D 302 3.42 -27.19 -19.46
CA MET D 302 4.12 -26.76 -20.67
C MET D 302 3.21 -26.63 -21.88
N LYS D 303 2.17 -27.41 -21.98
CA LYS D 303 1.30 -27.39 -23.13
C LYS D 303 0.66 -26.08 -23.42
N LYS D 304 0.55 -25.26 -22.40
CA LYS D 304 -0.05 -23.95 -22.52
C LYS D 304 0.84 -22.91 -23.12
N TYR D 305 2.08 -23.23 -23.40
CA TYR D 305 3.01 -22.26 -23.89
C TYR D 305 3.57 -22.57 -25.28
N LYS D 306 3.93 -21.54 -26.01
CA LYS D 306 4.57 -21.74 -27.31
C LYS D 306 6.06 -21.81 -27.06
N ILE D 307 6.65 -22.96 -27.37
CA ILE D 307 8.05 -23.25 -27.08
C ILE D 307 8.81 -23.07 -28.39
N LYS D 308 9.76 -22.14 -28.43
CA LYS D 308 10.51 -21.91 -29.66
C LYS D 308 11.38 -23.12 -29.96
N GLY D 309 11.60 -23.41 -31.25
CA GLY D 309 12.47 -24.51 -31.63
C GLY D 309 13.93 -24.10 -31.62
N PHE D 310 14.74 -24.83 -32.39
CA PHE D 310 16.15 -24.48 -32.46
C PHE D 310 16.42 -23.34 -33.42
N LYS E 15 -32.18 18.44 -36.55
CA LYS E 15 -31.04 19.17 -35.99
C LYS E 15 -30.13 18.24 -35.21
N ASN E 16 -28.82 18.48 -35.27
CA ASN E 16 -27.90 17.81 -34.36
C ASN E 16 -28.02 18.43 -32.97
N ILE E 17 -28.10 17.60 -31.93
CA ILE E 17 -28.37 18.10 -30.59
C ILE E 17 -27.41 17.46 -29.58
N ILE E 18 -27.21 18.16 -28.45
CA ILE E 18 -26.46 17.65 -27.30
C ILE E 18 -27.34 17.92 -26.08
N ILE E 19 -27.82 16.85 -25.43
CA ILE E 19 -28.83 16.99 -24.38
C ILE E 19 -28.53 16.02 -23.25
N GLY E 20 -29.48 15.80 -22.35
CA GLY E 20 -29.24 14.91 -21.24
C GLY E 20 -28.61 15.64 -20.05
N ALA E 21 -27.97 14.85 -19.20
CA ALA E 21 -27.39 15.36 -17.96
C ALA E 21 -25.99 15.88 -18.26
N MET E 22 -25.76 17.19 -18.11
CA MET E 22 -24.46 17.78 -18.42
C MET E 22 -23.91 18.58 -17.26
N THR E 23 -22.59 18.65 -17.19
CA THR E 23 -21.92 19.28 -16.06
C THR E 23 -21.16 20.49 -16.57
N ALA E 24 -21.42 21.65 -15.97
CA ALA E 24 -20.57 22.85 -16.16
C ALA E 24 -19.32 22.67 -15.31
N LEU E 25 -18.21 22.23 -15.93
CA LEU E 25 -17.03 21.79 -15.19
C LEU E 25 -16.35 22.96 -14.47
N ILE E 26 -16.05 22.77 -13.18
CA ILE E 26 -15.13 23.73 -12.55
C ILE E 26 -13.75 23.60 -13.19
N THR E 27 -12.96 24.66 -13.02
CA THR E 27 -11.57 24.65 -13.47
C THR E 27 -10.66 24.74 -12.24
N PRO E 28 -10.05 23.61 -11.82
CA PRO E 28 -9.17 23.65 -10.63
C PRO E 28 -7.86 24.35 -10.95
N PHE E 29 -7.40 25.19 -10.03
CA PHE E 29 -6.11 25.84 -10.13
C PHE E 29 -5.22 25.28 -9.02
N LYS E 30 -3.91 25.18 -9.31
CA LYS E 30 -2.89 24.88 -8.32
C LYS E 30 -1.75 25.86 -8.52
N ASN E 31 -1.37 26.58 -7.46
CA ASN E 31 -0.41 27.69 -7.55
C ASN E 31 -0.60 28.56 -8.79
N GLY E 32 -1.83 29.04 -8.98
CA GLY E 32 -2.19 29.96 -10.05
C GLY E 32 -2.30 29.36 -11.44
N LYS E 33 -2.11 28.06 -11.61
CA LYS E 33 -2.16 27.48 -12.94
C LYS E 33 -3.22 26.39 -13.00
N VAL E 34 -3.74 26.17 -14.20
CA VAL E 34 -4.73 25.11 -14.37
C VAL E 34 -4.11 23.77 -13.99
N ASP E 35 -4.75 23.05 -13.06
CA ASP E 35 -4.26 21.71 -12.69
C ASP E 35 -4.80 20.71 -13.71
N GLU E 36 -3.96 20.37 -14.69
CA GLU E 36 -4.41 19.58 -15.82
C GLU E 36 -4.73 18.13 -15.43
N GLN E 37 -3.89 17.51 -14.60
CA GLN E 37 -4.19 16.15 -14.11
C GLN E 37 -5.52 16.14 -13.34
N SER E 38 -5.70 17.11 -12.43
CA SER E 38 -6.97 17.18 -11.71
C SER E 38 -8.15 17.40 -12.68
N TYR E 39 -7.97 18.25 -13.69
CA TYR E 39 -9.05 18.50 -14.65
C TYR E 39 -9.48 17.23 -15.34
N ALA E 40 -8.51 16.43 -15.84
CA ALA E 40 -8.88 15.17 -16.48
C ALA E 40 -9.54 14.21 -15.49
N ARG E 41 -9.01 14.13 -14.27
CA ARG E 41 -9.56 13.18 -13.29
C ARG E 41 -11.00 13.55 -12.94
N LEU E 42 -11.28 14.85 -12.83
CA LEU E 42 -12.66 15.27 -12.54
C LEU E 42 -13.60 14.88 -13.68
N ILE E 43 -13.12 14.98 -14.94
CA ILE E 43 -13.99 14.60 -16.05
C ILE E 43 -14.27 13.09 -16.04
N LYS E 44 -13.25 12.28 -15.76
CA LYS E 44 -13.44 10.84 -15.66
C LYS E 44 -14.45 10.50 -14.58
N ARG E 45 -14.39 11.20 -13.46
CA ARG E 45 -15.39 10.99 -12.40
C ARG E 45 -16.80 11.28 -12.88
N GLN E 46 -16.97 12.35 -13.68
CA GLN E 46 -18.28 12.65 -14.25
C GLN E 46 -18.76 11.55 -15.19
N ILE E 47 -17.88 11.13 -16.11
CA ILE E 47 -18.23 10.07 -17.05
C ILE E 47 -18.68 8.81 -16.31
N GLU E 48 -17.95 8.43 -15.28
CA GLU E 48 -18.28 7.20 -14.58
C GLU E 48 -19.56 7.28 -13.80
N ASN E 49 -20.10 8.48 -13.58
CA ASN E 49 -21.31 8.61 -12.79
C ASN E 49 -22.50 8.96 -13.64
N GLY E 50 -22.43 8.65 -14.94
CA GLY E 50 -23.57 8.69 -15.81
C GLY E 50 -23.83 9.99 -16.54
N ILE E 51 -22.89 10.96 -16.52
CA ILE E 51 -23.13 12.24 -17.18
C ILE E 51 -23.09 12.05 -18.71
N ASP E 52 -23.93 12.80 -19.43
CA ASP E 52 -24.04 12.65 -20.88
C ASP E 52 -23.16 13.61 -21.64
N ALA E 53 -22.76 14.72 -21.03
CA ALA E 53 -21.89 15.67 -21.71
C ALA E 53 -21.18 16.53 -20.66
N VAL E 54 -20.01 17.06 -21.02
CA VAL E 54 -19.32 17.99 -20.14
C VAL E 54 -19.16 19.34 -20.83
N VAL E 55 -19.25 20.41 -20.04
CA VAL E 55 -19.14 21.77 -20.54
C VAL E 55 -17.83 22.34 -20.00
N PRO E 56 -16.71 22.22 -20.74
CA PRO E 56 -15.49 22.92 -20.34
C PRO E 56 -15.65 24.41 -20.60
N VAL E 57 -14.98 25.20 -19.75
CA VAL E 57 -14.86 26.66 -19.84
C VAL E 57 -16.19 27.37 -20.07
N GLY E 58 -17.20 27.01 -19.29
CA GLY E 58 -18.40 27.83 -19.14
C GLY E 58 -18.21 28.78 -17.94
N THR E 59 -19.33 29.39 -17.53
CA THR E 59 -19.32 30.29 -16.39
C THR E 59 -18.75 29.61 -15.16
N THR E 60 -19.23 28.40 -14.86
CA THR E 60 -18.77 27.66 -13.69
C THR E 60 -17.29 27.36 -13.80
N GLY E 61 -16.76 27.29 -15.03
CA GLY E 61 -15.32 27.06 -15.18
C GLY E 61 -14.47 28.32 -15.19
N GLU E 62 -15.04 29.47 -14.81
CA GLU E 62 -14.33 30.76 -14.79
C GLU E 62 -13.81 31.15 -16.17
N SER E 63 -14.63 30.91 -17.21
CA SER E 63 -14.31 31.34 -18.57
C SER E 63 -13.81 32.78 -18.65
N ALA E 64 -14.41 33.70 -17.89
CA ALA E 64 -14.04 35.11 -18.04
C ALA E 64 -12.56 35.37 -17.73
N THR E 65 -11.92 34.53 -16.92
CA THR E 65 -10.58 34.83 -16.44
C THR E 65 -9.53 33.85 -16.96
N LEU E 66 -9.93 32.90 -17.78
CA LEU E 66 -8.95 31.97 -18.36
C LEU E 66 -8.31 32.63 -19.57
N THR E 67 -7.02 32.39 -19.74
CA THR E 67 -6.36 32.87 -20.94
C THR E 67 -6.81 32.04 -22.11
N HIS E 68 -6.57 32.54 -23.32
CA HIS E 68 -6.89 31.78 -24.50
C HIS E 68 -6.20 30.41 -24.47
N GLU E 69 -4.94 30.37 -24.06
CA GLU E 69 -4.19 29.10 -24.03
C GLU E 69 -4.76 28.13 -23.00
N GLU E 70 -5.18 28.65 -21.83
CA GLU E 70 -5.83 27.79 -20.85
C GLU E 70 -7.16 27.27 -21.39
N LYS E 71 -7.92 28.11 -22.07
CA LYS E 71 -9.18 27.61 -22.63
C LYS E 71 -8.93 26.49 -23.65
N ARG E 72 -7.90 26.62 -24.49
CA ARG E 72 -7.57 25.55 -25.42
C ARG E 72 -7.22 24.26 -24.69
N THR E 73 -6.41 24.35 -23.65
CA THR E 73 -6.00 23.17 -22.87
C THR E 73 -7.21 22.46 -22.26
N CYS E 74 -8.12 23.23 -21.62
CA CYS E 74 -9.28 22.60 -20.99
C CYS E 74 -10.18 21.97 -22.03
N ILE E 75 -10.36 22.62 -23.17
CA ILE E 75 -11.21 22.01 -24.18
C ILE E 75 -10.57 20.74 -24.70
N GLU E 76 -9.27 20.78 -24.96
CA GLU E 76 -8.58 19.59 -25.47
C GLU E 76 -8.56 18.46 -24.45
N ILE E 77 -8.41 18.78 -23.17
CA ILE E 77 -8.45 17.74 -22.16
C ILE E 77 -9.81 17.09 -22.12
N ALA E 78 -10.86 17.86 -22.24
CA ALA E 78 -12.19 17.31 -22.22
C ALA E 78 -12.43 16.42 -23.44
N VAL E 79 -12.01 16.89 -24.59
CA VAL E 79 -12.18 16.14 -25.81
C VAL E 79 -11.42 14.83 -25.74
N GLU E 80 -10.18 14.86 -25.33
CA GLU E 80 -9.39 13.67 -25.22
C GLU E 80 -9.98 12.70 -24.21
N THR E 81 -10.40 13.20 -23.06
CA THR E 81 -10.90 12.36 -22.00
C THR E 81 -12.20 11.70 -22.37
N CYS E 82 -13.03 12.35 -23.15
CA CYS E 82 -14.31 11.80 -23.57
C CYS E 82 -14.19 10.82 -24.78
N LYS E 83 -13.04 10.82 -25.44
CA LYS E 83 -12.78 9.96 -26.56
C LYS E 83 -13.00 8.50 -26.20
N GLY E 84 -13.75 7.82 -27.02
CA GLY E 84 -14.05 6.44 -26.78
C GLY E 84 -15.28 6.22 -25.96
N THR E 85 -15.84 7.28 -25.44
CA THR E 85 -17.05 7.18 -24.65
C THR E 85 -18.11 7.84 -25.46
N LYS E 86 -19.32 7.73 -25.01
CA LYS E 86 -20.41 8.36 -25.67
C LYS E 86 -20.66 9.78 -25.11
N VAL E 87 -19.83 10.23 -24.18
CA VAL E 87 -19.97 11.53 -23.56
C VAL E 87 -19.54 12.67 -24.47
N LYS E 88 -20.35 13.68 -24.64
CA LYS E 88 -20.05 14.78 -25.55
C LYS E 88 -19.39 15.95 -24.82
N VAL E 89 -18.71 16.78 -25.61
CA VAL E 89 -18.06 18.01 -25.13
C VAL E 89 -18.79 19.19 -25.75
N LEU E 90 -19.48 19.95 -24.90
CA LEU E 90 -20.22 21.13 -25.29
C LEU E 90 -19.40 22.30 -24.73
N ALA E 91 -18.55 22.89 -25.58
CA ALA E 91 -17.57 23.86 -25.07
C ALA E 91 -18.16 25.27 -24.95
N GLY E 92 -17.85 25.93 -23.84
CA GLY E 92 -18.19 27.33 -23.70
C GLY E 92 -17.45 28.17 -24.71
N ALA E 93 -18.17 29.04 -25.40
CA ALA E 93 -17.53 29.89 -26.40
C ALA E 93 -18.20 31.25 -26.56
N GLY E 94 -18.99 31.72 -25.60
CA GLY E 94 -19.69 32.98 -25.79
C GLY E 94 -18.77 34.21 -25.63
N SER E 95 -19.21 35.35 -26.15
CA SER E 95 -18.52 36.62 -25.94
C SER E 95 -19.50 37.75 -26.17
N ASN E 96 -19.21 38.93 -25.59
CA ASN E 96 -20.04 40.09 -25.86
C ASN E 96 -19.58 40.87 -27.10
N ALA E 97 -18.58 40.39 -27.79
CA ALA E 97 -18.14 40.91 -29.08
C ALA E 97 -18.41 39.85 -30.13
N THR E 98 -19.23 40.18 -31.13
CA THR E 98 -19.59 39.15 -32.12
C THR E 98 -18.37 38.58 -32.84
N HIS E 99 -17.43 39.45 -33.25
CA HIS E 99 -16.25 38.90 -33.92
C HIS E 99 -15.46 37.98 -33.00
N GLU E 100 -15.41 38.26 -31.68
CA GLU E 100 -14.73 37.33 -30.77
C GLU E 100 -15.49 36.01 -30.58
N ALA E 101 -16.83 36.08 -30.49
CA ALA E 101 -17.64 34.88 -30.34
C ALA E 101 -17.55 33.99 -31.57
N VAL E 102 -17.48 34.60 -32.76
CA VAL E 102 -17.25 33.80 -33.96
C VAL E 102 -15.92 33.09 -33.87
N GLY E 103 -14.88 33.81 -33.45
CA GLY E 103 -13.56 33.23 -33.33
C GLY E 103 -13.53 32.10 -32.31
N LEU E 104 -14.22 32.28 -31.19
CA LEU E 104 -14.22 31.23 -30.15
C LEU E 104 -14.99 29.99 -30.62
N ALA E 105 -16.05 30.20 -31.39
CA ALA E 105 -16.79 29.06 -31.94
C ALA E 105 -15.91 28.24 -32.88
N LYS E 106 -15.21 28.93 -33.82
CA LYS E 106 -14.30 28.21 -34.72
C LYS E 106 -13.21 27.49 -33.95
N PHE E 107 -12.66 28.18 -32.96
CA PHE E 107 -11.60 27.64 -32.10
C PHE E 107 -12.05 26.34 -31.45
N ALA E 108 -13.25 26.35 -30.83
CA ALA E 108 -13.76 25.14 -30.17
C ALA E 108 -14.01 24.01 -31.15
N LYS E 109 -14.53 24.34 -32.31
CA LYS E 109 -14.78 23.36 -33.35
C LYS E 109 -13.49 22.73 -33.78
N GLU E 110 -12.51 23.55 -34.06
CA GLU E 110 -11.23 23.07 -34.52
C GLU E 110 -10.54 22.25 -33.46
N HIS E 111 -10.94 22.37 -32.21
CA HIS E 111 -10.30 21.66 -31.15
C HIS E 111 -10.95 20.38 -30.73
N GLY E 112 -12.00 20.01 -31.42
CA GLY E 112 -12.69 18.74 -31.21
C GLY E 112 -14.02 18.80 -30.47
N ALA E 113 -14.55 19.99 -30.16
CA ALA E 113 -15.82 20.07 -29.44
C ALA E 113 -16.97 19.53 -30.28
N ASP E 114 -17.92 18.86 -29.63
CA ASP E 114 -19.12 18.39 -30.31
C ASP E 114 -20.13 19.49 -30.56
N GLY E 115 -20.10 20.55 -29.76
CA GLY E 115 -20.96 21.71 -29.95
C GLY E 115 -20.45 22.83 -29.04
N ILE E 116 -21.12 23.97 -29.09
CA ILE E 116 -20.70 25.08 -28.26
C ILE E 116 -21.89 25.60 -27.49
N LEU E 117 -21.62 26.06 -26.28
CA LEU E 117 -22.53 26.88 -25.48
C LEU E 117 -22.10 28.34 -25.65
N SER E 118 -23.06 29.23 -25.91
CA SER E 118 -22.71 30.59 -26.27
C SER E 118 -23.59 31.58 -25.51
N VAL E 119 -23.04 32.21 -24.44
CA VAL E 119 -23.83 33.07 -23.58
C VAL E 119 -24.18 34.37 -24.30
N ALA E 120 -25.34 34.93 -23.97
CA ALA E 120 -25.76 36.21 -24.50
C ALA E 120 -24.76 37.29 -24.12
N PRO E 121 -24.46 38.22 -25.02
CA PRO E 121 -23.55 39.33 -24.72
C PRO E 121 -23.88 40.02 -23.39
N TYR E 122 -22.87 40.15 -22.56
CA TYR E 122 -22.91 40.77 -21.24
C TYR E 122 -22.37 42.20 -21.38
N TYR E 123 -22.83 43.06 -20.47
CA TYR E 123 -22.30 44.40 -20.26
C TYR E 123 -22.74 45.41 -21.31
N ASN E 124 -22.65 45.10 -22.64
CA ASN E 124 -22.96 46.12 -23.63
C ASN E 124 -24.43 46.15 -24.04
N LYS E 125 -25.26 45.26 -23.52
CA LYS E 125 -26.71 45.32 -23.62
C LYS E 125 -27.21 45.55 -25.04
N PRO E 126 -26.93 44.66 -25.99
CA PRO E 126 -27.46 44.80 -27.35
C PRO E 126 -28.98 44.64 -27.37
N THR E 127 -29.59 45.22 -28.42
CA THR E 127 -31.02 45.03 -28.63
C THR E 127 -31.31 43.63 -29.15
N GLN E 128 -32.62 43.29 -29.23
CA GLN E 128 -32.98 42.00 -29.78
C GLN E 128 -32.50 41.87 -31.24
N GLN E 129 -32.63 42.92 -32.03
CA GLN E 129 -32.06 42.87 -33.39
C GLN E 129 -30.57 42.55 -33.35
N GLY E 130 -29.83 43.24 -32.48
CA GLY E 130 -28.43 42.92 -32.38
C GLY E 130 -28.20 41.49 -31.88
N LEU E 131 -29.02 41.01 -30.94
CA LEU E 131 -28.81 39.63 -30.47
C LEU E 131 -29.05 38.64 -31.60
N TYR E 132 -30.09 38.86 -32.38
CA TYR E 132 -30.35 38.00 -33.53
C TYR E 132 -29.14 37.98 -34.48
N GLU E 133 -28.62 39.17 -34.83
CA GLU E 133 -27.49 39.23 -35.75
C GLU E 133 -26.23 38.62 -35.14
N HIS E 134 -26.03 38.81 -33.82
CA HIS E 134 -24.89 38.18 -33.13
C HIS E 134 -24.89 36.68 -33.34
N TYR E 135 -26.00 36.02 -32.97
CA TYR E 135 -25.98 34.56 -32.97
C TYR E 135 -26.04 33.98 -34.39
N LYS E 136 -26.70 34.68 -35.31
CA LYS E 136 -26.70 34.31 -36.73
C LYS E 136 -25.27 34.30 -37.27
N ALA E 137 -24.48 35.32 -36.95
CA ALA E 137 -23.07 35.30 -37.34
C ALA E 137 -22.34 34.09 -36.80
N ILE E 138 -22.59 33.74 -35.53
CA ILE E 138 -21.95 32.56 -34.96
C ILE E 138 -22.45 31.29 -35.64
N ALA E 139 -23.78 31.13 -35.76
CA ALA E 139 -24.33 29.89 -36.28
C ALA E 139 -23.84 29.62 -37.71
N GLN E 140 -23.70 30.68 -38.51
CA GLN E 140 -23.18 30.52 -39.86
C GLN E 140 -21.66 30.30 -39.91
N SER E 141 -20.96 30.46 -38.80
CA SER E 141 -19.50 30.37 -38.83
C SER E 141 -18.96 28.95 -38.64
N VAL E 142 -19.74 28.04 -38.06
CA VAL E 142 -19.28 26.67 -37.82
C VAL E 142 -20.41 25.74 -38.21
N ASP E 143 -20.11 24.46 -38.30
CA ASP E 143 -21.15 23.50 -38.64
C ASP E 143 -21.44 22.58 -37.45
N ILE E 144 -21.23 23.05 -36.22
CA ILE E 144 -21.57 22.19 -35.09
C ILE E 144 -22.74 22.80 -34.32
N PRO E 145 -23.45 22.00 -33.53
CA PRO E 145 -24.62 22.51 -32.82
C PRO E 145 -24.26 23.68 -31.92
N VAL E 146 -25.20 24.62 -31.79
CA VAL E 146 -25.06 25.83 -30.97
C VAL E 146 -26.23 25.86 -29.97
N LEU E 147 -25.92 25.90 -28.66
CA LEU E 147 -26.94 26.05 -27.62
C LEU E 147 -26.89 27.51 -27.11
N LEU E 148 -28.00 28.24 -27.20
CA LEU E 148 -28.00 29.59 -26.64
C LEU E 148 -27.94 29.49 -25.11
N TYR E 149 -27.58 30.59 -24.47
CA TYR E 149 -27.45 30.60 -23.01
C TYR E 149 -27.92 31.96 -22.50
N ASN E 150 -29.05 31.96 -21.80
CA ASN E 150 -29.74 33.15 -21.31
C ASN E 150 -29.60 33.23 -19.78
N VAL E 151 -28.96 34.29 -19.29
CA VAL E 151 -28.72 34.43 -17.83
C VAL E 151 -28.71 35.93 -17.53
N PRO E 152 -29.88 36.58 -17.56
CA PRO E 152 -29.90 38.06 -17.55
C PRO E 152 -29.37 38.66 -16.26
N GLY E 153 -29.52 37.98 -15.14
CA GLY E 153 -28.94 38.52 -13.90
C GLY E 153 -27.43 38.70 -14.01
N ARG E 154 -26.75 37.97 -14.93
CA ARG E 154 -25.31 38.21 -15.11
C ARG E 154 -25.00 39.16 -16.27
N THR E 155 -25.77 39.06 -17.35
CA THR E 155 -25.42 39.77 -18.58
C THR E 155 -25.99 41.18 -18.68
N GLY E 156 -27.11 41.48 -18.02
CA GLY E 156 -27.77 42.74 -18.21
C GLY E 156 -28.74 42.75 -19.38
N CYS E 157 -28.89 41.64 -20.10
CA CYS E 157 -29.90 41.62 -21.16
C CYS E 157 -30.58 40.26 -21.15
N GLU E 158 -31.74 40.19 -21.78
CA GLU E 158 -32.47 38.93 -21.96
C GLU E 158 -32.55 38.64 -23.47
N ILE E 159 -32.32 37.38 -23.88
CA ILE E 159 -32.71 36.95 -25.23
C ILE E 159 -34.19 36.63 -25.14
N SER E 160 -35.04 37.42 -25.82
CA SER E 160 -36.47 37.22 -25.71
C SER E 160 -36.89 35.87 -26.30
N THR E 161 -38.09 35.42 -25.91
CA THR E 161 -38.63 34.20 -26.50
C THR E 161 -38.73 34.33 -28.02
N ASP E 162 -39.22 35.47 -28.53
CA ASP E 162 -39.32 35.60 -29.98
C ASP E 162 -37.95 35.48 -30.65
N THR E 163 -36.91 36.08 -30.04
CA THR E 163 -35.59 36.04 -30.63
C THR E 163 -35.02 34.63 -30.62
N ILE E 164 -35.18 33.92 -29.50
CA ILE E 164 -34.73 32.53 -29.45
C ILE E 164 -35.45 31.73 -30.53
N ILE E 165 -36.77 31.90 -30.65
CA ILE E 165 -37.52 31.06 -31.60
C ILE E 165 -37.12 31.37 -33.03
N LYS E 166 -36.96 32.66 -33.38
CA LYS E 166 -36.51 33.01 -34.74
C LYS E 166 -35.13 32.41 -35.03
N LEU E 167 -34.22 32.47 -34.06
CA LEU E 167 -32.88 31.92 -34.24
C LEU E 167 -32.94 30.42 -34.42
N PHE E 168 -33.77 29.74 -33.63
CA PHE E 168 -33.94 28.29 -33.79
C PHE E 168 -34.46 27.94 -35.20
N ARG E 169 -35.44 28.72 -35.68
CA ARG E 169 -36.07 28.43 -36.98
C ARG E 169 -35.21 28.87 -38.17
N ASP E 170 -34.46 29.98 -38.05
CA ASP E 170 -33.68 30.49 -39.18
C ASP E 170 -32.31 29.84 -39.30
N CYS E 171 -31.75 29.27 -38.23
CA CYS E 171 -30.35 28.85 -38.27
C CYS E 171 -30.27 27.36 -37.95
N GLU E 172 -29.79 26.55 -38.91
CA GLU E 172 -29.79 25.10 -38.70
C GLU E 172 -29.05 24.70 -37.43
N ASN E 173 -27.93 25.37 -37.12
CA ASN E 173 -27.03 24.94 -36.06
C ASN E 173 -27.55 25.23 -34.63
N ILE E 174 -28.46 26.17 -34.48
CA ILE E 174 -28.97 26.55 -33.16
C ILE E 174 -30.14 25.64 -32.79
N TYR E 175 -29.98 24.87 -31.72
CA TYR E 175 -30.94 23.81 -31.43
C TYR E 175 -31.70 24.02 -30.12
N GLY E 176 -31.39 25.06 -29.36
CA GLY E 176 -32.13 25.33 -28.13
C GLY E 176 -31.42 26.37 -27.26
N VAL E 177 -31.83 26.41 -25.99
CA VAL E 177 -31.30 27.43 -25.05
C VAL E 177 -31.12 26.84 -23.63
N KPI E 178 -29.98 27.16 -23.01
CA KPI E 178 -29.78 26.94 -21.59
CB KPI E 178 -28.28 26.81 -21.25
CG KPI E 178 -27.94 26.84 -19.76
CD KPI E 178 -26.43 26.85 -19.57
CE KPI E 178 -26.05 27.01 -18.09
NZ KPI E 178 -24.61 27.19 -17.94
CX1 KPI E 178 -24.02 27.33 -16.79
C1 KPI E 178 -24.56 26.99 -15.47
CX2 KPI E 178 -22.54 27.54 -16.75
O1 KPI E 178 -21.99 27.85 -17.95
O2 KPI E 178 -21.75 27.46 -15.81
C KPI E 178 -30.42 28.14 -20.84
O KPI E 178 -29.92 29.26 -20.97
N GLU E 179 -31.51 27.94 -20.08
CA GLU E 179 -32.17 29.06 -19.37
C GLU E 179 -31.70 29.12 -17.94
N ALA E 180 -31.16 30.26 -17.55
CA ALA E 180 -30.76 30.50 -16.15
C ALA E 180 -31.36 31.84 -15.70
N SER E 181 -32.67 31.97 -15.80
CA SER E 181 -33.35 33.22 -15.56
C SER E 181 -34.34 33.17 -14.41
N GLY E 182 -34.50 32.02 -13.74
CA GLY E 182 -35.53 31.93 -12.70
C GLY E 182 -36.94 32.27 -13.16
N ASN E 183 -37.31 31.84 -14.34
CA ASN E 183 -38.56 32.32 -14.93
C ASN E 183 -39.21 31.13 -15.63
N ILE E 184 -39.97 30.31 -14.90
CA ILE E 184 -40.63 29.14 -15.51
C ILE E 184 -41.68 29.59 -16.54
N ASP E 185 -42.27 30.78 -16.38
CA ASP E 185 -43.19 31.30 -17.38
C ASP E 185 -42.50 31.38 -18.73
N LYS E 186 -41.26 31.87 -18.75
CA LYS E 186 -40.53 31.91 -20.00
C LYS E 186 -40.31 30.50 -20.56
N CYS E 187 -40.05 29.52 -19.66
CA CYS E 187 -39.93 28.13 -20.11
C CYS E 187 -41.24 27.63 -20.74
N VAL E 188 -42.40 27.99 -20.16
CA VAL E 188 -43.68 27.61 -20.80
C VAL E 188 -43.81 28.30 -22.16
N ASP E 189 -43.52 29.61 -22.19
CA ASP E 189 -43.59 30.41 -23.42
C ASP E 189 -42.79 29.77 -24.55
N LEU E 190 -41.54 29.40 -24.24
CA LEU E 190 -40.66 28.81 -25.25
C LEU E 190 -41.22 27.50 -25.79
N LEU E 191 -41.55 26.54 -24.90
CA LEU E 191 -41.96 25.23 -25.43
C LEU E 191 -43.41 25.20 -25.92
N ALA E 192 -44.24 26.19 -25.53
CA ALA E 192 -45.59 26.23 -26.10
C ALA E 192 -45.56 26.70 -27.53
N HIS E 193 -44.68 27.62 -27.88
CA HIS E 193 -44.67 28.14 -29.25
C HIS E 193 -43.69 27.44 -30.15
N GLU E 194 -42.68 26.80 -29.58
CA GLU E 194 -41.68 26.07 -30.34
C GLU E 194 -41.31 24.78 -29.60
N PRO E 195 -42.18 23.76 -29.66
CA PRO E 195 -41.92 22.50 -28.94
C PRO E 195 -40.77 21.67 -29.50
N ARG E 196 -40.19 22.03 -30.64
CA ARG E 196 -39.07 21.27 -31.17
C ARG E 196 -37.72 21.68 -30.58
N MET E 197 -37.64 22.80 -29.86
CA MET E 197 -36.32 23.19 -29.37
C MET E 197 -35.95 22.40 -28.13
N MET E 198 -34.64 22.34 -27.86
CA MET E 198 -34.14 21.67 -26.66
C MET E 198 -33.94 22.75 -25.59
N LEU E 199 -34.88 22.80 -24.65
CA LEU E 199 -34.76 23.65 -23.48
C LEU E 199 -33.93 22.93 -22.42
N ILE E 200 -32.87 23.57 -21.95
CA ILE E 200 -31.88 23.00 -21.05
C ILE E 200 -31.90 23.79 -19.73
N SER E 201 -32.02 23.11 -18.58
CA SER E 201 -32.02 23.85 -17.30
C SER E 201 -30.62 24.37 -16.99
N GLY E 202 -30.47 25.68 -16.77
CA GLY E 202 -29.21 26.19 -16.20
C GLY E 202 -29.33 26.67 -14.76
N GLU E 203 -30.27 26.07 -14.01
CA GLU E 203 -30.54 26.48 -12.63
C GLU E 203 -30.90 25.23 -11.86
N ASP E 204 -29.95 24.69 -11.09
CA ASP E 204 -30.12 23.35 -10.53
C ASP E 204 -31.39 23.20 -9.69
N ALA E 205 -31.67 24.22 -8.86
CA ALA E 205 -32.80 24.07 -7.94
C ALA E 205 -34.10 23.74 -8.68
N ILE E 206 -34.27 24.18 -9.93
CA ILE E 206 -35.53 23.93 -10.64
C ILE E 206 -35.34 23.00 -11.83
N ASN E 207 -34.32 22.16 -11.80
CA ASN E 207 -34.14 21.15 -12.84
C ASN E 207 -35.42 20.37 -13.09
N TYR E 208 -36.05 19.84 -12.02
CA TYR E 208 -37.21 18.98 -12.25
C TYR E 208 -38.37 19.74 -12.89
N PRO E 209 -38.77 20.92 -12.41
CA PRO E 209 -39.86 21.64 -13.09
C PRO E 209 -39.57 21.96 -14.55
N ILE E 210 -38.33 22.30 -14.90
CA ILE E 210 -38.03 22.57 -16.32
C ILE E 210 -38.10 21.26 -17.14
N LEU E 211 -37.59 20.14 -16.59
CA LEU E 211 -37.70 18.88 -17.33
C LEU E 211 -39.15 18.42 -17.46
N SER E 212 -39.94 18.54 -16.40
CA SER E 212 -41.33 18.11 -16.44
C SER E 212 -42.18 18.91 -17.44
N ASN E 213 -41.76 20.11 -17.81
CA ASN E 213 -42.45 20.86 -18.85
C ASN E 213 -41.93 20.55 -20.27
N GLY E 214 -41.03 19.56 -20.44
CA GLY E 214 -40.51 19.20 -21.75
C GLY E 214 -39.05 19.57 -22.00
N GLY E 215 -38.37 20.20 -21.04
CA GLY E 215 -36.94 20.34 -21.19
C GLY E 215 -36.25 19.00 -21.36
N LYS E 216 -35.11 19.02 -22.05
CA LYS E 216 -34.42 17.79 -22.43
C LYS E 216 -33.04 17.65 -21.83
N GLY E 217 -32.68 18.45 -20.82
CA GLY E 217 -31.39 18.26 -20.21
C GLY E 217 -31.13 19.33 -19.16
N VAL E 218 -29.97 19.21 -18.54
CA VAL E 218 -29.51 20.19 -17.57
C VAL E 218 -28.06 20.47 -17.88
N ILE E 219 -27.61 21.70 -17.60
CA ILE E 219 -26.19 22.01 -17.55
C ILE E 219 -25.96 22.47 -16.12
N SER E 220 -25.37 21.58 -15.29
CA SER E 220 -25.48 21.66 -13.84
C SER E 220 -24.20 22.15 -13.17
N VAL E 221 -24.40 22.85 -12.06
CA VAL E 221 -23.32 23.15 -11.13
C VAL E 221 -23.19 22.04 -10.10
N THR E 222 -24.33 21.67 -9.51
CA THR E 222 -24.37 20.65 -8.45
C THR E 222 -23.75 19.31 -8.89
N SER E 223 -23.85 18.95 -10.17
CA SER E 223 -23.27 17.68 -10.64
C SER E 223 -21.76 17.62 -10.48
N ASN E 224 -21.05 18.77 -10.39
CA ASN E 224 -19.62 18.70 -10.05
C ASN E 224 -19.44 17.88 -8.78
N LEU E 225 -20.33 18.08 -7.80
CA LEU E 225 -20.21 17.42 -6.51
C LEU E 225 -20.98 16.10 -6.45
N LEU E 226 -22.19 16.09 -6.98
CA LEU E 226 -23.09 14.95 -6.95
C LEU E 226 -23.54 14.52 -8.33
N PRO E 227 -22.51 14.06 -9.13
CA PRO E 227 -22.88 13.72 -10.51
C PRO E 227 -23.91 12.63 -10.64
N ASP E 228 -23.66 11.74 -9.72
CA ASP E 228 -24.55 10.63 -9.66
C ASP E 228 -26.00 11.05 -9.47
N MET E 229 -26.38 11.81 -8.56
CA MET E 229 -27.71 12.29 -8.27
C MET E 229 -28.29 13.09 -9.42
N ILE E 230 -27.54 14.03 -9.98
CA ILE E 230 -28.05 14.83 -11.07
C ILE E 230 -28.30 13.98 -12.33
N SER E 231 -27.38 13.06 -12.66
CA SER E 231 -27.63 12.21 -13.83
C SER E 231 -28.90 11.37 -13.65
N ALA E 232 -29.08 10.79 -12.45
CA ALA E 232 -30.27 9.97 -12.23
C ALA E 232 -31.53 10.81 -12.31
N LEU E 233 -31.54 11.98 -11.63
CA LEU E 233 -32.68 12.90 -11.78
C LEU E 233 -33.03 13.13 -13.25
N THR E 234 -32.03 13.50 -14.06
CA THR E 234 -32.29 13.84 -15.46
C THR E 234 -32.84 12.61 -16.21
N HIS E 235 -32.23 11.46 -15.99
CA HIS E 235 -32.61 10.25 -16.73
C HIS E 235 -34.00 9.77 -16.31
N PHE E 236 -34.30 9.80 -15.01
CA PHE E 236 -35.67 9.52 -14.57
C PHE E 236 -36.67 10.43 -15.28
N ALA E 237 -36.36 11.74 -15.36
CA ALA E 237 -37.30 12.68 -15.96
C ALA E 237 -37.50 12.41 -17.46
N LEU E 238 -36.41 12.13 -18.17
CA LEU E 238 -36.52 11.83 -19.60
C LEU E 238 -37.27 10.52 -19.84
N ASP E 239 -37.29 9.63 -18.87
CA ASP E 239 -38.06 8.40 -18.85
C ASP E 239 -39.51 8.62 -18.47
N GLU E 240 -39.88 9.86 -18.18
CA GLU E 240 -41.18 10.20 -17.62
C GLU E 240 -41.43 9.54 -16.26
N ASN E 241 -40.38 9.20 -15.51
CA ASN E 241 -40.53 8.81 -14.11
C ASN E 241 -40.47 10.06 -13.23
N TYR E 242 -41.51 10.86 -13.25
CA TYR E 242 -41.55 12.10 -12.52
C TYR E 242 -41.49 12.00 -11.01
N LYS E 243 -42.09 10.97 -10.48
CA LYS E 243 -42.09 10.74 -9.07
C LYS E 243 -40.66 10.65 -8.59
N GLU E 244 -39.84 9.90 -9.28
CA GLU E 244 -38.47 9.73 -8.90
C GLU E 244 -37.62 10.95 -9.18
N ALA E 245 -37.88 11.59 -10.31
CA ALA E 245 -37.17 12.78 -10.66
C ALA E 245 -37.45 13.85 -9.61
N LYS E 246 -38.70 14.07 -9.31
CA LYS E 246 -39.06 15.06 -8.31
C LYS E 246 -38.45 14.73 -6.94
N LYS E 247 -38.45 13.45 -6.55
CA LYS E 247 -37.86 13.05 -5.27
C LYS E 247 -36.39 13.46 -5.19
N ILE E 248 -35.61 13.22 -6.25
CA ILE E 248 -34.21 13.64 -6.18
C ILE E 248 -34.08 15.16 -6.23
N ASN E 249 -34.89 15.83 -7.05
CA ASN E 249 -34.86 17.28 -7.07
C ASN E 249 -35.12 17.85 -5.68
N ASP E 250 -36.09 17.28 -4.95
CA ASP E 250 -36.42 17.76 -3.61
C ASP E 250 -35.30 17.49 -2.63
N GLU E 251 -34.72 16.29 -2.69
CA GLU E 251 -33.60 15.97 -1.81
C GLU E 251 -32.44 16.92 -2.03
N LEU E 252 -32.24 17.32 -3.29
CA LEU E 252 -31.11 18.16 -3.65
C LEU E 252 -31.34 19.66 -3.39
N TYR E 253 -32.54 20.06 -2.97
CA TYR E 253 -32.82 21.49 -2.86
C TYR E 253 -31.83 22.18 -1.93
N ASN E 254 -31.54 21.61 -0.75
CA ASN E 254 -30.66 22.31 0.20
C ASN E 254 -29.29 22.59 -0.39
N ILE E 255 -28.62 21.58 -0.97
CA ILE E 255 -27.32 21.86 -1.55
C ILE E 255 -27.47 22.74 -2.80
N ASN E 256 -28.53 22.54 -3.60
CA ASN E 256 -28.73 23.38 -4.79
C ASN E 256 -28.80 24.86 -4.43
N LYS E 257 -29.43 25.20 -3.30
CA LYS E 257 -29.55 26.61 -2.91
C LYS E 257 -28.29 27.16 -2.29
N ILE E 258 -27.67 26.40 -1.39
CA ILE E 258 -26.46 26.90 -0.73
C ILE E 258 -25.35 27.08 -1.73
N LEU E 259 -25.38 26.34 -2.84
CA LEU E 259 -24.34 26.53 -3.82
C LEU E 259 -24.50 27.87 -4.54
N PHE E 260 -25.49 28.69 -4.19
CA PHE E 260 -25.53 30.04 -4.73
C PHE E 260 -25.59 31.09 -3.62
N CYS E 261 -25.20 30.70 -2.40
CA CYS E 261 -25.00 31.66 -1.30
C CYS E 261 -24.01 32.79 -1.66
N GLU E 262 -23.00 32.52 -2.49
CA GLU E 262 -22.19 33.54 -3.16
C GLU E 262 -22.16 33.19 -4.65
N SER E 263 -21.73 34.12 -5.50
CA SER E 263 -21.78 33.90 -6.94
C SER E 263 -21.03 32.64 -7.34
N ASN E 264 -21.74 31.78 -8.05
CA ASN E 264 -21.15 30.61 -8.69
C ASN E 264 -19.98 31.06 -9.56
N PRO E 265 -18.82 30.36 -9.54
CA PRO E 265 -18.54 29.08 -8.86
C PRO E 265 -17.85 29.19 -7.46
N ILE E 266 -18.03 30.26 -6.71
CA ILE E 266 -17.37 30.34 -5.40
C ILE E 266 -17.85 29.22 -4.49
N PRO E 267 -19.17 28.99 -4.30
CA PRO E 267 -19.56 27.87 -3.41
C PRO E 267 -19.21 26.50 -3.96
N ILE E 268 -19.34 26.25 -5.27
CA ILE E 268 -19.12 24.88 -5.75
C ILE E 268 -17.64 24.51 -5.61
N LYS E 269 -16.73 25.41 -5.96
CA LYS E 269 -15.33 25.11 -5.73
C LYS E 269 -15.07 24.90 -4.25
N THR E 270 -15.71 25.71 -3.39
CA THR E 270 -15.55 25.51 -1.95
C THR E 270 -16.00 24.12 -1.52
N ALA E 271 -17.14 23.69 -2.01
CA ALA E 271 -17.63 22.36 -1.71
C ALA E 271 -16.68 21.28 -2.24
N MET E 272 -16.18 21.44 -3.48
CA MET E 272 -15.27 20.43 -4.02
C MET E 272 -14.01 20.34 -3.19
N TYR E 273 -13.52 21.47 -2.74
CA TYR E 273 -12.35 21.46 -1.89
C TYR E 273 -12.66 20.81 -0.54
N LEU E 274 -13.78 21.19 0.11
CA LEU E 274 -14.17 20.60 1.40
C LEU E 274 -14.34 19.09 1.31
N ALA E 275 -14.82 18.61 0.17
CA ALA E 275 -15.06 17.17 0.00
C ALA E 275 -13.80 16.38 -0.33
N GLY E 276 -12.66 17.05 -0.56
CA GLY E 276 -11.42 16.38 -0.96
C GLY E 276 -11.34 16.07 -2.43
N LEU E 277 -12.15 16.72 -3.27
CA LEU E 277 -12.14 16.44 -4.70
C LEU E 277 -11.17 17.31 -5.50
N ILE E 278 -10.73 18.45 -4.97
CA ILE E 278 -9.65 19.23 -5.53
C ILE E 278 -8.71 19.56 -4.38
N GLU E 279 -7.46 19.83 -4.74
CA GLU E 279 -6.40 20.03 -3.76
C GLU E 279 -6.38 21.42 -3.17
N SER E 280 -6.70 22.44 -3.95
CA SER E 280 -6.46 23.82 -3.51
C SER E 280 -7.70 24.68 -3.71
N LEU E 281 -8.04 25.52 -2.70
CA LEU E 281 -9.18 26.41 -2.82
C LEU E 281 -8.67 27.71 -3.43
N GLU E 282 -8.49 27.71 -4.77
CA GLU E 282 -7.92 28.85 -5.48
C GLU E 282 -8.89 29.31 -6.54
N PHE E 283 -9.07 30.64 -6.62
CA PHE E 283 -9.86 31.30 -7.66
C PHE E 283 -8.98 32.28 -8.41
N ARG E 284 -9.42 32.65 -9.61
CA ARG E 284 -8.79 33.77 -10.29
C ARG E 284 -9.54 35.08 -9.98
N LEU E 285 -8.82 36.07 -9.50
CA LEU E 285 -9.46 37.36 -9.23
C LEU E 285 -10.24 37.85 -10.47
N PRO E 286 -11.40 38.44 -10.29
CA PRO E 286 -11.97 38.98 -9.04
C PRO E 286 -12.69 37.98 -8.19
N LEU E 287 -12.73 36.70 -8.57
CA LEU E 287 -13.34 35.73 -7.65
C LEU E 287 -12.35 35.38 -6.52
N CYS E 288 -12.89 34.94 -5.39
CA CYS E 288 -12.10 34.72 -4.18
C CYS E 288 -12.90 33.82 -3.26
N SER E 289 -12.26 33.36 -2.17
CA SER E 289 -12.92 32.51 -1.18
C SER E 289 -14.17 33.15 -0.61
N PRO E 290 -15.13 32.35 -0.20
CA PRO E 290 -16.35 32.88 0.41
C PRO E 290 -16.06 33.39 1.82
N SER E 291 -17.03 34.09 2.38
CA SER E 291 -16.89 34.53 3.77
C SER E 291 -16.81 33.32 4.69
N LYS E 292 -16.27 33.53 5.89
CA LYS E 292 -16.18 32.45 6.85
C LYS E 292 -17.57 31.90 7.16
N GLU E 293 -18.56 32.77 7.24
CA GLU E 293 -19.92 32.33 7.50
C GLU E 293 -20.44 31.42 6.38
N ASN E 294 -20.23 31.82 5.12
CA ASN E 294 -20.76 30.98 4.04
C ASN E 294 -19.99 29.67 3.93
N PHE E 295 -18.70 29.72 4.17
CA PHE E 295 -17.90 28.51 4.24
C PHE E 295 -18.51 27.51 5.22
N ALA E 296 -18.89 28.00 6.41
CA ALA E 296 -19.51 27.12 7.40
C ALA E 296 -20.89 26.64 6.94
N LYS E 297 -21.68 27.49 6.27
CA LYS E 297 -23.00 27.02 5.83
C LYS E 297 -22.84 25.91 4.78
N ILE E 298 -21.94 26.09 3.82
CA ILE E 298 -21.68 25.05 2.81
C ILE E 298 -21.23 23.77 3.49
N GLU E 299 -20.27 23.90 4.41
CA GLU E 299 -19.75 22.73 5.12
C GLU E 299 -20.88 21.96 5.77
N GLU E 300 -21.80 22.66 6.42
CA GLU E 300 -22.87 21.99 7.14
C GLU E 300 -23.88 21.34 6.19
N VAL E 301 -24.25 22.03 5.08
CA VAL E 301 -25.25 21.44 4.19
C VAL E 301 -24.71 20.16 3.55
N MET E 302 -23.45 20.14 3.21
CA MET E 302 -22.85 19.02 2.57
C MET E 302 -22.93 17.71 3.37
N LYS E 303 -22.97 17.80 4.68
CA LYS E 303 -22.99 16.62 5.52
C LYS E 303 -24.17 15.69 5.30
N LYS E 304 -25.23 16.22 4.71
CA LYS E 304 -26.42 15.48 4.46
C LYS E 304 -26.40 14.66 3.19
N TYR E 305 -25.36 14.79 2.40
CA TYR E 305 -25.26 14.11 1.14
C TYR E 305 -24.11 13.10 1.05
N LYS E 306 -24.30 12.05 0.31
CA LYS E 306 -23.24 11.06 0.15
C LYS E 306 -22.37 11.46 -1.04
N ILE E 307 -21.09 11.74 -0.80
CA ILE E 307 -20.24 12.27 -1.86
C ILE E 307 -19.39 11.15 -2.46
N LYS E 308 -19.56 10.92 -3.76
CA LYS E 308 -18.74 9.93 -4.45
C LYS E 308 -17.32 10.44 -4.62
N GLY E 309 -16.36 9.55 -4.40
CA GLY E 309 -14.97 9.86 -4.62
C GLY E 309 -14.57 9.56 -6.06
N PHE E 310 -13.27 9.31 -6.23
CA PHE E 310 -12.68 8.92 -7.51
C PHE E 310 -12.62 7.41 -7.68
N ASP F 14 -3.86 66.27 -1.38
CA ASP F 14 -3.52 64.95 -0.85
C ASP F 14 -3.47 63.88 -1.97
N LYS F 15 -4.41 63.89 -2.93
CA LYS F 15 -4.43 62.95 -4.05
C LYS F 15 -4.38 63.67 -5.40
N ASN F 16 -3.72 63.06 -6.39
CA ASN F 16 -3.84 63.54 -7.76
C ASN F 16 -5.20 63.11 -8.33
N ILE F 17 -5.91 64.04 -8.97
CA ILE F 17 -7.30 63.83 -9.36
C ILE F 17 -7.48 64.30 -10.80
N ILE F 18 -8.53 63.78 -11.43
CA ILE F 18 -8.99 64.25 -12.73
C ILE F 18 -10.49 64.46 -12.60
N ILE F 19 -10.94 65.72 -12.67
CA ILE F 19 -12.35 66.08 -12.40
C ILE F 19 -12.88 67.09 -13.41
N GLY F 20 -14.02 67.72 -13.14
CA GLY F 20 -14.60 68.64 -14.09
C GLY F 20 -15.48 67.95 -15.13
N ALA F 21 -15.68 68.65 -16.25
CA ALA F 21 -16.56 68.19 -17.32
C ALA F 21 -15.79 67.26 -18.24
N MET F 22 -16.23 65.99 -18.34
CA MET F 22 -15.48 65.02 -19.11
C MET F 22 -16.41 64.30 -20.08
N THR F 23 -15.84 63.82 -21.19
CA THR F 23 -16.65 63.20 -22.23
C THR F 23 -16.27 61.74 -22.45
N ALA F 24 -17.28 60.86 -22.36
CA ALA F 24 -17.09 59.48 -22.77
C ALA F 24 -17.16 59.46 -24.30
N LEU F 25 -16.00 59.43 -24.97
CA LEU F 25 -15.93 59.60 -26.42
C LEU F 25 -16.57 58.42 -27.18
N ILE F 26 -17.47 58.73 -28.13
CA ILE F 26 -17.83 57.68 -29.14
C ILE F 26 -16.60 57.34 -29.98
N THR F 27 -16.61 56.13 -30.56
CA THR F 27 -15.57 55.69 -31.47
C THR F 27 -16.19 55.59 -32.86
N PRO F 28 -15.94 56.53 -33.78
CA PRO F 28 -16.54 56.43 -35.12
C PRO F 28 -15.85 55.36 -35.96
N PHE F 29 -16.66 54.60 -36.71
CA PHE F 29 -16.20 53.59 -37.64
C PHE F 29 -16.54 54.03 -39.06
N LYS F 30 -15.66 53.72 -40.00
CA LYS F 30 -15.95 53.91 -41.43
C LYS F 30 -15.54 52.62 -42.11
N ASN F 31 -16.47 52.03 -42.86
CA ASN F 31 -16.35 50.69 -43.46
C ASN F 31 -15.63 49.73 -42.52
N GLY F 32 -16.14 49.66 -41.29
CA GLY F 32 -15.70 48.70 -40.31
C GLY F 32 -14.39 49.00 -39.60
N LYS F 33 -13.75 50.13 -39.88
CA LYS F 33 -12.49 50.46 -39.22
C LYS F 33 -12.64 51.78 -38.48
N VAL F 34 -11.82 51.94 -37.43
CA VAL F 34 -11.82 53.19 -36.69
C VAL F 34 -11.43 54.32 -37.63
N ASP F 35 -12.29 55.33 -37.72
CA ASP F 35 -12.01 56.54 -38.49
C ASP F 35 -11.15 57.47 -37.63
N GLU F 36 -9.85 57.29 -37.77
CA GLU F 36 -8.86 58.07 -37.05
C GLU F 36 -8.95 59.56 -37.20
N GLN F 37 -9.16 60.03 -38.40
CA GLN F 37 -9.28 61.44 -38.62
C GLN F 37 -10.49 61.99 -37.91
N SER F 38 -11.62 61.34 -38.07
CA SER F 38 -12.81 61.77 -37.41
C SER F 38 -12.62 61.78 -35.89
N TYR F 39 -12.01 60.73 -35.39
CA TYR F 39 -11.78 60.64 -33.94
C TYR F 39 -10.97 61.83 -33.42
N ALA F 40 -9.87 62.17 -34.11
CA ALA F 40 -9.10 63.36 -33.70
C ALA F 40 -9.92 64.64 -33.82
N ARG F 41 -10.67 64.81 -34.92
CA ARG F 41 -11.50 65.99 -35.08
C ARG F 41 -12.55 66.10 -33.99
N LEU F 42 -13.14 64.97 -33.62
CA LEU F 42 -14.16 64.98 -32.57
C LEU F 42 -13.56 65.39 -31.23
N ILE F 43 -12.34 64.93 -30.93
CA ILE F 43 -11.69 65.29 -29.66
C ILE F 43 -11.36 66.79 -29.65
N LYS F 44 -10.84 67.33 -30.76
CA LYS F 44 -10.56 68.77 -30.82
C LYS F 44 -11.82 69.59 -30.56
N ARG F 45 -12.97 69.15 -31.10
CA ARG F 45 -14.25 69.81 -30.86
C ARG F 45 -14.61 69.84 -29.37
N GLN F 46 -14.38 68.73 -28.66
CA GLN F 46 -14.61 68.70 -27.22
C GLN F 46 -13.72 69.72 -26.52
N ILE F 47 -12.42 69.74 -26.86
CA ILE F 47 -11.47 70.66 -26.25
C ILE F 47 -11.92 72.11 -26.45
N GLU F 48 -12.33 72.47 -27.69
CA GLU F 48 -12.68 73.87 -27.96
C GLU F 48 -13.98 74.27 -27.28
N ASN F 49 -14.76 73.29 -26.84
CA ASN F 49 -16.00 73.61 -26.18
C ASN F 49 -15.93 73.47 -24.67
N GLY F 50 -14.72 73.54 -24.09
CA GLY F 50 -14.60 73.73 -22.65
C GLY F 50 -14.49 72.45 -21.83
N ILE F 51 -14.29 71.31 -22.48
CA ILE F 51 -14.21 70.05 -21.75
C ILE F 51 -12.86 69.95 -21.05
N ASP F 52 -12.87 69.35 -19.85
CA ASP F 52 -11.68 69.25 -19.01
C ASP F 52 -10.92 67.94 -19.18
N ALA F 53 -11.59 66.87 -19.62
CA ALA F 53 -10.91 65.59 -19.82
C ALA F 53 -11.73 64.81 -20.82
N VAL F 54 -11.07 63.88 -21.52
CA VAL F 54 -11.74 62.97 -22.41
C VAL F 54 -11.44 61.55 -21.94
N VAL F 55 -12.45 60.70 -22.15
CA VAL F 55 -12.40 59.27 -21.85
C VAL F 55 -12.44 58.50 -23.16
N PRO F 56 -11.29 58.13 -23.72
CA PRO F 56 -11.28 57.20 -24.86
C PRO F 56 -11.57 55.79 -24.39
N VAL F 57 -12.16 55.01 -25.28
CA VAL F 57 -12.43 53.57 -25.11
C VAL F 57 -13.03 53.21 -23.76
N GLY F 58 -14.05 53.94 -23.36
CA GLY F 58 -14.95 53.55 -22.30
C GLY F 58 -16.17 52.86 -22.90
N THR F 59 -17.23 52.76 -22.11
CA THR F 59 -18.44 52.10 -22.57
C THR F 59 -19.02 52.77 -23.81
N THR F 60 -19.16 54.10 -23.76
CA THR F 60 -19.70 54.88 -24.88
C THR F 60 -18.85 54.73 -26.13
N GLY F 61 -17.57 54.40 -25.98
CA GLY F 61 -16.66 54.15 -27.07
C GLY F 61 -16.59 52.72 -27.53
N GLU F 62 -17.51 51.87 -27.04
CA GLU F 62 -17.58 50.48 -27.51
C GLU F 62 -16.28 49.75 -27.23
N SER F 63 -15.71 50.02 -26.04
CA SER F 63 -14.52 49.31 -25.57
C SER F 63 -14.61 47.79 -25.73
N ALA F 64 -15.81 47.22 -25.46
CA ALA F 64 -15.91 45.75 -25.42
C ALA F 64 -15.58 45.07 -26.76
N THR F 65 -15.72 45.80 -27.88
CA THR F 65 -15.57 45.20 -29.22
C THR F 65 -14.37 45.73 -30.01
N LEU F 66 -13.57 46.62 -29.42
CA LEU F 66 -12.35 47.13 -30.04
C LEU F 66 -11.21 46.16 -29.85
N THR F 67 -10.32 46.08 -30.86
CA THR F 67 -9.11 45.29 -30.73
C THR F 67 -8.06 46.01 -29.86
N HIS F 68 -7.06 45.25 -29.42
CA HIS F 68 -5.96 45.84 -28.69
C HIS F 68 -5.29 46.95 -29.51
N GLU F 69 -5.07 46.69 -30.80
CA GLU F 69 -4.46 47.70 -31.65
C GLU F 69 -5.38 48.91 -31.82
N GLU F 70 -6.70 48.70 -31.90
CA GLU F 70 -7.58 49.88 -31.98
C GLU F 70 -7.59 50.69 -30.68
N LYS F 71 -7.56 50.01 -29.54
CA LYS F 71 -7.50 50.75 -28.26
C LYS F 71 -6.24 51.58 -28.15
N ARG F 72 -5.09 50.99 -28.53
CA ARG F 72 -3.83 51.73 -28.56
C ARG F 72 -3.96 52.96 -29.43
N THR F 73 -4.53 52.76 -30.63
CA THR F 73 -4.66 53.88 -31.56
C THR F 73 -5.52 54.99 -30.97
N CYS F 74 -6.67 54.63 -30.38
CA CYS F 74 -7.57 55.65 -29.85
C CYS F 74 -6.95 56.36 -28.65
N ILE F 75 -6.28 55.62 -27.77
CA ILE F 75 -5.64 56.28 -26.63
C ILE F 75 -4.52 57.20 -27.12
N GLU F 76 -3.71 56.74 -28.07
CA GLU F 76 -2.62 57.59 -28.55
C GLU F 76 -3.15 58.83 -29.25
N ILE F 77 -4.23 58.69 -30.04
CA ILE F 77 -4.83 59.87 -30.66
C ILE F 77 -5.37 60.84 -29.62
N ALA F 78 -6.05 60.34 -28.60
CA ALA F 78 -6.51 61.24 -27.53
C ALA F 78 -5.32 61.93 -26.88
N VAL F 79 -4.29 61.17 -26.56
CA VAL F 79 -3.15 61.78 -25.89
C VAL F 79 -2.51 62.85 -26.79
N GLU F 80 -2.30 62.55 -28.07
CA GLU F 80 -1.63 63.54 -28.93
C GLU F 80 -2.49 64.77 -29.15
N THR F 81 -3.81 64.61 -29.31
CA THR F 81 -4.69 65.75 -29.57
C THR F 81 -4.79 66.67 -28.35
N CYS F 82 -4.63 66.13 -27.14
CA CYS F 82 -4.71 66.95 -25.95
C CYS F 82 -3.36 67.54 -25.53
N LYS F 83 -2.26 67.10 -26.12
CA LYS F 83 -0.95 67.67 -25.80
C LYS F 83 -0.97 69.19 -26.06
N GLY F 84 -0.35 69.93 -25.15
CA GLY F 84 -0.37 71.37 -25.31
C GLY F 84 -1.65 72.03 -24.85
N THR F 85 -2.51 71.30 -24.19
CA THR F 85 -3.74 71.83 -23.65
C THR F 85 -3.88 71.37 -22.20
N LYS F 86 -4.82 71.91 -21.48
CA LYS F 86 -5.06 71.50 -20.12
C LYS F 86 -5.89 70.20 -20.06
N VAL F 87 -6.41 69.76 -21.18
CA VAL F 87 -7.26 68.58 -21.20
C VAL F 87 -6.57 67.26 -20.87
N LYS F 88 -7.12 66.51 -19.94
CA LYS F 88 -6.51 65.24 -19.54
C LYS F 88 -7.19 64.08 -20.26
N VAL F 89 -6.46 62.98 -20.34
CA VAL F 89 -6.91 61.73 -20.95
C VAL F 89 -7.08 60.73 -19.82
N LEU F 90 -8.33 60.35 -19.57
CA LEU F 90 -8.73 59.36 -18.57
C LEU F 90 -9.18 58.15 -19.37
N ALA F 91 -8.27 57.21 -19.59
CA ALA F 91 -8.50 56.11 -20.53
C ALA F 91 -9.36 55.03 -19.88
N GLY F 92 -10.35 54.52 -20.63
CA GLY F 92 -11.02 53.33 -20.19
C GLY F 92 -10.06 52.17 -20.12
N ALA F 93 -10.05 51.42 -18.98
CA ALA F 93 -9.13 50.29 -18.85
C ALA F 93 -9.68 49.14 -18.00
N GLY F 94 -10.99 49.07 -17.78
CA GLY F 94 -11.55 48.03 -16.94
C GLY F 94 -11.69 46.69 -17.65
N SER F 95 -11.82 45.64 -16.84
CA SER F 95 -12.11 44.29 -17.33
C SER F 95 -12.72 43.51 -16.17
N ASN F 96 -13.46 42.44 -16.51
CA ASN F 96 -13.91 41.56 -15.45
C ASN F 96 -12.88 40.50 -15.04
N ALA F 97 -11.67 40.52 -15.62
CA ALA F 97 -10.59 39.64 -15.17
C ALA F 97 -9.48 40.53 -14.61
N THR F 98 -9.13 40.32 -13.34
CA THR F 98 -8.21 41.24 -12.70
C THR F 98 -6.89 41.33 -13.47
N HIS F 99 -6.33 40.19 -13.89
CA HIS F 99 -5.04 40.25 -14.61
C HIS F 99 -5.17 41.02 -15.93
N GLU F 100 -6.33 40.93 -16.61
CA GLU F 100 -6.52 41.74 -17.81
C GLU F 100 -6.68 43.20 -17.46
N ALA F 101 -7.39 43.52 -16.35
CA ALA F 101 -7.55 44.92 -15.93
C ALA F 101 -6.21 45.53 -15.56
N VAL F 102 -5.34 44.76 -14.92
CA VAL F 102 -3.98 45.24 -14.65
C VAL F 102 -3.21 45.49 -15.95
N GLY F 103 -3.28 44.55 -16.90
CA GLY F 103 -2.59 44.76 -18.17
C GLY F 103 -3.07 46.00 -18.89
N LEU F 104 -4.39 46.25 -18.87
CA LEU F 104 -4.94 47.39 -19.57
C LEU F 104 -4.56 48.72 -18.90
N ALA F 105 -4.47 48.72 -17.58
CA ALA F 105 -4.03 49.92 -16.88
C ALA F 105 -2.58 50.25 -17.24
N LYS F 106 -1.70 49.25 -17.19
CA LYS F 106 -0.30 49.47 -17.54
C LYS F 106 -0.15 49.96 -18.98
N PHE F 107 -0.95 49.36 -19.88
CA PHE F 107 -1.01 49.75 -21.29
C PHE F 107 -1.41 51.22 -21.46
N ALA F 108 -2.50 51.63 -20.80
CA ALA F 108 -2.94 53.02 -20.88
C ALA F 108 -1.86 53.95 -20.35
N LYS F 109 -1.26 53.61 -19.21
CA LYS F 109 -0.17 54.43 -18.67
C LYS F 109 0.97 54.53 -19.67
N GLU F 110 1.35 53.39 -20.26
CA GLU F 110 2.44 53.38 -21.23
C GLU F 110 2.14 54.21 -22.46
N HIS F 111 0.88 54.36 -22.85
CA HIS F 111 0.53 55.11 -24.03
C HIS F 111 0.14 56.54 -23.72
N GLY F 112 0.45 57.03 -22.52
CA GLY F 112 0.36 58.44 -22.22
C GLY F 112 -0.86 58.90 -21.47
N ALA F 113 -1.75 58.00 -21.04
CA ALA F 113 -2.95 58.43 -20.34
C ALA F 113 -2.63 59.17 -19.05
N ASP F 114 -3.45 60.18 -18.73
CA ASP F 114 -3.24 60.86 -17.45
C ASP F 114 -3.78 60.06 -16.26
N GLY F 115 -4.76 59.18 -16.48
CA GLY F 115 -5.36 58.34 -15.46
C GLY F 115 -6.19 57.28 -16.14
N ILE F 116 -6.82 56.40 -15.35
CA ILE F 116 -7.69 55.40 -15.95
C ILE F 116 -9.07 55.37 -15.30
N LEU F 117 -10.08 55.07 -16.13
CA LEU F 117 -11.41 54.72 -15.66
C LEU F 117 -11.52 53.20 -15.67
N SER F 118 -12.03 52.61 -14.58
CA SER F 118 -11.96 51.14 -14.49
C SER F 118 -13.31 50.61 -13.98
N VAL F 119 -14.10 50.06 -14.91
CA VAL F 119 -15.47 49.64 -14.61
C VAL F 119 -15.46 48.38 -13.73
N ALA F 120 -16.46 48.29 -12.87
CA ALA F 120 -16.61 47.10 -12.03
C ALA F 120 -16.72 45.83 -12.88
N PRO F 121 -16.09 44.74 -12.48
CA PRO F 121 -16.23 43.48 -13.24
C PRO F 121 -17.67 43.14 -13.58
N TYR F 122 -17.90 42.84 -14.85
CA TYR F 122 -19.20 42.48 -15.38
C TYR F 122 -19.31 40.95 -15.52
N TYR F 123 -20.54 40.45 -15.48
CA TYR F 123 -20.87 39.05 -15.77
C TYR F 123 -20.50 38.05 -14.66
N ASN F 124 -19.28 38.10 -14.09
CA ASN F 124 -18.87 37.08 -13.12
C ASN F 124 -19.23 37.42 -11.67
N LYS F 125 -19.80 38.61 -11.40
CA LYS F 125 -20.42 38.95 -10.11
C LYS F 125 -19.55 38.66 -8.89
N PRO F 126 -18.38 39.29 -8.80
CA PRO F 126 -17.54 39.11 -7.60
C PRO F 126 -18.23 39.64 -6.36
N THR F 127 -17.80 39.13 -5.20
CA THR F 127 -18.22 39.67 -3.91
C THR F 127 -17.50 41.01 -3.64
N GLN F 128 -17.93 41.71 -2.56
CA GLN F 128 -17.23 42.94 -2.16
C GLN F 128 -15.74 42.68 -1.90
N GLN F 129 -15.41 41.55 -1.25
CA GLN F 129 -13.99 41.21 -1.03
C GLN F 129 -13.25 41.11 -2.36
N GLY F 130 -13.85 40.44 -3.34
CA GLY F 130 -13.19 40.33 -4.65
C GLY F 130 -13.06 41.67 -5.35
N LEU F 131 -14.09 42.51 -5.25
CA LEU F 131 -13.99 43.83 -5.87
C LEU F 131 -12.85 44.61 -5.24
N TYR F 132 -12.74 44.53 -3.91
CA TYR F 132 -11.65 45.22 -3.19
C TYR F 132 -10.28 44.72 -3.68
N GLU F 133 -10.11 43.41 -3.77
CA GLU F 133 -8.83 42.86 -4.26
C GLU F 133 -8.61 43.20 -5.73
N HIS F 134 -9.67 43.21 -6.54
CA HIS F 134 -9.57 43.60 -7.95
C HIS F 134 -8.99 45.02 -8.12
N TYR F 135 -9.61 45.99 -7.49
CA TYR F 135 -9.16 47.35 -7.70
C TYR F 135 -7.84 47.65 -6.99
N LYS F 136 -7.60 47.02 -5.84
CA LYS F 136 -6.28 47.18 -5.24
C LYS F 136 -5.17 46.67 -6.18
N ALA F 137 -5.37 45.51 -6.81
CA ALA F 137 -4.39 45.02 -7.80
C ALA F 137 -4.18 46.04 -8.92
N ILE F 138 -5.27 46.67 -9.41
CA ILE F 138 -5.16 47.66 -10.48
C ILE F 138 -4.37 48.87 -10.00
N ALA F 139 -4.73 49.39 -8.82
CA ALA F 139 -4.08 50.56 -8.24
C ALA F 139 -2.59 50.29 -8.04
N GLN F 140 -2.25 49.06 -7.65
CA GLN F 140 -0.85 48.71 -7.44
C GLN F 140 -0.07 48.61 -8.73
N SER F 141 -0.73 48.58 -9.88
CA SER F 141 0.02 48.34 -11.12
C SER F 141 0.53 49.61 -11.78
N VAL F 142 -0.02 50.78 -11.44
CA VAL F 142 0.32 52.02 -12.11
C VAL F 142 0.56 53.08 -11.07
N ASP F 143 1.06 54.22 -11.52
CA ASP F 143 1.26 55.37 -10.65
C ASP F 143 0.45 56.59 -11.09
N ILE F 144 -0.67 56.36 -11.78
CA ILE F 144 -1.54 57.47 -12.21
C ILE F 144 -2.91 57.30 -11.53
N PRO F 145 -3.75 58.35 -11.51
CA PRO F 145 -5.07 58.25 -10.85
C PRO F 145 -5.96 57.16 -11.47
N VAL F 146 -6.73 56.51 -10.61
CA VAL F 146 -7.69 55.46 -10.97
C VAL F 146 -9.06 55.91 -10.48
N LEU F 147 -10.04 56.02 -11.39
CA LEU F 147 -11.43 56.34 -11.04
C LEU F 147 -12.27 55.07 -11.15
N LEU F 148 -12.88 54.65 -10.06
CA LEU F 148 -13.80 53.50 -10.12
C LEU F 148 -15.03 53.87 -10.95
N TYR F 149 -15.75 52.83 -11.42
CA TYR F 149 -16.94 53.01 -12.26
C TYR F 149 -17.96 51.93 -11.91
N ASN F 150 -19.09 52.39 -11.36
CA ASN F 150 -20.18 51.57 -10.85
C ASN F 150 -21.38 51.72 -11.78
N VAL F 151 -21.78 50.62 -12.41
CA VAL F 151 -22.93 50.69 -13.31
C VAL F 151 -23.61 49.33 -13.20
N PRO F 152 -24.34 49.08 -12.09
CA PRO F 152 -24.83 47.71 -11.83
C PRO F 152 -25.78 47.21 -12.90
N GLY F 153 -26.55 48.10 -13.55
CA GLY F 153 -27.48 47.65 -14.62
C GLY F 153 -26.77 47.00 -15.80
N ARG F 154 -25.49 47.33 -16.01
CA ARG F 154 -24.65 46.67 -17.00
C ARG F 154 -23.83 45.50 -16.45
N THR F 155 -23.29 45.62 -15.23
CA THR F 155 -22.32 44.63 -14.76
C THR F 155 -22.93 43.45 -14.00
N GLY F 156 -24.08 43.65 -13.35
CA GLY F 156 -24.64 42.63 -12.47
C GLY F 156 -24.10 42.69 -11.07
N CYS F 157 -23.23 43.65 -10.75
CA CYS F 157 -22.78 43.79 -9.38
C CYS F 157 -22.76 45.27 -9.01
N GLU F 158 -22.64 45.54 -7.72
CA GLU F 158 -22.56 46.91 -7.23
C GLU F 158 -21.30 47.02 -6.37
N ILE F 159 -20.51 48.09 -6.54
CA ILE F 159 -19.42 48.37 -5.60
C ILE F 159 -20.03 49.11 -4.41
N SER F 160 -20.02 48.48 -3.23
CA SER F 160 -20.68 49.13 -2.10
C SER F 160 -19.95 50.41 -1.67
N THR F 161 -20.67 51.25 -0.93
CA THR F 161 -20.03 52.44 -0.35
C THR F 161 -18.81 52.09 0.51
N ASP F 162 -18.93 51.10 1.38
CA ASP F 162 -17.82 50.72 2.25
C ASP F 162 -16.63 50.25 1.44
N THR F 163 -16.86 49.48 0.39
CA THR F 163 -15.72 49.05 -0.41
C THR F 163 -15.03 50.23 -1.09
N ILE F 164 -15.81 51.16 -1.66
CA ILE F 164 -15.26 52.33 -2.31
C ILE F 164 -14.45 53.15 -1.30
N ILE F 165 -15.00 53.34 -0.10
CA ILE F 165 -14.27 54.14 0.89
C ILE F 165 -12.98 53.43 1.32
N LYS F 166 -13.03 52.12 1.52
CA LYS F 166 -11.81 51.40 1.89
C LYS F 166 -10.75 51.55 0.82
N LEU F 167 -11.15 51.44 -0.45
CA LEU F 167 -10.19 51.59 -1.56
C LEU F 167 -9.61 53.00 -1.60
N PHE F 168 -10.45 54.01 -1.39
CA PHE F 168 -9.96 55.37 -1.36
C PHE F 168 -8.91 55.57 -0.27
N ARG F 169 -9.16 55.05 0.91
CA ARG F 169 -8.22 55.24 2.01
C ARG F 169 -6.98 54.37 1.89
N ASP F 170 -7.13 53.17 1.33
CA ASP F 170 -6.05 52.17 1.27
C ASP F 170 -5.16 52.29 0.06
N CYS F 171 -5.65 52.90 -1.04
CA CYS F 171 -4.89 52.95 -2.28
C CYS F 171 -4.73 54.41 -2.73
N GLU F 172 -3.49 54.86 -2.76
CA GLU F 172 -3.21 56.26 -3.12
C GLU F 172 -3.87 56.65 -4.45
N ASN F 173 -3.72 55.81 -5.49
CA ASN F 173 -4.20 56.23 -6.82
C ASN F 173 -5.73 56.34 -6.93
N ILE F 174 -6.48 55.61 -6.09
CA ILE F 174 -7.94 55.53 -6.26
C ILE F 174 -8.53 56.80 -5.64
N TYR F 175 -9.13 57.66 -6.48
CA TYR F 175 -9.51 58.98 -5.96
C TYR F 175 -11.02 59.26 -6.00
N GLY F 176 -11.83 58.34 -6.51
CA GLY F 176 -13.27 58.56 -6.52
C GLY F 176 -13.95 57.49 -7.36
N VAL F 177 -15.20 57.79 -7.73
CA VAL F 177 -16.03 56.84 -8.46
C VAL F 177 -16.97 57.59 -9.41
N KPI F 178 -17.06 57.07 -10.62
CA KPI F 178 -18.10 57.46 -11.56
CB KPI F 178 -17.63 57.15 -13.01
CG KPI F 178 -18.64 57.41 -14.14
CD KPI F 178 -18.10 56.87 -15.45
CE KPI F 178 -19.22 56.93 -16.56
NZ KPI F 178 -18.71 56.32 -17.77
CX1 KPI F 178 -19.41 56.18 -18.87
C1 KPI F 178 -20.69 56.87 -19.29
CX2 KPI F 178 -18.73 55.53 -20.04
O1 KPI F 178 -17.54 54.93 -19.76
O2 KPI F 178 -19.11 55.52 -21.23
C KPI F 178 -19.39 56.68 -11.22
O KPI F 178 -19.33 55.37 -11.35
N GLU F 179 -20.46 57.31 -10.75
CA GLU F 179 -21.69 56.57 -10.36
C GLU F 179 -22.72 56.60 -11.48
N ALA F 180 -23.11 55.43 -11.99
CA ALA F 180 -24.19 55.32 -12.99
C ALA F 180 -25.21 54.31 -12.49
N SER F 181 -25.77 54.56 -11.32
CA SER F 181 -26.68 53.62 -10.65
C SER F 181 -28.04 54.24 -10.39
N GLY F 182 -28.26 55.49 -10.77
CA GLY F 182 -29.55 56.16 -10.51
C GLY F 182 -29.97 56.16 -9.06
N ASN F 183 -29.02 56.31 -8.16
CA ASN F 183 -29.23 56.09 -6.73
C ASN F 183 -28.57 57.29 -6.01
N ILE F 184 -29.30 58.40 -5.91
CA ILE F 184 -28.72 59.56 -5.22
C ILE F 184 -28.48 59.27 -3.73
N ASP F 185 -29.17 58.29 -3.17
CA ASP F 185 -28.97 57.89 -1.79
C ASP F 185 -27.51 57.43 -1.60
N LYS F 186 -27.05 56.65 -2.54
CA LYS F 186 -25.71 56.15 -2.53
C LYS F 186 -24.71 57.31 -2.58
N CYS F 187 -25.02 58.30 -3.41
CA CYS F 187 -24.21 59.46 -3.53
C CYS F 187 -24.14 60.20 -2.20
N VAL F 188 -25.26 60.30 -1.52
CA VAL F 188 -25.22 60.95 -0.20
C VAL F 188 -24.33 60.15 0.76
N ASP F 189 -24.56 58.85 0.81
CA ASP F 189 -23.81 57.93 1.67
C ASP F 189 -22.30 58.08 1.46
N LEU F 190 -21.86 58.10 0.19
CA LEU F 190 -20.42 58.22 -0.14
C LEU F 190 -19.82 59.51 0.41
N LEU F 191 -20.41 60.64 0.05
CA LEU F 191 -19.80 61.92 0.44
C LEU F 191 -20.10 62.31 1.87
N ALA F 192 -21.12 61.70 2.49
CA ALA F 192 -21.34 61.95 3.93
C ALA F 192 -20.28 61.23 4.79
N HIS F 193 -19.80 60.06 4.36
CA HIS F 193 -18.79 59.34 5.12
C HIS F 193 -17.36 59.58 4.63
N GLU F 194 -17.17 59.99 3.39
CA GLU F 194 -15.81 60.23 2.91
C GLU F 194 -15.86 61.47 2.02
N PRO F 195 -15.92 62.66 2.63
CA PRO F 195 -16.09 63.88 1.85
C PRO F 195 -14.88 64.26 1.00
N ARG F 196 -13.75 63.55 1.12
CA ARG F 196 -12.59 63.89 0.30
C ARG F 196 -12.63 63.22 -1.07
N MET F 197 -13.51 62.27 -1.29
CA MET F 197 -13.44 61.61 -2.58
C MET F 197 -14.13 62.45 -3.67
N MET F 198 -13.74 62.15 -4.91
CA MET F 198 -14.32 62.81 -6.08
C MET F 198 -15.44 61.91 -6.64
N LEU F 199 -16.66 62.28 -6.38
CA LEU F 199 -17.83 61.63 -6.96
C LEU F 199 -18.09 62.25 -8.32
N ILE F 200 -18.20 61.43 -9.35
CA ILE F 200 -18.35 61.89 -10.73
C ILE F 200 -19.68 61.34 -11.24
N SER F 201 -20.51 62.19 -11.82
CA SER F 201 -21.77 61.70 -12.39
C SER F 201 -21.53 60.87 -13.65
N GLY F 202 -22.11 59.65 -13.66
CA GLY F 202 -22.08 58.84 -14.88
C GLY F 202 -23.47 58.72 -15.50
N GLU F 203 -24.30 59.71 -15.22
CA GLU F 203 -25.69 59.66 -15.60
C GLU F 203 -26.17 61.07 -15.92
N ASP F 204 -26.20 61.44 -17.21
CA ASP F 204 -26.40 62.84 -17.61
C ASP F 204 -27.66 63.43 -17.01
N ALA F 205 -28.75 62.67 -16.98
CA ALA F 205 -30.00 63.27 -16.53
C ALA F 205 -29.89 63.85 -15.11
N ILE F 206 -29.04 63.26 -14.25
CA ILE F 206 -28.94 63.69 -12.87
C ILE F 206 -27.57 64.32 -12.56
N ASN F 207 -26.92 64.89 -13.60
CA ASN F 207 -25.67 65.63 -13.40
C ASN F 207 -25.83 66.68 -12.30
N TYR F 208 -26.89 67.52 -12.38
CA TYR F 208 -26.97 68.61 -11.41
C TYR F 208 -27.18 68.10 -9.99
N PRO F 209 -28.14 67.20 -9.70
CA PRO F 209 -28.23 66.73 -8.31
C PRO F 209 -26.91 66.13 -7.80
N ILE F 210 -26.15 65.41 -8.64
CA ILE F 210 -24.91 64.84 -8.12
C ILE F 210 -23.90 65.94 -7.80
N LEU F 211 -23.76 66.93 -8.69
CA LEU F 211 -22.84 68.06 -8.46
C LEU F 211 -23.29 68.90 -7.26
N SER F 212 -24.59 69.16 -7.15
CA SER F 212 -25.08 69.97 -6.03
C SER F 212 -24.82 69.32 -4.67
N ASN F 213 -24.63 67.99 -4.62
CA ASN F 213 -24.32 67.30 -3.37
C ASN F 213 -22.82 67.25 -3.11
N GLY F 214 -22.00 67.88 -3.95
CA GLY F 214 -20.56 67.87 -3.73
C GLY F 214 -19.80 67.01 -4.72
N GLY F 215 -20.49 66.39 -5.68
CA GLY F 215 -19.79 65.77 -6.79
C GLY F 215 -18.94 66.79 -7.53
N LYS F 216 -17.86 66.33 -8.16
CA LYS F 216 -16.86 67.23 -8.71
C LYS F 216 -16.65 67.09 -10.22
N GLY F 217 -17.55 66.42 -10.93
CA GLY F 217 -17.39 66.29 -12.35
C GLY F 217 -18.44 65.37 -12.93
N VAL F 218 -18.38 65.21 -14.26
CA VAL F 218 -19.26 64.31 -14.99
C VAL F 218 -18.42 63.59 -16.01
N ILE F 219 -18.78 62.34 -16.31
CA ILE F 219 -18.29 61.61 -17.47
C ILE F 219 -19.53 61.37 -18.32
N SER F 220 -19.68 62.19 -19.38
CA SER F 220 -20.97 62.45 -20.01
C SER F 220 -21.12 61.71 -21.33
N VAL F 221 -22.36 61.33 -21.64
CA VAL F 221 -22.71 60.91 -23.01
C VAL F 221 -23.17 62.10 -23.85
N THR F 222 -24.10 62.84 -23.29
CA THR F 222 -24.67 64.00 -23.96
C THR F 222 -23.62 64.99 -24.45
N SER F 223 -22.50 65.13 -23.73
CA SER F 223 -21.46 66.09 -24.14
C SER F 223 -20.83 65.73 -25.50
N ASN F 224 -20.90 64.48 -25.95
CA ASN F 224 -20.49 64.19 -27.33
C ASN F 224 -21.21 65.11 -28.31
N LEU F 225 -22.51 65.35 -28.07
CA LEU F 225 -23.36 66.15 -28.94
C LEU F 225 -23.36 67.61 -28.52
N LEU F 226 -23.41 67.88 -27.21
CA LEU F 226 -23.58 69.24 -26.70
C LEU F 226 -22.50 69.58 -25.69
N PRO F 227 -21.23 69.57 -26.11
CA PRO F 227 -20.15 69.71 -25.11
C PRO F 227 -20.17 71.04 -24.41
N ASP F 228 -20.60 72.11 -25.11
CA ASP F 228 -20.64 73.44 -24.51
C ASP F 228 -21.65 73.50 -23.38
N MET F 229 -22.80 72.87 -23.57
CA MET F 229 -23.82 72.89 -22.54
C MET F 229 -23.41 72.06 -21.32
N ILE F 230 -22.80 70.90 -21.55
CA ILE F 230 -22.38 70.07 -20.42
C ILE F 230 -21.21 70.73 -19.69
N SER F 231 -20.28 71.34 -20.44
CA SER F 231 -19.16 72.01 -19.77
C SER F 231 -19.67 73.19 -18.93
N ALA F 232 -20.58 74.01 -19.49
CA ALA F 232 -21.15 75.12 -18.72
C ALA F 232 -21.86 74.64 -17.48
N LEU F 233 -22.74 73.63 -17.62
CA LEU F 233 -23.43 73.06 -16.47
C LEU F 233 -22.45 72.72 -15.37
N THR F 234 -21.41 71.94 -15.70
CA THR F 234 -20.49 71.47 -14.67
C THR F 234 -19.75 72.65 -14.03
N HIS F 235 -19.28 73.60 -14.86
CA HIS F 235 -18.47 74.69 -14.34
C HIS F 235 -19.33 75.64 -13.51
N PHE F 236 -20.56 75.96 -13.94
CA PHE F 236 -21.47 76.70 -13.08
C PHE F 236 -21.57 76.04 -11.71
N ALA F 237 -21.78 74.70 -11.69
CA ALA F 237 -21.97 74.00 -10.43
C ALA F 237 -20.72 74.07 -9.57
N LEU F 238 -19.55 73.87 -10.19
CA LEU F 238 -18.29 73.92 -9.43
C LEU F 238 -18.04 75.32 -8.87
N ASP F 239 -18.62 76.34 -9.47
CA ASP F 239 -18.58 77.72 -8.97
C ASP F 239 -19.68 78.03 -7.96
N GLU F 240 -20.51 77.05 -7.61
CA GLU F 240 -21.64 77.20 -6.71
C GLU F 240 -22.72 78.09 -7.30
N ASN F 241 -22.77 78.19 -8.63
CA ASN F 241 -23.89 78.83 -9.29
C ASN F 241 -24.91 77.73 -9.62
N TYR F 242 -25.63 77.32 -8.59
CA TYR F 242 -26.54 76.17 -8.73
C TYR F 242 -27.77 76.51 -9.55
N LYS F 243 -28.25 77.75 -9.47
CA LYS F 243 -29.43 78.10 -10.26
C LYS F 243 -29.16 77.97 -11.75
N GLU F 244 -27.98 78.38 -12.18
CA GLU F 244 -27.64 78.26 -13.59
C GLU F 244 -27.31 76.81 -14.00
N ALA F 245 -26.61 76.07 -13.12
CA ALA F 245 -26.32 74.66 -13.41
C ALA F 245 -27.62 73.86 -13.54
N LYS F 246 -28.57 74.11 -12.66
CA LYS F 246 -29.88 73.47 -12.70
C LYS F 246 -30.66 73.80 -13.98
N LYS F 247 -30.64 75.06 -14.37
CA LYS F 247 -31.31 75.45 -15.58
C LYS F 247 -30.86 74.62 -16.76
N ILE F 248 -29.58 74.48 -16.93
CA ILE F 248 -29.04 73.72 -18.02
C ILE F 248 -29.43 72.26 -17.88
N ASN F 249 -29.29 71.71 -16.66
CA ASN F 249 -29.70 70.33 -16.41
C ASN F 249 -31.17 70.11 -16.79
N ASP F 250 -32.03 71.07 -16.46
CA ASP F 250 -33.47 70.96 -16.79
C ASP F 250 -33.70 71.04 -18.30
N GLU F 251 -33.05 72.01 -18.97
CA GLU F 251 -33.18 72.12 -20.43
C GLU F 251 -32.71 70.85 -21.12
N LEU F 252 -31.65 70.24 -20.60
CA LEU F 252 -31.09 69.06 -21.23
C LEU F 252 -31.89 67.80 -20.93
N TYR F 253 -32.90 67.84 -20.08
CA TYR F 253 -33.53 66.60 -19.62
C TYR F 253 -34.06 65.78 -20.81
N ASN F 254 -34.79 66.42 -21.74
CA ASN F 254 -35.37 65.65 -22.84
C ASN F 254 -34.29 64.93 -23.64
N ILE F 255 -33.19 65.60 -23.97
CA ILE F 255 -32.16 64.91 -24.77
C ILE F 255 -31.40 63.89 -23.93
N ASN F 256 -31.18 64.18 -22.65
CA ASN F 256 -30.48 63.21 -21.80
C ASN F 256 -31.23 61.88 -21.73
N LYS F 257 -32.57 61.92 -21.71
CA LYS F 257 -33.35 60.68 -21.65
C LYS F 257 -33.46 59.99 -23.00
N ILE F 258 -33.75 60.73 -24.06
CA ILE F 258 -33.88 60.07 -25.35
C ILE F 258 -32.57 59.43 -25.76
N LEU F 259 -31.42 59.92 -25.25
CA LEU F 259 -30.15 59.28 -25.61
C LEU F 259 -29.99 57.89 -24.96
N PHE F 260 -31.02 57.45 -24.25
CA PHE F 260 -31.04 56.10 -23.69
C PHE F 260 -32.31 55.33 -24.05
N CYS F 261 -33.03 55.78 -25.08
CA CYS F 261 -34.15 55.00 -25.61
C CYS F 261 -33.69 53.62 -26.06
N GLU F 262 -32.44 53.47 -26.51
CA GLU F 262 -31.80 52.17 -26.68
C GLU F 262 -30.44 52.24 -26.00
N SER F 263 -29.81 51.07 -25.80
CA SER F 263 -28.57 51.03 -25.05
C SER F 263 -27.50 51.97 -25.65
N ASN F 264 -26.98 52.83 -24.79
CA ASN F 264 -25.80 53.61 -25.12
C ASN F 264 -24.64 52.69 -25.56
N PRO F 265 -23.89 53.02 -26.66
CA PRO F 265 -23.97 54.24 -27.48
C PRO F 265 -24.87 54.22 -28.74
N ILE F 266 -25.91 53.39 -28.81
CA ILE F 266 -26.74 53.39 -30.02
C ILE F 266 -27.37 54.76 -30.28
N PRO F 267 -28.03 55.40 -29.31
CA PRO F 267 -28.64 56.71 -29.61
C PRO F 267 -27.63 57.84 -29.83
N ILE F 268 -26.53 57.88 -29.07
CA ILE F 268 -25.63 59.04 -29.23
C ILE F 268 -24.94 58.99 -30.59
N LYS F 269 -24.52 57.81 -31.06
CA LYS F 269 -23.96 57.75 -32.41
C LYS F 269 -24.99 58.12 -33.47
N THR F 270 -26.23 57.67 -33.28
CA THR F 270 -27.31 58.05 -34.18
C THR F 270 -27.49 59.57 -34.21
N ALA F 271 -27.51 60.20 -33.03
CA ALA F 271 -27.61 61.66 -32.96
C ALA F 271 -26.40 62.36 -33.61
N MET F 272 -25.17 61.84 -33.37
CA MET F 272 -23.98 62.43 -33.97
C MET F 272 -24.03 62.33 -35.50
N TYR F 273 -24.50 61.18 -36.00
CA TYR F 273 -24.63 60.98 -37.44
C TYR F 273 -25.70 61.91 -38.00
N LEU F 274 -26.85 62.01 -37.34
CA LEU F 274 -27.92 62.92 -37.73
C LEU F 274 -27.45 64.36 -37.76
N ALA F 275 -26.51 64.72 -36.88
CA ALA F 275 -25.97 66.08 -36.80
C ALA F 275 -24.87 66.35 -37.80
N GLY F 276 -24.47 65.34 -38.58
CA GLY F 276 -23.39 65.50 -39.52
C GLY F 276 -22.02 65.50 -38.91
N LEU F 277 -21.89 65.06 -37.65
CA LEU F 277 -20.60 65.08 -36.97
C LEU F 277 -19.77 63.83 -37.22
N ILE F 278 -20.39 62.75 -37.69
CA ILE F 278 -19.67 61.59 -38.16
C ILE F 278 -20.27 61.20 -39.50
N GLU F 279 -19.47 60.46 -40.29
CA GLU F 279 -19.83 60.15 -41.67
C GLU F 279 -20.80 58.97 -41.79
N SER F 280 -20.63 57.94 -40.97
CA SER F 280 -21.31 56.67 -41.18
C SER F 280 -21.93 56.20 -39.87
N LEU F 281 -23.21 55.81 -39.92
CA LEU F 281 -23.86 55.27 -38.72
C LEU F 281 -23.55 53.78 -38.64
N GLU F 282 -22.35 53.47 -38.14
CA GLU F 282 -21.81 52.11 -38.05
C GLU F 282 -21.50 51.76 -36.60
N PHE F 283 -21.86 50.53 -36.22
CA PHE F 283 -21.57 49.94 -34.93
C PHE F 283 -20.83 48.64 -35.12
N ARG F 284 -20.19 48.17 -34.07
CA ARG F 284 -19.64 46.83 -34.05
C ARG F 284 -20.63 45.90 -33.33
N LEU F 285 -21.00 44.82 -34.01
CA LEU F 285 -21.93 43.84 -33.45
C LEU F 285 -21.39 43.31 -32.12
N PRO F 286 -22.25 43.07 -31.13
CA PRO F 286 -23.70 42.97 -31.27
C PRO F 286 -24.45 44.29 -31.25
N LEU F 287 -23.75 45.44 -31.18
CA LEU F 287 -24.51 46.66 -31.32
C LEU F 287 -24.87 46.88 -32.80
N CYS F 288 -25.92 47.66 -33.05
CA CYS F 288 -26.46 47.86 -34.39
C CYS F 288 -27.34 49.10 -34.35
N SER F 289 -27.75 49.57 -35.54
CA SER F 289 -28.63 50.73 -35.66
C SER F 289 -29.93 50.62 -34.86
N PRO F 290 -30.52 51.74 -34.44
CA PRO F 290 -31.77 51.67 -33.70
C PRO F 290 -32.92 51.35 -34.64
N SER F 291 -34.09 51.08 -34.05
CA SER F 291 -35.33 50.91 -34.79
C SER F 291 -35.62 52.21 -35.53
N LYS F 292 -36.48 52.10 -36.53
CA LYS F 292 -36.87 53.24 -37.33
C LYS F 292 -37.61 54.22 -36.45
N GLU F 293 -38.37 53.70 -35.53
CA GLU F 293 -39.12 54.52 -34.66
C GLU F 293 -38.25 55.33 -33.68
N ASN F 294 -37.22 54.71 -33.16
CA ASN F 294 -36.32 55.38 -32.24
C ASN F 294 -35.46 56.38 -32.99
N PHE F 295 -35.10 56.04 -34.19
CA PHE F 295 -34.36 56.92 -35.01
C PHE F 295 -35.16 58.22 -35.15
N ALA F 296 -36.43 58.08 -35.44
CA ALA F 296 -37.29 59.23 -35.60
C ALA F 296 -37.40 60.09 -34.35
N LYS F 297 -37.54 59.46 -33.21
CA LYS F 297 -37.65 60.17 -31.96
C LYS F 297 -36.39 60.94 -31.64
N ILE F 298 -35.25 60.34 -31.91
CA ILE F 298 -34.00 61.00 -31.66
C ILE F 298 -33.95 62.25 -32.52
N GLU F 299 -34.22 62.10 -33.79
CA GLU F 299 -34.22 63.26 -34.67
C GLU F 299 -35.18 64.34 -34.19
N GLU F 300 -36.36 63.94 -33.71
CA GLU F 300 -37.32 64.94 -33.27
C GLU F 300 -36.83 65.69 -32.03
N VAL F 301 -36.27 64.98 -31.05
CA VAL F 301 -35.80 65.68 -29.86
C VAL F 301 -34.66 66.62 -30.20
N MET F 302 -33.80 66.21 -31.08
CA MET F 302 -32.69 67.03 -31.45
C MET F 302 -33.02 68.44 -31.93
N LYS F 303 -34.12 68.61 -32.62
CA LYS F 303 -34.54 69.91 -33.13
C LYS F 303 -34.59 70.98 -32.07
N LYS F 304 -34.84 70.59 -30.84
CA LYS F 304 -34.96 71.55 -29.80
C LYS F 304 -33.64 72.07 -29.31
N TYR F 305 -32.54 71.59 -29.82
CA TYR F 305 -31.25 72.03 -29.33
C TYR F 305 -30.29 72.68 -30.34
N LYS F 306 -29.37 73.48 -29.84
CA LYS F 306 -28.36 74.12 -30.66
C LYS F 306 -27.10 73.27 -30.66
N ILE F 307 -26.88 72.53 -31.72
CA ILE F 307 -25.76 71.64 -31.84
C ILE F 307 -24.55 72.27 -32.52
N LYS F 308 -23.49 72.47 -31.78
CA LYS F 308 -22.30 73.10 -32.33
C LYS F 308 -21.59 72.17 -33.29
N GLY F 309 -21.00 72.76 -34.33
CA GLY F 309 -20.22 72.03 -35.30
C GLY F 309 -18.75 71.95 -34.92
N PHE F 310 -17.92 71.79 -35.95
CA PHE F 310 -16.48 71.73 -35.76
C PHE F 310 -15.91 73.13 -35.77
C1 EDO G . 3.98 -46.02 15.90
O1 EDO G . 2.62 -45.80 16.31
C2 EDO G . 4.09 -47.43 15.29
O2 EDO G . 4.26 -48.34 16.38
C1 EDO H . 6.38 -16.51 17.55
O1 EDO H . 7.63 -15.86 17.81
C2 EDO H . 6.64 -17.69 16.62
O2 EDO H . 5.42 -17.98 15.96
C1 EDO I . 13.79 -36.83 35.09
O1 EDO I . 13.56 -36.06 36.30
C2 EDO I . 14.98 -37.77 35.32
O2 EDO I . 14.56 -38.74 36.32
C1 EDO J . -17.28 -40.20 38.61
O1 EDO J . -18.64 -39.77 38.69
C2 EDO J . -17.20 -41.69 38.34
O2 EDO J . -18.13 -42.06 37.31
C1 EDO K . -10.88 -2.13 30.93
O1 EDO K . -9.61 -1.90 30.31
C2 EDO K . -11.90 -2.37 29.84
O2 EDO K . -13.21 -2.26 30.43
C1 EDO L . 5.11 -33.32 42.36
O1 EDO L . 5.86 -34.44 41.84
C2 EDO L . 6.02 -32.35 43.11
O2 EDO L . 7.16 -32.09 42.26
C1 EDO M . -31.12 -26.96 28.85
O1 EDO M . -30.73 -28.34 28.74
C2 EDO M . -32.65 -26.82 28.76
O2 EDO M . -33.32 -27.41 29.89
MG MG N . -10.53 -32.80 44.45
MG MG O . 0.12 -37.02 40.13
MG MG P . 3.38 -46.35 41.55
MG MG Q . 2.47 -17.73 13.58
MG MG R . 11.52 -10.01 38.68
C ACT S . -3.09 -27.57 20.01
O ACT S . -4.26 -27.79 19.72
OXT ACT S . -2.34 -26.65 19.54
CH3 ACT S . -2.48 -28.56 21.07
C ACT T . 17.93 -18.54 27.91
O ACT T . 16.68 -18.28 28.02
OXT ACT T . 18.66 -18.42 26.87
CH3 ACT T . 18.67 -19.15 29.23
C ACT U . 9.27 -37.29 35.97
O ACT U . 8.91 -38.04 35.07
OXT ACT U . 9.23 -36.03 35.96
CH3 ACT U . 9.86 -38.00 37.31
C1 PGE V . 13.39 -11.05 29.94
O1 PGE V . 14.03 -11.06 31.21
C2 PGE V . 11.89 -11.15 30.13
O2 PGE V . 11.48 -10.06 30.94
C3 PGE V . 10.10 -9.84 30.94
C4 PGE V . 9.81 -8.55 31.72
O4 PGE V . 11.70 -7.38 35.61
C6 PGE V . 10.41 -7.95 35.35
C5 PGE V . 9.91 -7.64 33.95
O3 PGE V . 10.08 -8.77 33.09
N HIS W . -13.85 -15.24 19.74
CA HIS W . -13.06 -14.38 20.63
C HIS W . -11.77 -15.02 21.09
O HIS W . -11.42 -16.10 20.66
CB HIS W . -13.87 -14.05 21.90
CG HIS W . -14.45 -15.27 22.50
ND1 HIS W . -15.75 -15.67 22.26
CD2 HIS W . -13.88 -16.28 23.22
CE1 HIS W . -15.96 -16.83 22.85
NE2 HIS W . -14.86 -17.21 23.46
OXT HIS W . -11.07 -14.46 21.96
C1 EDO X . 14.05 -45.83 28.71
O1 EDO X . 15.22 -46.47 29.26
C2 EDO X . 13.87 -46.23 27.24
O2 EDO X . 15.05 -45.99 26.41
C1 EDO Y . 47.41 -42.02 23.92
O1 EDO Y . 47.05 -43.07 23.04
C2 EDO Y . 46.44 -42.07 25.10
O2 EDO Y . 47.03 -41.25 26.10
C1 EDO Z . 15.75 -48.51 22.79
O1 EDO Z . 16.09 -48.32 24.19
C2 EDO Z . 16.81 -48.00 21.78
O2 EDO Z . 16.21 -47.98 20.45
C1 EDO AA . 42.49 -18.32 3.29
O1 EDO AA . 41.93 -18.98 2.14
C2 EDO AA . 41.71 -18.80 4.51
O2 EDO AA . 42.04 -18.09 5.71
C1 EDO BA . 18.59 -23.45 5.41
O1 EDO BA . 18.68 -22.78 6.67
C2 EDO BA . 17.13 -23.48 5.02
O2 EDO BA . 17.07 -24.28 3.83
MG MG CA . 27.81 -49.11 33.90
MG MG DA . 39.87 -50.40 14.91
C ACT EA . 26.76 -28.29 13.68
O ACT EA . 26.09 -28.66 12.69
OXT ACT EA . 27.60 -27.37 13.69
CH3 ACT EA . 26.42 -29.02 15.06
C ACT FA . 6.22 -41.21 9.21
O ACT FA . 5.84 -41.82 10.29
OXT ACT FA . 7.20 -40.37 9.05
CH3 ACT FA . 5.39 -41.53 7.91
C ACT GA . 32.19 -38.21 -13.17
O ACT GA . 31.14 -38.79 -12.74
OXT ACT GA . 32.59 -38.09 -14.33
CH3 ACT GA . 33.11 -37.59 -12.09
C1 PGE HA . 9.21 -42.28 1.05
O1 PGE HA . 8.62 -43.57 1.27
C2 PGE HA . 10.74 -42.30 0.99
O2 PGE HA . 11.28 -42.89 -0.20
C3 PGE HA . 12.62 -42.53 -0.43
C4 PGE HA . 13.28 -43.40 -1.48
O4 PGE HA . 12.58 -47.75 -1.99
C6 PGE HA . 12.10 -46.64 -2.71
C5 PGE HA . 13.09 -45.52 -2.58
O3 PGE HA . 12.54 -44.56 -1.69
C1 PGE IA . 38.31 -25.62 42.28
O1 PGE IA . 37.04 -25.90 42.87
C2 PGE IA . 38.18 -24.27 41.58
O2 PGE IA . 38.57 -24.44 40.23
C3 PGE IA . 38.38 -23.32 39.39
C4 PGE IA . 36.93 -22.89 39.46
O4 PGE IA . 33.44 -24.73 38.15
C6 PGE IA . 33.74 -23.46 38.74
C5 PGE IA . 35.00 -22.88 38.12
O3 PGE IA . 36.14 -23.61 38.52
N HIS JA . 34.31 -26.80 -0.71
CA HIS JA . 33.66 -27.92 -1.40
C HIS JA . 32.65 -28.62 -0.48
O HIS JA . 32.02 -29.63 -0.87
CB HIS JA . 34.73 -28.94 -1.88
CG HIS JA . 35.74 -29.21 -0.81
ND1 HIS JA . 37.01 -28.66 -0.82
CD2 HIS JA . 35.62 -29.87 0.37
CE1 HIS JA . 37.64 -29.01 0.29
NE2 HIS JA . 36.83 -29.75 1.02
OXT HIS JA . 32.46 -28.24 0.68
C1 EDO KA . -24.25 -19.59 16.95
O1 EDO KA . -24.13 -20.88 16.30
C2 EDO KA . -24.18 -19.73 18.47
O2 EDO KA . -24.59 -18.50 19.09
C1 EDO LA . -12.91 4.48 -1.63
O1 EDO LA . -11.93 4.90 -0.68
C2 EDO LA . -12.19 4.14 -2.92
O2 EDO LA . -13.06 3.28 -3.60
C1 EDO MA . -26.74 12.28 8.51
O1 EDO MA . -26.77 11.61 7.26
C2 EDO MA . -26.31 13.72 8.28
O2 EDO MA . -25.78 14.22 9.52
C1 EDO NA . -18.85 1.37 -3.25
O1 EDO NA . -19.61 2.42 -3.86
C2 EDO NA . -18.95 1.35 -1.72
O2 EDO NA . -18.42 2.59 -1.19
C1 EDO OA . 1.71 -18.58 -3.77
O1 EDO OA . 2.67 -17.69 -3.25
C2 EDO OA . 0.39 -18.05 -3.21
O2 EDO OA . -0.73 -18.77 -3.75
C1 EDO PA . -18.04 9.34 2.04
O1 EDO PA . -18.29 7.95 1.79
C2 EDO PA . -18.43 9.59 3.51
O2 EDO PA . -19.84 9.44 3.76
MG MG QA . 0.17 -2.22 -13.15
C ACT RA . -0.29 -5.57 11.00
O ACT RA . -0.72 -6.70 10.64
OXT ACT RA . -0.02 -5.17 12.14
CH3 ACT RA . -0.08 -4.56 9.84
C1 PGE SA . -9.35 -24.89 -2.78
O1 PGE SA . -9.87 -24.85 -4.11
C2 PGE SA . -9.99 -23.82 -1.93
O2 PGE SA . -11.30 -24.25 -1.64
C3 PGE SA . -11.78 -23.84 -0.38
C4 PGE SA . -13.12 -24.49 -0.15
O4 PGE SA . -15.62 -25.29 -3.45
C6 PGE SA . -16.02 -24.35 -2.47
C5 PGE SA . -15.30 -24.63 -1.16
O3 PGE SA . -13.96 -24.14 -1.23
N HIS TA . -10.35 -10.28 22.68
CA HIS TA . -11.23 -11.13 21.87
C HIS TA . -10.73 -11.19 20.42
O HIS TA . -11.37 -11.77 19.52
CB HIS TA . -12.64 -10.59 21.90
CG HIS TA . -12.68 -9.10 21.80
ND1 HIS TA . -12.85 -8.29 22.91
CD2 HIS TA . -12.49 -8.27 20.74
CE1 HIS TA . -12.82 -7.02 22.52
NE2 HIS TA . -12.58 -6.99 21.22
OXT HIS TA . -9.69 -10.67 20.10
C1 EDO UA . -1.08 -17.98 -14.66
O1 EDO UA . 0.04 -18.42 -15.48
C2 EDO UA . -2.45 -18.02 -15.34
O2 EDO UA . -2.43 -17.24 -16.53
C1 EDO VA . 12.14 -12.53 -30.05
O1 EDO VA . 13.16 -12.51 -29.01
C2 EDO VA . 12.57 -13.41 -31.21
O2 EDO VA . 11.47 -13.63 -32.12
C1 EDO WA . 13.16 -16.05 -33.53
O1 EDO WA . 12.51 -16.78 -32.46
C2 EDO WA . 14.43 -16.72 -34.05
O2 EDO WA . 14.08 -17.91 -34.76
C1 EDO XA . 31.43 -10.18 -24.75
O1 EDO XA . 30.36 -9.32 -25.22
C2 EDO XA . 31.71 -11.33 -25.71
O2 EDO XA . 30.51 -12.06 -26.09
C1 EDO YA . 23.76 -16.85 -33.18
O1 EDO YA . 23.15 -17.11 -34.45
C2 EDO YA . 25.27 -17.09 -33.22
O2 EDO YA . 25.62 -18.46 -32.95
C1 EDO ZA . 44.53 -23.88 1.22
O1 EDO ZA . 45.17 -24.49 0.10
C2 EDO ZA . 44.64 -22.36 1.06
O2 EDO ZA . 44.31 -21.67 2.29
C1 EDO AB . 13.59 -1.24 -14.64
O1 EDO AB . 14.61 -1.18 -13.66
C2 EDO AB . 12.78 0.07 -14.70
O2 EDO AB . 13.71 1.16 -14.55
C1 EDO BB . 25.47 -38.92 -14.63
O1 EDO BB . 26.66 -38.36 -15.24
C2 EDO BB . 24.48 -39.44 -15.67
O2 EDO BB . 24.28 -38.44 -16.68
C1 EDO CB . 36.22 -26.60 -25.96
O1 EDO CB . 35.45 -25.69 -26.75
C2 EDO CB . 35.41 -27.88 -25.91
O2 EDO CB . 34.62 -27.96 -27.10
MG MG DB . 20.27 -7.41 -25.77
MG MG EB . 25.25 -39.86 -11.50
MG MG FB . 39.76 -20.68 2.11
C ACT GB . 17.62 -21.70 -7.71
O ACT GB . 17.31 -22.82 -8.14
OXT ACT GB . 18.38 -21.43 -6.73
CH3 ACT GB . 17.00 -20.45 -8.48
C ACT HB . 19.74 -1.12 6.61
O ACT HB . 18.54 -1.08 6.17
OXT ACT HB . 20.78 -0.41 6.21
CH3 ACT HB . 19.96 -2.15 7.78
C ACT IB . 11.27 2.98 -11.46
O ACT IB . 10.01 2.76 -11.67
OXT ACT IB . 11.88 4.09 -11.32
CH3 ACT IB . 12.21 1.72 -11.33
C1 PGE JB . 33.75 -3.89 6.91
O1 PGE JB . 33.41 -3.03 7.97
C2 PGE JB . 33.70 -5.35 7.29
O2 PGE JB . 32.40 -5.75 7.71
C3 PGE JB . 31.49 -6.14 6.72
C4 PGE JB . 30.28 -6.83 7.34
O4 PGE JB . 27.35 -3.74 8.68
C6 PGE JB . 27.43 -5.13 8.96
C5 PGE JB . 28.12 -5.82 7.81
O3 PGE JB . 29.50 -5.91 8.09
O1 PG4 KB . 25.43 -4.60 -27.95
C1 PG4 KB . 24.45 -4.61 -26.95
C2 PG4 KB . 23.06 -4.50 -27.55
O2 PG4 KB . 22.91 -3.25 -28.16
C3 PG4 KB . 21.63 -3.05 -28.71
C4 PG4 KB . 21.53 -1.67 -29.40
O3 PG4 KB . 22.47 -1.53 -30.44
C5 PG4 KB . 22.28 -0.87 -31.69
C6 PG4 KB . 23.55 -0.84 -32.56
O4 PG4 KB . 24.12 -2.07 -33.20
C7 PG4 KB . 25.55 -2.36 -33.33
C8 PG4 KB . 25.87 -3.71 -33.53
O5 PG4 KB . 27.17 -4.17 -32.97
C1 PEG LB . 16.30 -20.03 5.01
O1 PEG LB . 15.22 -19.36 4.42
C2 PEG LB . 17.12 -19.00 5.82
O2 PEG LB . 18.49 -19.37 5.83
C3 PEG LB . 19.06 -19.65 7.09
C4 PEG LB . 19.11 -18.36 7.90
O4 PEG LB . 19.47 -17.39 6.96
C1 PEG MB . 18.23 1.05 -17.73
O1 PEG MB . 16.87 0.65 -17.78
C2 PEG MB . 19.17 -0.12 -18.05
O2 PEG MB . 20.49 0.24 -17.69
C3 PEG MB . 20.72 0.72 -16.39
C4 PEG MB . 22.22 0.89 -16.22
O4 PEG MB . 22.54 1.51 -14.99
C1 PEG NB . 12.82 -30.60 -32.07
O1 PEG NB . 13.27 -29.80 -33.15
C2 PEG NB . 11.74 -29.81 -31.38
O2 PEG NB . 12.27 -28.54 -31.07
C3 PEG NB . 11.35 -27.71 -30.44
C4 PEG NB . 10.20 -27.40 -31.38
O4 PEG NB . 9.05 -27.08 -30.62
N HIS OB . 30.67 -30.79 -4.79
CA HIS OB . 31.47 -29.74 -4.22
C HIS OB . 30.72 -28.41 -4.17
O HIS OB . 29.57 -28.25 -4.54
CB HIS OB . 32.75 -29.56 -5.01
CG HIS OB . 32.52 -29.47 -6.49
ND1 HIS OB . 32.71 -30.55 -7.33
CD2 HIS OB . 32.07 -28.45 -7.27
CE1 HIS OB . 32.38 -30.20 -8.56
NE2 HIS OB . 31.98 -28.94 -8.56
OXT HIS OB . 31.33 -27.43 -3.72
C1 EDO PB . -16.65 18.40 5.09
O1 EDO PB . -16.29 18.78 6.42
C2 EDO PB . -17.90 19.13 4.58
O2 EDO PB . -18.93 18.97 5.57
C1 EDO QB . -45.34 14.98 -9.08
O1 EDO QB . -44.58 13.79 -9.34
C2 EDO QB . -45.86 15.00 -7.65
O2 EDO QB . -47.20 14.52 -7.63
C1 EDO RB . -11.19 8.80 -11.89
O1 EDO RB . -10.44 7.72 -11.31
C2 EDO RB . -12.67 8.42 -12.02
O2 EDO RB . -13.32 8.73 -10.79
C1 EDO SB . -34.46 19.72 0.76
O1 EDO SB . -33.09 19.40 0.41
C2 EDO SB . -34.76 19.29 2.22
O2 EDO SB . -34.81 17.86 2.32
C1 EDO TB . -35.70 13.65 -26.87
O1 EDO TB . -35.25 14.11 -28.12
C2 EDO TB . -34.81 12.55 -26.37
O2 EDO TB . -35.32 12.09 -25.13
C1 EDO UB . -9.89 18.74 2.51
O1 EDO UB . -9.65 19.94 3.25
C2 EDO UB . -10.97 17.94 3.24
O2 EDO UB . -11.76 18.71 4.13
C1 EDO VB . -5.99 15.19 -9.39
O1 EDO VB . -6.95 15.22 -8.37
C2 EDO VB . -4.73 15.81 -8.86
O2 EDO VB . -3.65 15.13 -9.48
MG MG WB . -13.24 6.79 -17.74
MG MG XB . -2.71 34.73 -15.50
C ACT YB . -24.86 30.45 -13.39
O ACT YB . -23.90 30.41 -12.61
OXT ACT YB . -25.07 31.32 -14.26
CH3 ACT YB . -25.91 29.25 -13.24
C ACT ZB . -16.92 34.75 -20.62
O ACT ZB . -15.96 34.10 -21.18
OXT ACT ZB . -16.90 35.91 -20.11
CH3 ACT ZB . -18.35 34.04 -20.57
C1 PGE AC . -39.22 40.09 -32.27
O1 PGE AC . -39.75 39.06 -33.12
C2 PGE AC . -37.79 39.67 -32.01
O2 PGE AC . -37.07 39.79 -33.23
C3 PGE AC . -35.68 39.80 -33.07
C4 PGE AC . -35.04 40.39 -34.32
O4 PGE AC . -36.56 39.18 -37.91
C6 PGE AC . -35.15 39.03 -37.74
C5 PGE AC . -34.68 39.95 -36.63
O3 PGE AC . -35.21 39.49 -35.39
C1 PGE BC . -23.84 5.23 5.48
O1 PGE BC . -23.45 4.57 4.27
C2 PGE BC . -22.90 6.36 5.82
O2 PGE BC . -23.21 7.58 5.15
C3 PGE BC . -23.59 8.65 6.01
C4 PGE BC . -23.65 10.01 5.29
O4 PGE BC . -28.03 10.17 3.86
C6 PGE BC . -26.75 10.59 3.36
C5 PGE BC . -25.78 10.78 4.51
O3 PGE BC . -24.61 10.04 4.23
C1 PGE CC . -7.10 15.56 -4.90
O1 PGE CC . -6.90 14.24 -5.43
C2 PGE CC . -7.63 15.46 -3.49
O2 PGE CC . -6.98 16.36 -2.60
C3 PGE CC . -7.10 16.02 -1.22
C4 PGE CC . -6.12 16.78 -0.35
O4 PGE CC . -1.71 16.55 1.19
C6 PGE CC . -2.52 16.22 0.07
C5 PGE CC . -3.76 17.10 0.02
O3 PGE CC . -4.78 16.32 -0.57
C1 PEG DC . -5.15 11.05 -16.69
O1 PEG DC . -5.44 11.67 -17.90
C2 PEG DC . -6.10 11.60 -15.63
O2 PEG DC . -6.85 10.54 -15.08
C3 PEG DC . -6.37 10.13 -13.84
C4 PEG DC . -7.05 8.84 -13.35
O4 PEG DC . -6.74 7.74 -14.16
C1 PEG EC . -43.71 33.93 -28.33
O1 PEG EC . -44.19 34.46 -29.52
C2 PEG EC . -44.80 34.00 -27.27
O2 PEG EC . -44.79 35.15 -26.44
C3 PEG EC . -43.54 35.81 -26.19
C4 PEG EC . -43.89 37.11 -26.84
O4 PEG EC . -45.03 36.69 -27.57
N HIS FC . -12.49 38.93 -19.67
CA HIS FC . -13.07 39.18 -20.98
C HIS FC . -14.50 38.64 -21.06
O HIS FC . -15.07 38.10 -20.10
CB HIS FC . -12.19 38.51 -22.05
CG HIS FC . -11.97 37.07 -21.77
ND1 HIS FC . -10.89 36.62 -21.05
CD2 HIS FC . -12.77 35.99 -21.96
CE1 HIS FC . -11.00 35.31 -20.86
NE2 HIS FC . -12.14 34.90 -21.40
OXT HIS FC . -15.12 38.72 -22.13
C1 EDO GC . -0.87 50.62 -3.33
O1 EDO GC . -2.11 51.34 -3.18
C2 EDO GC . -0.71 49.69 -2.13
O2 EDO GC . -1.77 48.72 -2.08
C1 EDO HC . -19.74 44.37 -36.66
O1 EDO HC . -18.97 43.16 -36.48
C2 EDO HC . -20.36 44.46 -38.04
O2 EDO HC . -21.41 45.44 -37.98
C1 EDO IC . -19.82 72.79 -5.55
O1 EDO IC . -18.41 73.01 -5.61
C2 EDO IC . -20.20 71.53 -6.34
O2 EDO IC . -19.41 70.41 -5.92
C1 EDO JC . -27.33 44.52 -9.72
O1 EDO JC . -28.36 45.38 -10.20
C2 EDO JC . -27.19 44.89 -8.26
O2 EDO JC . -26.62 43.80 -7.51
MG MG KC . -11.89 71.84 -12.59
C ACT LC . -23.96 54.09 -19.46
O ACT LC . -24.52 53.23 -18.73
OXT ACT LC . -23.52 53.95 -20.63
CH3 ACT LC . -23.82 55.54 -18.82
C ACT MC . -15.44 51.77 6.09
O ACT MC . -16.30 52.48 5.43
OXT ACT MC . -14.43 52.15 6.68
CH3 ACT MC . -15.74 50.21 6.24
C ACT NC . -6.91 73.45 -30.25
O ACT NC . -8.12 73.59 -29.94
OXT ACT NC . -6.13 74.35 -30.71
CH3 ACT NC . -6.30 71.93 -30.04
N HIS OC . -15.08 41.57 -25.28
CA HIS OC . -14.33 41.27 -24.05
C HIS OC . -14.76 42.15 -22.89
O HIS OC . -15.68 42.95 -23.01
CB HIS OC . -12.83 41.46 -24.29
CG HIS OC . -12.51 42.72 -25.02
ND1 HIS OC . -12.23 42.75 -26.36
CD2 HIS OC . -12.48 44.01 -24.59
CE1 HIS OC . -12.03 44.00 -26.74
NE2 HIS OC . -12.18 44.79 -25.68
OXT HIS OC . -14.20 42.08 -21.80
#